data_6TRX
#
_entry.id   6TRX
#
_cell.length_a   163.963
_cell.length_b   246.288
_cell.length_c   261.805
_cell.angle_alpha   90.000
_cell.angle_beta   90.000
_cell.angle_gamma   90.000
#
_symmetry.space_group_name_H-M   'C 2 2 21'
#
loop_
_entity.id
_entity.type
_entity.pdbx_description
1 polymer 'Dipeptidyl peptidase 8'
2 non-polymer 'trimethylamine oxide'
3 non-polymer (2~{S})-2-azanyl-4-[4-[bis(4-fluorophenyl)methyl]piperazin-1-yl]-1-(1,3-dihydroisoindol-2-yl)butane-1,4-dione
4 non-polymer 'SODIUM ION'
5 non-polymer 'PHOSPHATE ION'
6 water water
#
_entity_poly.entity_id   1
_entity_poly.type   'polypeptide(L)'
_entity_poly.pdbx_seq_one_letter_code
;GAMGSMWKRSEQMKIKSGKCNMAAAMETEQLGVEIFETADCEENIESQDRPKLEPFYVERYSWSQLKKLLADTRKYHGYM
MAKAPHDFMFVKRNDPDGPHSDRIYYLAMSGENRENTLFYSEIPKTINRAAVLMLSWKPLLDLFQATLDYGMYSREEELL
RERKRIGTVGIASYDYHQGSGTFLFQAGSGIYHVKDGGPQGFTQQPLRPNLVETSCPNIRMDPKLCPADPDWIAFIHSND
IWISNIVTREERRLTYVHNELANMEEDARSAGVATFVLQEEFDRYSGYWWCPKAETTPSGGKILRILYEENDESEVEIIH
VTSPMLETRRADSFRYPKTGTANPKVTFKMSEIMIDAEGRIIDVIDKELIQPFEILFEGVEYIARAGWTPEGKYAWSILL
DRSQTRLQIVLISPELFIPVEDDVMERQRLIESVPDSVTPLIIYEETTDIWINIHDIFHVFPQSHEEEIEFIFASECKTG
FRHLYKITSILKESKYKRSSGGLPAPSDFKCPIKEEIAITSGEWEVLGRHGSNIQVDEVRRLVYFEGTKDSPLEHHLYVV
SYVNPGEVTRLTDRGYSHSCCISQHCDFFISKYSNQKNPHCVSLYKLSSPEDDPTCKTKEFWATILDSAGPLPDYTPPEI
FSFESTTGFTLYGMLYKPHDLQPGKKYPTVLFIYGGPQVQLVNNRFKGVKYFRLNTLASLGYVVVVIDNRGSCHRGLKFE
GAFKYKMGQIEIDDQVEGLQYLASRYDFIDLDRVGIHGWSYGGYLSLMALMQRSDIFRVAIAGAPVTLWIFYDTGYTERY
MGHPDQNEQGYYLGSVAMQAEKFPSEPNRLLLLHGFLDENVHFAHTSILLSFLVRAGKPYDLQIYPQERHSIRVPESGEH
YELHLLHYLQENLGSRIAALKVI
;
_entity_poly.pdbx_strand_id   B,A,C
#
loop_
_chem_comp.id
_chem_comp.type
_chem_comp.name
_chem_comp.formula
9XH non-polymer (2~{S})-2-azanyl-4-[4-[bis(4-fluorophenyl)methyl]piperazin-1-yl]-1-(1,3-dihydroisoindol-2-yl)butane-1,4-dione 'C29 H30 F2 N4 O2'
NA non-polymer 'SODIUM ION' 'Na 1'
PO4 non-polymer 'PHOSPHATE ION' 'O4 P -3'
TMO non-polymer 'trimethylamine oxide' 'C3 H9 N O'
#
# COMPACT_ATOMS: atom_id res chain seq x y z
N LEU A 53 -47.25 4.23 12.42
CA LEU A 53 -46.38 5.24 11.74
C LEU A 53 -46.18 4.90 10.26
N GLU A 54 -47.08 5.39 9.40
CA GLU A 54 -46.98 5.13 7.95
C GLU A 54 -45.86 5.99 7.35
N PRO A 55 -45.04 5.42 6.43
CA PRO A 55 -43.95 6.19 5.84
C PRO A 55 -44.42 7.20 4.79
N PHE A 56 -43.94 8.44 4.88
CA PHE A 56 -44.15 9.44 3.83
C PHE A 56 -43.15 9.18 2.71
N TYR A 57 -43.66 9.12 1.48
CA TYR A 57 -42.82 8.99 0.28
C TYR A 57 -42.83 10.31 -0.48
N VAL A 58 -41.66 10.75 -0.91
CA VAL A 58 -41.54 12.06 -1.59
C VAL A 58 -42.06 11.95 -3.01
N GLU A 59 -42.71 13.02 -3.46
CA GLU A 59 -43.27 13.05 -4.81
C GLU A 59 -42.16 12.74 -5.81
N ARG A 60 -42.51 11.89 -6.79
CA ARG A 60 -41.55 11.39 -7.77
C ARG A 60 -41.62 12.23 -9.04
N TYR A 61 -40.79 13.26 -9.10
CA TYR A 61 -40.70 14.11 -10.30
C TYR A 61 -39.68 13.52 -11.28
N SER A 62 -39.81 13.89 -12.55
CA SER A 62 -38.83 13.51 -13.56
C SER A 62 -37.56 14.34 -13.41
N TRP A 63 -36.54 14.00 -14.19
CA TRP A 63 -35.30 14.76 -14.23
C TRP A 63 -35.55 16.18 -14.71
N SER A 64 -36.37 16.33 -15.76
CA SER A 64 -36.70 17.64 -16.30
C SER A 64 -37.51 18.50 -15.33
N GLN A 65 -38.46 17.89 -14.64
CA GLN A 65 -39.30 18.59 -13.67
C GLN A 65 -38.51 19.11 -12.46
N LEU A 66 -37.63 18.26 -11.91
CA LEU A 66 -36.75 18.67 -10.82
C LEU A 66 -35.86 19.85 -11.21
N LYS A 67 -35.36 19.84 -12.44
CA LYS A 67 -34.55 20.96 -12.97
C LYS A 67 -35.36 22.25 -13.00
N LYS A 68 -36.62 22.15 -13.43
CA LYS A 68 -37.53 23.29 -13.46
C LYS A 68 -37.87 23.78 -12.04
N LEU A 69 -37.99 22.86 -11.09
CA LEU A 69 -38.19 23.23 -9.69
C LEU A 69 -36.98 23.97 -9.12
N LEU A 70 -35.79 23.45 -9.40
CA LEU A 70 -34.55 24.08 -8.93
C LEU A 70 -34.30 25.42 -9.62
N ALA A 71 -34.63 25.50 -10.91
CA ALA A 71 -34.56 26.74 -11.67
C ALA A 71 -35.43 27.84 -11.06
N ASP A 72 -36.70 27.51 -10.85
CA ASP A 72 -37.71 28.44 -10.32
C ASP A 72 -37.32 28.97 -8.95
N THR A 73 -37.02 28.06 -8.02
CA THR A 73 -36.65 28.44 -6.65
C THR A 73 -35.31 29.17 -6.54
N ARG A 74 -34.44 29.04 -7.53
CA ARG A 74 -33.17 29.81 -7.60
C ARG A 74 -33.31 31.12 -8.39
N LYS A 75 -34.43 31.32 -9.08
CA LYS A 75 -34.60 32.50 -9.98
C LYS A 75 -34.49 33.85 -9.26
N TYR A 76 -35.02 33.94 -8.03
CA TYR A 76 -34.91 35.16 -7.22
C TYR A 76 -33.83 35.04 -6.13
N HIS A 77 -32.63 34.62 -6.55
CA HIS A 77 -31.43 34.58 -5.71
C HIS A 77 -30.22 35.16 -6.47
N GLY A 78 -30.46 36.08 -7.40
CA GLY A 78 -29.39 36.77 -8.13
C GLY A 78 -28.79 37.86 -7.27
N TYR A 79 -29.67 38.69 -6.70
CA TYR A 79 -29.27 39.72 -5.73
C TYR A 79 -28.76 39.15 -4.40
N MET A 80 -29.26 37.98 -4.01
CA MET A 80 -28.87 37.32 -2.75
C MET A 80 -27.41 36.80 -2.75
N MET A 81 -26.90 36.43 -3.92
CA MET A 81 -25.54 35.86 -4.05
C MET A 81 -24.57 36.84 -4.73
N ALA A 82 -24.42 38.02 -4.11
CA ALA A 82 -23.45 39.06 -4.53
C ALA A 82 -22.82 39.72 -3.28
N LYS A 83 -21.51 39.97 -3.34
CA LYS A 83 -20.73 40.21 -2.10
C LYS A 83 -21.05 41.49 -1.32
N ALA A 84 -21.21 41.32 0.00
CA ALA A 84 -21.34 42.44 0.93
C ALA A 84 -19.98 43.12 1.10
N PRO A 85 -19.97 44.41 1.50
CA PRO A 85 -18.76 45.18 1.74
C PRO A 85 -17.68 44.50 2.60
N HIS A 86 -16.42 44.86 2.35
CA HIS A 86 -15.27 44.32 3.09
C HIS A 86 -14.02 45.21 2.90
N ASP A 87 -12.87 44.80 3.45
CA ASP A 87 -11.64 45.61 3.47
C ASP A 87 -11.96 47.09 3.73
N PHE A 88 -12.64 47.34 4.85
CA PHE A 88 -13.02 48.68 5.27
C PHE A 88 -11.81 49.47 5.74
N MET A 89 -11.83 50.77 5.48
CA MET A 89 -10.75 51.66 5.91
C MET A 89 -11.34 53.02 6.21
N PHE A 90 -11.11 53.51 7.43
CA PHE A 90 -11.58 54.84 7.83
C PHE A 90 -10.48 55.85 7.59
N VAL A 91 -10.82 56.96 6.93
CA VAL A 91 -9.89 58.09 6.74
C VAL A 91 -10.61 59.39 7.10
N LYS A 92 -9.97 60.20 7.96
CA LYS A 92 -10.53 61.47 8.43
C LYS A 92 -10.45 62.56 7.36
N ARG A 93 -11.44 63.45 7.36
CA ARG A 93 -11.44 64.61 6.45
C ARG A 93 -10.51 65.71 6.95
N ASN A 94 -10.64 66.05 8.24
CA ASN A 94 -9.96 67.20 8.86
C ASN A 94 -10.41 68.53 8.23
N ASP A 95 -11.73 68.67 8.06
CA ASP A 95 -12.36 69.88 7.52
C ASP A 95 -13.37 70.40 8.56
N PRO A 96 -12.93 71.32 9.46
CA PRO A 96 -13.83 71.86 10.49
C PRO A 96 -15.11 72.57 10.01
N ASP A 97 -15.17 72.96 8.73
CA ASP A 97 -16.40 73.53 8.13
C ASP A 97 -17.39 72.44 7.64
N GLY A 98 -16.86 71.35 7.11
CA GLY A 98 -17.66 70.35 6.39
C GLY A 98 -18.52 69.47 7.27
N PRO A 99 -19.50 68.76 6.66
CA PRO A 99 -20.44 67.98 7.43
C PRO A 99 -19.97 66.55 7.77
N HIS A 100 -18.84 66.13 7.23
CA HIS A 100 -18.38 64.74 7.35
C HIS A 100 -17.09 64.63 8.16
N SER A 101 -17.06 63.66 9.07
CA SER A 101 -15.91 63.43 9.94
C SER A 101 -14.90 62.53 9.22
N ASP A 102 -15.41 61.42 8.70
CA ASP A 102 -14.61 60.39 8.03
C ASP A 102 -15.16 60.11 6.62
N ARG A 103 -14.29 59.59 5.76
CA ARG A 103 -14.72 58.86 4.58
C ARG A 103 -14.26 57.42 4.76
N ILE A 104 -15.16 56.47 4.50
CA ILE A 104 -14.82 55.05 4.55
C ILE A 104 -14.70 54.49 3.14
N TYR A 105 -13.65 53.70 2.92
CA TYR A 105 -13.42 53.03 1.67
C TYR A 105 -13.59 51.54 1.88
N TYR A 106 -14.13 50.87 0.87
CA TYR A 106 -14.41 49.43 0.95
C TYR A 106 -14.58 48.80 -0.44
N LEU A 107 -14.18 47.54 -0.54
CA LEU A 107 -14.45 46.72 -1.72
C LEU A 107 -15.85 46.17 -1.58
N ALA A 108 -16.60 46.16 -2.68
CA ALA A 108 -17.95 45.59 -2.68
C ALA A 108 -18.41 45.26 -4.09
N MET A 109 -19.55 44.58 -4.17
CA MET A 109 -20.17 44.18 -5.42
C MET A 109 -21.56 44.81 -5.43
N SER A 110 -21.71 45.88 -6.20
CA SER A 110 -22.99 46.57 -6.33
C SER A 110 -23.89 45.82 -7.31
N ASN A 113 -24.32 40.45 -9.46
CA ASN A 113 -23.84 40.14 -10.81
C ASN A 113 -22.74 41.08 -11.32
N ARG A 114 -22.48 42.17 -10.60
CA ARG A 114 -21.41 43.12 -10.95
C ARG A 114 -20.03 42.57 -10.60
N GLU A 115 -18.98 43.27 -11.03
CA GLU A 115 -17.62 43.02 -10.54
C GLU A 115 -17.37 43.71 -9.20
N ASN A 116 -16.37 43.18 -8.50
CA ASN A 116 -16.00 43.65 -7.16
C ASN A 116 -15.06 44.85 -7.30
N THR A 117 -15.41 45.97 -6.68
CA THR A 117 -14.60 47.20 -6.82
C THR A 117 -14.63 48.11 -5.58
N LEU A 118 -13.74 49.08 -5.58
CA LEU A 118 -13.66 50.08 -4.50
C LEU A 118 -14.84 51.03 -4.55
N PHE A 119 -15.50 51.18 -3.40
CA PHE A 119 -16.50 52.21 -3.17
C PHE A 119 -16.05 53.11 -2.02
N TYR A 120 -16.79 54.20 -1.83
CA TYR A 120 -16.67 55.00 -0.63
C TYR A 120 -18.02 55.53 -0.17
N SER A 121 -18.08 55.93 1.11
CA SER A 121 -19.27 56.55 1.70
C SER A 121 -18.87 57.60 2.73
N GLU A 122 -19.78 58.55 2.96
CA GLU A 122 -19.51 59.71 3.80
C GLU A 122 -20.08 59.54 5.19
N ILE A 123 -19.22 59.63 6.19
CA ILE A 123 -19.60 59.48 7.59
C ILE A 123 -19.90 60.88 8.13
N PRO A 124 -21.18 61.17 8.52
CA PRO A 124 -21.47 62.51 9.04
C PRO A 124 -20.88 62.82 10.43
N LYS A 125 -20.76 64.12 10.71
CA LYS A 125 -20.40 64.60 12.03
C LYS A 125 -21.57 64.46 13.02
N THR A 126 -22.80 64.49 12.50
CA THR A 126 -24.01 64.34 13.31
C THR A 126 -25.11 63.64 12.52
N ILE A 127 -26.12 63.14 13.22
CA ILE A 127 -27.19 62.34 12.62
C ILE A 127 -28.54 62.65 13.25
N ASN A 128 -29.58 62.64 12.42
CA ASN A 128 -30.95 62.86 12.86
C ASN A 128 -31.48 61.58 13.48
N ARG A 129 -31.55 61.57 14.81
CA ARG A 129 -31.86 60.35 15.57
C ARG A 129 -33.33 59.92 15.51
N ALA A 130 -34.19 60.76 14.94
CA ALA A 130 -35.56 60.36 14.61
C ALA A 130 -35.58 59.30 13.50
N ALA A 131 -34.73 59.50 12.48
CA ALA A 131 -34.67 58.62 11.32
C ALA A 131 -33.47 57.66 11.38
N VAL A 132 -33.43 56.74 10.42
CA VAL A 132 -32.34 55.80 10.23
C VAL A 132 -31.61 56.20 8.95
N LEU A 133 -30.35 56.61 9.08
CA LEU A 133 -29.53 56.95 7.92
C LEU A 133 -29.08 55.69 7.18
N MET A 134 -29.26 55.67 5.86
CA MET A 134 -28.62 54.66 4.99
C MET A 134 -27.57 55.38 4.14
N LEU A 135 -26.31 54.96 4.27
CA LEU A 135 -25.20 55.60 3.55
C LEU A 135 -25.22 55.20 2.09
N SER A 136 -24.96 56.18 1.23
CA SER A 136 -24.95 55.97 -0.22
C SER A 136 -23.56 55.52 -0.67
N TRP A 137 -23.54 54.60 -1.63
CA TRP A 137 -22.30 54.00 -2.13
C TRP A 137 -21.78 54.81 -3.31
N LYS A 138 -20.65 55.49 -3.12
CA LYS A 138 -20.02 56.24 -4.20
C LYS A 138 -18.97 55.34 -4.85
N PRO A 139 -19.04 55.13 -6.18
CA PRO A 139 -17.93 54.44 -6.85
C PRO A 139 -16.64 55.26 -6.84
N LEU A 140 -15.55 54.66 -6.36
CA LEU A 140 -14.25 55.33 -6.32
C LEU A 140 -13.53 55.28 -7.66
N LEU A 141 -13.75 54.20 -8.43
CA LEU A 141 -13.03 54.00 -9.69
C LEU A 141 -13.93 54.09 -10.92
N ASP A 142 -13.30 54.16 -12.09
CA ASP A 142 -13.98 54.11 -13.38
C ASP A 142 -13.20 53.19 -14.33
N LEU A 143 -13.71 51.97 -14.48
CA LEU A 143 -13.11 50.96 -15.36
C LEU A 143 -14.20 50.17 -16.08
N TYR A 153 -8.29 34.44 -16.69
CA TYR A 153 -7.30 34.14 -15.65
C TYR A 153 -6.12 33.34 -16.19
N SER A 154 -4.92 33.62 -15.69
CA SER A 154 -3.74 32.78 -15.93
C SER A 154 -3.84 31.49 -15.10
N ARG A 155 -2.80 30.66 -15.15
CA ARG A 155 -2.75 29.45 -14.30
C ARG A 155 -2.54 29.84 -12.85
N GLU A 156 -1.48 30.62 -12.60
CA GLU A 156 -1.13 31.04 -11.24
C GLU A 156 -2.13 32.01 -10.59
N GLU A 157 -2.89 32.77 -11.39
CA GLU A 157 -4.01 33.55 -10.85
C GLU A 157 -5.15 32.65 -10.38
N GLU A 158 -5.44 31.61 -11.16
CA GLU A 158 -6.50 30.65 -10.83
C GLU A 158 -6.18 29.89 -9.55
N LEU A 159 -4.92 29.50 -9.38
CA LEU A 159 -4.48 28.74 -8.20
C LEU A 159 -4.50 29.59 -6.93
N LEU A 160 -4.08 30.84 -7.02
CA LEU A 160 -4.16 31.79 -5.89
C LEU A 160 -5.61 31.96 -5.43
N ARG A 161 -6.52 32.04 -6.40
CA ARG A 161 -7.95 32.15 -6.10
C ARG A 161 -8.50 30.87 -5.47
N GLU A 162 -7.94 29.72 -5.84
CA GLU A 162 -8.27 28.45 -5.18
C GLU A 162 -7.70 28.36 -3.76
N ARG A 163 -6.47 28.80 -3.56
CA ARG A 163 -5.83 28.79 -2.23
C ARG A 163 -6.50 29.77 -1.24
N LYS A 164 -6.95 30.92 -1.74
CA LYS A 164 -7.67 31.92 -0.93
C LYS A 164 -9.19 31.69 -0.88
N ARG A 165 -9.69 30.72 -1.65
CA ARG A 165 -11.13 30.46 -1.80
C ARG A 165 -11.94 31.68 -2.28
N ILE A 166 -11.33 32.55 -3.09
CA ILE A 166 -12.02 33.72 -3.63
C ILE A 166 -12.98 33.28 -4.73
N GLY A 167 -14.27 33.59 -4.55
CA GLY A 167 -15.30 33.32 -5.55
C GLY A 167 -15.58 34.48 -6.49
N THR A 168 -15.52 35.70 -5.97
CA THR A 168 -15.89 36.90 -6.74
C THR A 168 -14.78 37.37 -7.67
N VAL A 169 -15.18 37.83 -8.85
CA VAL A 169 -14.27 38.44 -9.82
C VAL A 169 -14.13 39.92 -9.48
N GLY A 170 -12.99 40.51 -9.83
CA GLY A 170 -12.74 41.94 -9.66
C GLY A 170 -11.52 42.20 -8.79
N ILE A 171 -11.50 43.38 -8.16
CA ILE A 171 -10.40 43.77 -7.30
C ILE A 171 -10.59 43.02 -5.98
N ALA A 172 -9.61 42.22 -5.61
CA ALA A 172 -9.69 41.37 -4.42
C ALA A 172 -9.16 42.05 -3.18
N SER A 173 -8.15 42.92 -3.34
CA SER A 173 -7.52 43.61 -2.22
C SER A 173 -6.90 44.94 -2.65
N TYR A 174 -6.44 45.72 -1.67
CA TYR A 174 -5.76 46.97 -1.95
C TYR A 174 -4.84 47.45 -0.82
N ASP A 175 -3.66 47.96 -1.21
CA ASP A 175 -2.78 48.73 -0.32
C ASP A 175 -3.19 50.19 -0.40
N TYR A 176 -2.94 50.91 0.70
CA TYR A 176 -3.17 52.35 0.78
C TYR A 176 -1.99 52.94 1.54
N HIS A 177 -1.58 54.14 1.16
CA HIS A 177 -0.56 54.88 1.93
C HIS A 177 -1.24 56.12 2.49
N GLN A 178 -1.17 56.28 3.81
CA GLN A 178 -1.85 57.34 4.53
C GLN A 178 -1.31 58.72 4.16
N GLY A 179 0.01 58.89 4.28
CA GLY A 179 0.67 60.17 4.02
C GLY A 179 0.42 60.79 2.65
N SER A 180 0.36 59.94 1.63
CA SER A 180 0.22 60.39 0.24
C SER A 180 -1.19 60.27 -0.29
N GLY A 181 -2.00 59.39 0.31
CA GLY A 181 -3.34 59.09 -0.18
C GLY A 181 -3.36 58.14 -1.36
N THR A 182 -2.28 57.36 -1.55
CA THR A 182 -2.11 56.49 -2.72
C THR A 182 -2.79 55.13 -2.52
N PHE A 183 -3.78 54.82 -3.35
CA PHE A 183 -4.26 53.45 -3.48
C PHE A 183 -3.35 52.71 -4.45
N LEU A 184 -3.19 51.41 -4.25
CA LEU A 184 -2.49 50.53 -5.21
C LEU A 184 -3.21 49.20 -5.21
N PHE A 185 -3.70 48.81 -6.39
CA PHE A 185 -4.52 47.61 -6.53
C PHE A 185 -4.33 46.94 -7.88
N GLN A 186 -4.35 45.61 -7.87
CA GLN A 186 -4.36 44.81 -9.10
C GLN A 186 -5.81 44.72 -9.59
N ALA A 187 -6.02 44.83 -10.89
CA ALA A 187 -7.34 44.74 -11.50
C ALA A 187 -7.19 44.21 -12.92
N GLY A 188 -7.70 43.00 -13.17
CA GLY A 188 -7.44 42.30 -14.41
C GLY A 188 -5.97 41.90 -14.49
N SER A 189 -5.40 42.00 -15.69
CA SER A 189 -3.97 41.72 -15.90
C SER A 189 -3.09 42.78 -15.23
N GLY A 190 -3.50 44.04 -15.30
CA GLY A 190 -2.68 45.18 -14.89
C GLY A 190 -2.78 45.62 -13.43
N ILE A 191 -1.78 46.38 -13.00
CA ILE A 191 -1.71 47.01 -11.67
C ILE A 191 -1.97 48.51 -11.83
N TYR A 192 -2.78 49.08 -10.92
CA TYR A 192 -3.19 50.49 -11.00
C TYR A 192 -2.92 51.24 -9.70
N HIS A 193 -2.96 52.57 -9.79
CA HIS A 193 -2.74 53.44 -8.63
C HIS A 193 -3.42 54.81 -8.79
N VAL A 194 -4.16 55.22 -7.76
CA VAL A 194 -4.77 56.57 -7.71
C VAL A 194 -4.66 57.13 -6.31
N LYS A 195 -4.66 58.46 -6.24
CA LYS A 195 -4.60 59.13 -4.96
C LYS A 195 -5.97 59.65 -4.58
N ASP A 196 -6.31 59.50 -3.30
CA ASP A 196 -7.50 60.13 -2.72
C ASP A 196 -7.41 60.15 -1.20
N GLY A 197 -7.60 61.33 -0.62
CA GLY A 197 -7.68 61.50 0.83
C GLY A 197 -6.45 62.03 1.54
N GLY A 198 -5.33 62.12 0.81
CA GLY A 198 -4.11 62.73 1.36
C GLY A 198 -4.09 64.24 1.12
N PRO A 199 -2.90 64.82 0.87
CA PRO A 199 -2.76 66.20 0.41
C PRO A 199 -3.72 66.65 -0.69
N GLN A 200 -3.99 65.76 -1.64
CA GLN A 200 -4.88 66.07 -2.78
C GLN A 200 -6.37 66.15 -2.46
N GLY A 201 -6.77 65.81 -1.23
CA GLY A 201 -8.18 65.91 -0.83
C GLY A 201 -9.04 64.79 -1.37
N PHE A 202 -10.35 65.05 -1.42
CA PHE A 202 -11.35 63.99 -1.57
C PHE A 202 -12.23 64.21 -2.80
N THR A 203 -12.07 63.35 -3.81
CA THR A 203 -12.87 63.41 -5.04
C THR A 203 -14.37 63.31 -4.77
N GLN A 204 -15.16 64.07 -5.55
CA GLN A 204 -16.62 64.00 -5.50
C GLN A 204 -17.20 63.20 -6.67
N GLN A 205 -16.37 62.38 -7.31
CA GLN A 205 -16.77 61.62 -8.48
C GLN A 205 -15.80 60.45 -8.71
N PRO A 206 -16.21 59.47 -9.55
CA PRO A 206 -15.32 58.35 -9.88
C PRO A 206 -13.95 58.76 -10.43
N LEU A 207 -12.90 58.03 -10.04
CA LEU A 207 -11.53 58.28 -10.50
C LEU A 207 -11.12 57.30 -11.59
N ARG A 208 -10.37 57.82 -12.56
CA ARG A 208 -9.84 57.04 -13.67
C ARG A 208 -8.43 56.62 -13.24
N PRO A 209 -8.20 55.31 -13.04
CA PRO A 209 -6.92 54.93 -12.45
C PRO A 209 -5.74 54.89 -13.43
N ASN A 210 -4.54 54.93 -12.87
CA ASN A 210 -3.30 54.99 -13.64
C ASN A 210 -2.65 53.63 -13.71
N LEU A 211 -2.53 53.09 -14.91
CA LEU A 211 -1.84 51.81 -15.13
C LEU A 211 -0.34 51.93 -14.86
N VAL A 212 0.21 51.02 -14.07
CA VAL A 212 1.66 50.97 -13.88
C VAL A 212 2.21 50.22 -15.07
N GLU A 213 3.11 50.86 -15.82
CA GLU A 213 3.72 50.26 -17.01
C GLU A 213 4.78 49.23 -16.61
N THR A 214 5.09 48.33 -17.54
CA THR A 214 6.04 47.25 -17.28
C THR A 214 6.72 46.67 -18.53
N SER A 215 8.00 46.34 -18.38
CA SER A 215 8.76 45.55 -19.36
C SER A 215 8.55 44.05 -19.18
N CYS A 216 7.90 43.64 -18.09
CA CYS A 216 7.71 42.23 -17.76
C CYS A 216 6.71 41.54 -18.69
N PRO A 217 7.11 40.39 -19.29
CA PRO A 217 6.25 39.68 -20.23
C PRO A 217 5.13 38.86 -19.60
N ASN A 218 5.43 38.24 -18.45
CA ASN A 218 4.50 37.34 -17.75
C ASN A 218 3.74 38.09 -16.66
N ILE A 219 2.66 37.47 -16.19
CA ILE A 219 1.76 38.09 -15.19
C ILE A 219 2.49 38.48 -13.90
N ARG A 220 2.07 39.61 -13.33
CA ARG A 220 2.66 40.17 -12.11
C ARG A 220 1.72 39.95 -10.94
N MET A 221 2.18 39.20 -9.94
CA MET A 221 1.41 38.81 -8.76
C MET A 221 1.85 39.61 -7.54
N ASP A 222 0.96 39.66 -6.53
CA ASP A 222 1.31 40.06 -5.16
C ASP A 222 1.96 41.46 -5.07
N PRO A 223 1.28 42.48 -5.61
CA PRO A 223 1.86 43.81 -5.57
C PRO A 223 1.67 44.47 -4.21
N LYS A 224 2.74 45.07 -3.69
CA LYS A 224 2.67 45.81 -2.42
C LYS A 224 3.27 47.21 -2.53
N LEU A 225 2.55 48.22 -2.02
CA LEU A 225 3.13 49.54 -1.79
C LEU A 225 4.24 49.46 -0.76
N CYS A 226 5.25 50.29 -0.96
CA CYS A 226 6.30 50.49 0.05
C CYS A 226 5.75 51.48 1.05
N PRO A 227 5.65 51.11 2.34
CA PRO A 227 5.16 52.08 3.33
C PRO A 227 6.13 53.25 3.55
N ALA A 228 7.42 52.99 3.35
CA ALA A 228 8.46 54.00 3.53
C ALA A 228 8.48 55.07 2.43
N ASP A 229 8.24 54.65 1.18
CA ASP A 229 8.22 55.56 0.03
C ASP A 229 7.14 55.11 -0.96
N PRO A 230 6.00 55.84 -1.02
CA PRO A 230 4.89 55.42 -1.90
C PRO A 230 5.12 55.53 -3.41
N ASP A 231 6.23 56.14 -3.83
CA ASP A 231 6.63 56.11 -5.24
C ASP A 231 7.05 54.68 -5.68
N TRP A 232 7.72 53.96 -4.77
CA TRP A 232 8.17 52.58 -5.03
C TRP A 232 7.13 51.50 -4.67
N ILE A 233 7.01 50.50 -5.54
CA ILE A 233 6.21 49.30 -5.29
C ILE A 233 7.01 48.06 -5.61
N ALA A 234 6.62 46.94 -5.03
CA ALA A 234 7.21 45.64 -5.32
C ALA A 234 6.16 44.68 -5.88
N PHE A 235 6.63 43.66 -6.59
CA PHE A 235 5.76 42.58 -7.05
C PHE A 235 6.56 41.33 -7.41
N ILE A 236 5.83 40.24 -7.64
CA ILE A 236 6.41 38.96 -8.05
C ILE A 236 6.16 38.76 -9.53
N HIS A 237 7.24 38.48 -10.25
CA HIS A 237 7.16 38.11 -11.67
C HIS A 237 8.04 36.88 -11.88
N SER A 238 7.45 35.80 -12.37
CA SER A 238 8.16 34.55 -12.64
C SER A 238 9.00 34.12 -11.44
N ASN A 239 8.33 34.01 -10.28
CA ASN A 239 8.96 33.57 -9.03
C ASN A 239 10.18 34.40 -8.57
N ASP A 240 10.17 35.70 -8.84
CA ASP A 240 11.22 36.60 -8.36
C ASP A 240 10.66 37.98 -8.06
N ILE A 241 11.35 38.69 -7.17
CA ILE A 241 10.88 39.97 -6.66
C ILE A 241 11.38 41.09 -7.56
N TRP A 242 10.46 41.95 -7.96
CA TRP A 242 10.76 43.14 -8.75
C TRP A 242 10.32 44.37 -7.97
N ILE A 243 10.86 45.52 -8.34
CA ILE A 243 10.34 46.80 -7.88
C ILE A 243 10.18 47.75 -9.05
N SER A 244 9.16 48.59 -8.98
CA SER A 244 8.88 49.61 -9.98
C SER A 244 8.61 50.94 -9.27
N ASN A 245 9.13 52.02 -9.83
CA ASN A 245 8.80 53.35 -9.34
C ASN A 245 7.67 53.88 -10.21
N ILE A 246 6.57 54.28 -9.58
CA ILE A 246 5.38 54.75 -10.31
C ILE A 246 5.51 56.21 -10.77
N VAL A 247 6.51 56.94 -10.25
CA VAL A 247 6.83 58.29 -10.71
C VAL A 247 7.91 58.22 -11.82
N THR A 248 9.08 57.71 -11.48
CA THR A 248 10.25 57.68 -12.39
C THR A 248 10.25 56.52 -13.39
N ARG A 249 9.27 55.62 -13.33
CA ARG A 249 9.13 54.49 -14.27
C ARG A 249 10.27 53.47 -14.27
N GLU A 250 11.16 53.55 -13.30
CA GLU A 250 12.31 52.67 -13.22
C GLU A 250 11.82 51.31 -12.75
N GLU A 251 12.04 50.26 -13.55
CA GLU A 251 11.86 48.88 -13.10
C GLU A 251 13.21 48.28 -12.78
N ARG A 252 13.19 47.24 -11.95
CA ARG A 252 14.41 46.58 -11.50
C ARG A 252 14.10 45.20 -10.90
N ARG A 253 14.76 44.17 -11.42
CA ARG A 253 14.65 42.82 -10.86
C ARG A 253 15.60 42.72 -9.66
N LEU A 254 15.04 42.43 -8.48
CA LEU A 254 15.80 42.37 -7.22
C LEU A 254 16.35 40.99 -6.87
N THR A 255 15.85 39.93 -7.53
CA THR A 255 16.26 38.56 -7.24
C THR A 255 16.44 37.75 -8.51
N TYR A 256 17.50 36.95 -8.56
CA TYR A 256 17.87 36.15 -9.73
C TYR A 256 17.97 34.70 -9.29
N VAL A 257 16.82 34.16 -8.90
CA VAL A 257 16.70 32.82 -8.37
C VAL A 257 16.13 31.87 -9.42
N HIS A 258 15.00 32.25 -10.01
CA HIS A 258 14.27 31.43 -10.98
C HIS A 258 14.51 31.92 -12.40
N ASN A 259 15.04 31.03 -13.24
CA ASN A 259 15.08 31.24 -14.68
C ASN A 259 13.69 30.91 -15.24
N GLU A 260 13.02 31.95 -15.74
CA GLU A 260 11.67 31.80 -16.33
C GLU A 260 11.59 30.76 -17.46
N LEU A 261 12.64 30.67 -18.27
CA LEU A 261 12.68 29.76 -19.42
C LEU A 261 12.77 28.28 -19.05
N ALA A 262 13.37 27.97 -17.90
CA ALA A 262 13.60 26.57 -17.49
C ALA A 262 12.32 25.87 -17.01
N ASN A 263 12.34 24.53 -17.09
CA ASN A 263 11.26 23.67 -16.58
C ASN A 263 11.15 23.79 -15.07
N MET A 264 9.94 23.56 -14.55
CA MET A 264 9.72 23.51 -13.10
C MET A 264 10.34 22.26 -12.45
N GLU A 265 10.63 21.23 -13.24
CA GLU A 265 11.39 20.05 -12.77
C GLU A 265 12.89 20.35 -12.59
N GLU A 266 13.42 21.22 -13.44
CA GLU A 266 14.85 21.60 -13.41
C GLU A 266 15.12 22.75 -12.45
N ASP A 267 14.31 23.81 -12.57
CA ASP A 267 14.42 25.01 -11.73
C ASP A 267 13.29 25.02 -10.70
N ALA A 268 13.64 24.67 -9.46
CA ALA A 268 12.66 24.56 -8.37
C ALA A 268 12.69 25.72 -7.38
N ARG A 269 13.65 26.62 -7.50
CA ARG A 269 13.82 27.69 -6.52
C ARG A 269 12.93 28.88 -6.86
N SER A 270 12.36 29.50 -5.84
CA SER A 270 11.56 30.74 -5.97
C SER A 270 11.85 31.68 -4.81
N ALA A 271 11.38 32.92 -4.93
CA ALA A 271 11.69 33.98 -3.96
C ALA A 271 10.55 35.01 -3.82
N GLY A 272 10.10 35.24 -2.59
CA GLY A 272 8.97 36.13 -2.33
C GLY A 272 7.61 35.51 -2.48
N VAL A 273 7.56 34.18 -2.69
CA VAL A 273 6.31 33.44 -2.85
C VAL A 273 6.14 32.47 -1.69
N ALA A 274 4.91 32.24 -1.29
CA ALA A 274 4.58 31.21 -0.32
C ALA A 274 4.24 29.94 -1.09
N THR A 275 4.86 28.81 -0.72
CA THR A 275 4.62 27.54 -1.42
C THR A 275 3.23 27.00 -1.13
N PHE A 276 2.81 26.01 -1.91
CA PHE A 276 1.45 25.43 -1.84
C PHE A 276 0.96 25.17 -0.41
N VAL A 277 1.83 24.59 0.41
CA VAL A 277 1.43 24.14 1.75
C VAL A 277 1.05 25.34 2.61
N LEU A 278 1.89 26.37 2.57
CA LEU A 278 1.67 27.57 3.36
C LEU A 278 0.44 28.36 2.91
N GLN A 279 0.16 28.39 1.60
CA GLN A 279 -1.07 29.01 1.11
C GLN A 279 -2.31 28.20 1.52
N GLU A 280 -2.24 26.88 1.35
CA GLU A 280 -3.40 26.02 1.54
C GLU A 280 -3.72 25.73 3.01
N GLU A 281 -2.69 25.51 3.84
CA GLU A 281 -2.89 25.09 5.24
C GLU A 281 -2.53 26.11 6.32
N PHE A 282 -1.87 27.19 5.95
CA PHE A 282 -1.54 28.24 6.90
C PHE A 282 -2.05 29.63 6.46
N ASP A 283 -2.87 29.68 5.41
CA ASP A 283 -3.40 30.94 4.84
C ASP A 283 -2.36 32.08 4.79
N ARG A 284 -1.13 31.75 4.37
CA ARG A 284 -0.13 32.78 4.06
C ARG A 284 0.12 32.76 2.56
N TYR A 285 -0.25 33.86 1.92
CA TYR A 285 -0.22 33.97 0.46
C TYR A 285 0.97 34.79 -0.05
N SER A 286 1.41 35.79 0.72
CA SER A 286 2.61 36.55 0.39
C SER A 286 3.86 35.93 1.05
N GLY A 287 5.02 36.11 0.42
CA GLY A 287 6.31 35.64 0.96
C GLY A 287 7.47 36.66 0.94
N TYR A 288 7.15 37.94 0.76
CA TYR A 288 8.12 39.05 0.93
C TYR A 288 7.46 40.19 1.71
N TRP A 289 8.26 40.98 2.43
CA TRP A 289 7.75 42.02 3.33
C TRP A 289 8.57 43.30 3.31
N TRP A 290 7.98 44.38 2.78
CA TRP A 290 8.58 45.73 2.83
C TRP A 290 8.93 46.15 4.27
N CYS A 291 10.12 46.70 4.44
CA CYS A 291 10.48 47.33 5.70
C CYS A 291 9.74 48.67 5.79
N PRO A 292 8.99 48.91 6.88
CA PRO A 292 8.10 50.08 6.91
C PRO A 292 8.81 51.45 6.94
N LYS A 293 10.06 51.52 7.37
CA LYS A 293 10.82 52.78 7.37
C LYS A 293 12.01 52.71 6.45
N ALA A 294 12.55 53.89 6.13
CA ALA A 294 13.73 54.06 5.26
C ALA A 294 14.87 54.65 6.06
N GLU A 295 16.03 54.00 6.00
CA GLU A 295 17.23 54.51 6.65
C GLU A 295 17.86 55.56 5.75
N THR A 296 18.20 56.72 6.33
CA THR A 296 18.75 57.84 5.57
C THR A 296 20.27 57.72 5.43
N THR A 297 20.76 57.87 4.20
CA THR A 297 22.20 57.85 3.94
C THR A 297 22.82 59.23 4.21
N PRO A 298 24.17 59.30 4.36
CA PRO A 298 24.87 60.59 4.37
C PRO A 298 24.71 61.39 3.06
N SER A 299 24.49 60.70 1.94
CA SER A 299 24.27 61.35 0.63
C SER A 299 22.98 62.18 0.50
N GLY A 300 22.08 62.11 1.48
CA GLY A 300 20.75 62.68 1.37
C GLY A 300 19.80 61.76 0.60
N GLY A 301 20.21 60.50 0.40
CA GLY A 301 19.35 59.48 -0.20
C GLY A 301 18.75 58.63 0.90
N LYS A 302 18.51 57.35 0.59
CA LYS A 302 17.94 56.40 1.56
C LYS A 302 18.09 54.95 1.17
N ILE A 303 17.95 54.05 2.15
CA ILE A 303 17.96 52.61 1.94
C ILE A 303 16.59 52.02 2.27
N LEU A 304 15.98 51.35 1.29
CA LEU A 304 14.76 50.55 1.51
C LEU A 304 15.16 49.09 1.60
N ARG A 305 14.46 48.35 2.46
CA ARG A 305 14.74 46.93 2.68
C ARG A 305 13.50 46.06 2.45
N ILE A 306 13.70 44.85 1.92
CA ILE A 306 12.64 43.86 1.76
C ILE A 306 13.14 42.53 2.27
N LEU A 307 12.57 42.06 3.39
CA LEU A 307 12.71 40.67 3.84
C LEU A 307 11.89 39.76 2.93
N TYR A 308 12.41 38.57 2.64
CA TYR A 308 11.65 37.59 1.86
C TYR A 308 12.03 36.13 2.13
N GLU A 309 11.03 35.27 2.02
CA GLU A 309 11.23 33.83 2.09
C GLU A 309 11.85 33.37 0.78
N GLU A 310 12.77 32.42 0.84
CA GLU A 310 13.31 31.77 -0.36
C GLU A 310 13.14 30.25 -0.26
N ASN A 311 12.26 29.71 -1.10
CA ASN A 311 11.97 28.28 -1.10
C ASN A 311 12.80 27.58 -2.17
N ASP A 312 13.16 26.33 -1.88
CA ASP A 312 13.80 25.41 -2.82
C ASP A 312 13.03 24.09 -2.80
N GLU A 313 12.30 23.82 -3.88
CA GLU A 313 11.41 22.66 -3.95
C GLU A 313 12.02 21.49 -4.74
N SER A 314 13.36 21.45 -4.83
CA SER A 314 14.07 20.41 -5.58
C SER A 314 13.72 19.00 -5.14
N GLU A 315 13.70 18.78 -3.81
CA GLU A 315 13.46 17.47 -3.21
C GLU A 315 11.98 17.19 -2.94
N VAL A 316 11.09 18.12 -3.32
CA VAL A 316 9.64 17.95 -3.12
C VAL A 316 9.04 17.15 -4.27
N GLU A 317 8.18 16.18 -3.94
CA GLU A 317 7.59 15.30 -4.95
C GLU A 317 6.82 16.08 -6.00
N ILE A 318 6.95 15.66 -7.26
CA ILE A 318 6.24 16.27 -8.38
C ILE A 318 5.05 15.39 -8.75
N ILE A 319 3.84 15.87 -8.44
CA ILE A 319 2.62 15.23 -8.95
C ILE A 319 2.12 15.93 -10.19
N HIS A 320 1.26 15.23 -10.92
CA HIS A 320 0.62 15.75 -12.11
C HIS A 320 -0.86 15.93 -11.82
N VAL A 321 -1.48 16.92 -12.45
CA VAL A 321 -2.92 17.18 -12.32
C VAL A 321 -3.43 17.48 -13.71
N THR A 322 -4.61 16.98 -14.04
CA THR A 322 -5.21 17.24 -15.34
C THR A 322 -5.35 18.75 -15.58
N SER A 323 -4.96 19.19 -16.77
CA SER A 323 -5.15 20.57 -17.19
C SER A 323 -6.62 20.78 -17.56
N PRO A 324 -7.18 21.96 -17.22
CA PRO A 324 -8.55 22.33 -17.63
C PRO A 324 -8.84 22.26 -19.13
N MET A 325 -7.83 22.57 -19.95
CA MET A 325 -7.94 22.47 -21.40
C MET A 325 -7.96 20.98 -21.77
N LEU A 326 -9.13 20.35 -21.64
CA LEU A 326 -9.26 18.90 -21.88
C LEU A 326 -8.95 18.53 -23.32
N GLU A 327 -9.20 19.49 -24.23
CA GLU A 327 -8.67 19.47 -25.61
C GLU A 327 -7.23 18.93 -25.71
N THR A 328 -6.34 19.49 -24.89
CA THR A 328 -4.90 19.22 -24.98
C THR A 328 -4.52 17.80 -24.57
N ARG A 329 -5.31 17.22 -23.67
CA ARG A 329 -5.02 15.91 -23.07
C ARG A 329 -3.62 15.94 -22.44
N ARG A 330 -3.42 16.93 -21.59
CA ARG A 330 -2.15 17.19 -20.95
C ARG A 330 -2.33 17.34 -19.45
N ALA A 331 -1.23 17.56 -18.74
CA ALA A 331 -1.20 17.49 -17.29
C ALA A 331 -0.20 18.51 -16.74
N ASP A 332 -0.68 19.37 -15.85
CA ASP A 332 0.16 20.36 -15.18
C ASP A 332 1.01 19.66 -14.10
N SER A 333 2.23 20.13 -13.90
CA SER A 333 3.09 19.61 -12.83
C SER A 333 2.92 20.50 -11.59
N PHE A 334 2.73 19.85 -10.43
CA PHE A 334 2.61 20.52 -9.13
C PHE A 334 3.67 19.98 -8.19
N ARG A 335 4.12 20.82 -7.25
CA ARG A 335 4.96 20.36 -6.16
C ARG A 335 4.07 20.13 -4.95
N TYR A 336 3.66 18.88 -4.73
CA TYR A 336 2.82 18.47 -3.59
C TYR A 336 3.68 17.68 -2.61
N PRO A 337 4.03 18.29 -1.46
CA PRO A 337 4.67 17.50 -0.41
C PRO A 337 3.61 16.69 0.32
N LYS A 338 3.48 15.41 -0.04
CA LYS A 338 2.52 14.53 0.61
C LYS A 338 3.01 14.21 2.02
N THR A 339 2.09 13.76 2.86
CA THR A 339 2.43 13.46 4.26
C THR A 339 3.58 12.47 4.31
N GLY A 340 4.57 12.79 5.14
CA GLY A 340 5.76 11.96 5.31
C GLY A 340 6.95 12.40 4.47
N THR A 341 6.72 13.12 3.37
CA THR A 341 7.79 13.49 2.44
C THR A 341 8.41 14.85 2.79
N ALA A 342 9.46 15.22 2.06
CA ALA A 342 10.19 16.47 2.30
C ALA A 342 9.35 17.68 1.93
N ASN A 343 9.32 18.65 2.84
CA ASN A 343 8.77 20.00 2.60
C ASN A 343 9.83 20.81 1.85
N PRO A 344 9.45 22.00 1.33
CA PRO A 344 10.48 22.85 0.72
C PRO A 344 11.57 23.27 1.72
N LYS A 345 12.82 23.32 1.26
CA LYS A 345 13.93 23.81 2.07
C LYS A 345 13.88 25.34 2.07
N VAL A 346 13.69 25.92 3.26
CA VAL A 346 13.43 27.36 3.39
C VAL A 346 14.62 28.13 3.98
N THR A 347 14.60 29.44 3.74
CA THR A 347 15.54 30.37 4.37
C THR A 347 15.08 31.82 4.17
N PHE A 348 15.58 32.70 5.03
CA PHE A 348 15.33 34.14 4.92
C PHE A 348 16.43 34.80 4.10
N LYS A 349 16.03 35.86 3.40
CA LYS A 349 16.91 36.68 2.61
C LYS A 349 16.47 38.13 2.76
N MET A 350 17.38 39.07 2.54
CA MET A 350 17.00 40.47 2.49
C MET A 350 17.67 41.18 1.33
N SER A 351 16.86 41.83 0.50
CA SER A 351 17.34 42.73 -0.55
C SER A 351 17.48 44.09 0.11
N GLU A 352 18.67 44.67 -0.03
CA GLU A 352 19.00 45.99 0.48
C GLU A 352 19.13 46.90 -0.73
N ILE A 353 18.30 47.94 -0.81
CA ILE A 353 18.20 48.79 -2.00
C ILE A 353 18.59 50.23 -1.68
N MET A 354 19.70 50.71 -2.27
CA MET A 354 20.16 52.10 -2.09
C MET A 354 19.57 52.98 -3.18
N ILE A 355 18.91 54.06 -2.76
CA ILE A 355 18.30 55.05 -3.66
C ILE A 355 18.92 56.42 -3.37
N ASP A 356 19.15 57.22 -4.42
CA ASP A 356 19.68 58.58 -4.29
C ASP A 356 18.56 59.57 -3.98
N ALA A 357 18.92 60.86 -3.85
CA ALA A 357 17.99 61.88 -3.37
C ALA A 357 16.82 62.26 -4.29
N GLU A 358 16.64 61.60 -5.44
CA GLU A 358 15.43 61.79 -6.26
C GLU A 358 14.93 60.51 -6.96
N GLY A 359 15.01 59.38 -6.26
CA GLY A 359 14.37 58.13 -6.70
C GLY A 359 15.10 57.29 -7.74
N ARG A 360 16.38 57.59 -7.98
CA ARG A 360 17.21 56.76 -8.85
C ARG A 360 17.83 55.67 -7.98
N ILE A 361 17.78 54.42 -8.44
CA ILE A 361 18.44 53.34 -7.74
C ILE A 361 19.95 53.48 -7.96
N ILE A 362 20.70 53.71 -6.88
CA ILE A 362 22.17 53.66 -6.94
C ILE A 362 22.62 52.22 -7.08
N ASP A 363 22.09 51.35 -6.21
CA ASP A 363 22.61 50.00 -6.06
C ASP A 363 21.61 49.08 -5.34
N VAL A 364 21.68 47.79 -5.67
CA VAL A 364 20.90 46.74 -5.00
C VAL A 364 21.90 45.73 -4.44
N ILE A 365 21.77 45.39 -3.17
CA ILE A 365 22.59 44.36 -2.55
C ILE A 365 21.67 43.30 -1.97
N ASP A 366 21.70 42.12 -2.57
CA ASP A 366 20.96 40.96 -2.07
C ASP A 366 21.80 40.27 -1.00
N LYS A 367 21.18 39.90 0.12
CA LYS A 367 21.89 39.46 1.33
C LYS A 367 21.23 38.25 1.99
N GLU A 368 22.04 37.26 2.36
CA GLU A 368 21.56 36.04 3.04
C GLU A 368 22.00 36.00 4.50
N LEU A 369 21.43 35.05 5.26
CA LEU A 369 21.73 34.91 6.68
C LEU A 369 23.15 34.44 6.92
N ILE A 370 23.77 34.96 7.97
CA ILE A 370 25.17 34.71 8.30
C ILE A 370 25.51 33.22 8.44
N GLN A 371 24.62 32.45 9.03
CA GLN A 371 24.77 31.01 9.13
C GLN A 371 23.56 30.40 8.44
N PRO A 372 23.57 29.06 8.22
CA PRO A 372 22.38 28.38 7.69
C PRO A 372 21.13 28.48 8.58
N PHE A 373 19.96 28.37 7.95
CA PHE A 373 18.67 28.45 8.62
C PHE A 373 18.52 27.33 9.62
N GLU A 374 19.01 26.14 9.29
CA GLU A 374 18.91 24.95 10.17
C GLU A 374 19.69 25.09 11.48
N ILE A 375 20.68 25.99 11.49
CA ILE A 375 21.50 26.26 12.68
C ILE A 375 20.85 27.35 13.53
N LEU A 376 20.56 28.49 12.90
CA LEU A 376 19.95 29.65 13.58
C LEU A 376 18.52 29.43 14.06
N PHE A 377 17.81 28.50 13.42
CA PHE A 377 16.43 28.20 13.78
C PHE A 377 16.26 26.68 13.81
N GLU A 378 16.80 26.09 14.87
CA GLU A 378 16.84 24.65 15.05
C GLU A 378 15.42 24.07 15.12
N GLY A 379 15.20 23.00 14.37
CA GLY A 379 13.92 22.30 14.39
C GLY A 379 12.75 22.98 13.70
N VAL A 380 12.97 24.14 13.08
CA VAL A 380 11.92 24.87 12.38
C VAL A 380 11.69 24.22 11.00
N GLU A 381 10.41 24.03 10.66
CA GLU A 381 10.02 23.51 9.36
C GLU A 381 9.32 24.57 8.55
N TYR A 382 8.24 25.10 9.11
CA TYR A 382 7.41 26.10 8.44
C TYR A 382 7.69 27.50 9.01
N ILE A 383 7.84 28.48 8.12
CA ILE A 383 7.76 29.90 8.47
C ILE A 383 6.27 30.26 8.36
N ALA A 384 5.60 30.34 9.50
CA ALA A 384 4.15 30.49 9.52
C ALA A 384 3.71 31.90 9.14
N ARG A 385 4.32 32.90 9.80
CA ARG A 385 4.06 34.31 9.54
C ARG A 385 5.38 35.06 9.65
N ALA A 386 5.44 36.25 9.06
CA ALA A 386 6.64 37.10 9.14
C ALA A 386 6.34 38.55 8.77
N GLY A 387 7.24 39.44 9.19
CA GLY A 387 7.06 40.87 8.96
C GLY A 387 8.11 41.70 9.67
N TRP A 388 7.78 42.96 9.92
CA TRP A 388 8.66 43.91 10.59
C TRP A 388 7.94 44.50 11.79
N THR A 389 8.71 44.91 12.79
CA THR A 389 8.16 45.63 13.94
C THR A 389 7.78 47.05 13.47
N PRO A 390 6.79 47.71 14.11
CA PRO A 390 6.31 49.03 13.65
C PRO A 390 7.42 50.07 13.38
N GLU A 391 8.46 50.07 14.21
CA GLU A 391 9.60 50.98 14.06
C GLU A 391 10.43 50.66 12.81
N GLY A 392 10.44 49.39 12.41
CA GLY A 392 11.25 48.92 11.28
C GLY A 392 12.62 48.45 11.70
N LYS A 393 12.82 48.24 13.00
CA LYS A 393 14.12 47.91 13.53
C LYS A 393 14.40 46.43 13.35
N TYR A 394 13.50 45.59 13.87
CA TYR A 394 13.63 44.13 13.81
C TYR A 394 12.67 43.53 12.80
N ALA A 395 13.04 42.38 12.26
CA ALA A 395 12.16 41.57 11.45
C ALA A 395 11.65 40.41 12.31
N TRP A 396 10.34 40.33 12.49
CA TRP A 396 9.74 39.25 13.28
C TRP A 396 9.32 38.07 12.41
N SER A 397 9.20 36.91 13.05
CA SER A 397 8.68 35.73 12.39
C SER A 397 8.11 34.73 13.41
N ILE A 398 6.93 34.19 13.11
CA ILE A 398 6.32 33.10 13.88
C ILE A 398 6.70 31.79 13.18
N LEU A 399 7.31 30.87 13.93
CA LEU A 399 7.94 29.66 13.39
C LEU A 399 7.42 28.38 14.07
N LEU A 400 7.22 27.33 13.28
CA LEU A 400 6.72 26.05 13.78
C LEU A 400 7.70 24.92 13.52
N ASP A 401 7.65 23.90 14.37
CA ASP A 401 8.35 22.63 14.11
C ASP A 401 7.51 21.75 13.16
N ARG A 402 8.06 20.61 12.75
CA ARG A 402 7.37 19.72 11.81
C ARG A 402 6.00 19.24 12.27
N SER A 403 5.91 18.88 13.55
CA SER A 403 4.69 18.32 14.15
C SER A 403 3.66 19.38 14.51
N GLN A 404 4.06 20.65 14.47
CA GLN A 404 3.18 21.80 14.72
C GLN A 404 2.63 21.76 16.14
N THR A 405 3.52 21.42 17.06
CA THR A 405 3.23 21.40 18.48
C THR A 405 4.13 22.38 19.25
N ARG A 406 4.94 23.16 18.54
CA ARG A 406 5.92 24.06 19.15
C ARG A 406 6.03 25.31 18.28
N LEU A 407 5.56 26.44 18.82
CA LEU A 407 5.59 27.73 18.12
C LEU A 407 6.67 28.61 18.74
N GLN A 408 7.27 29.46 17.91
CA GLN A 408 8.26 30.44 18.35
C GLN A 408 8.03 31.76 17.64
N ILE A 409 8.12 32.86 18.37
CA ILE A 409 8.19 34.20 17.77
C ILE A 409 9.64 34.62 17.91
N VAL A 410 10.23 35.07 16.81
CA VAL A 410 11.67 35.37 16.77
C VAL A 410 11.94 36.70 16.09
N LEU A 411 12.67 37.57 16.79
CA LEU A 411 13.14 38.82 16.21
C LEU A 411 14.47 38.55 15.49
N ILE A 412 14.63 39.20 14.35
CA ILE A 412 15.76 38.99 13.43
C ILE A 412 16.31 40.35 13.02
N SER A 413 17.47 40.71 13.59
CA SER A 413 18.13 41.97 13.25
C SER A 413 18.64 41.93 11.80
N PRO A 414 18.45 43.02 11.04
CA PRO A 414 19.04 43.12 9.68
C PRO A 414 20.54 42.83 9.60
N GLU A 415 21.27 43.10 10.69
CA GLU A 415 22.69 42.78 10.77
C GLU A 415 23.02 41.27 10.73
N LEU A 416 22.03 40.40 10.96
CA LEU A 416 22.19 38.96 10.72
C LEU A 416 22.45 38.59 9.26
N PHE A 417 21.96 39.42 8.34
CA PHE A 417 22.15 39.21 6.90
C PHE A 417 23.46 39.82 6.42
N ILE A 418 24.12 39.15 5.48
CA ILE A 418 25.37 39.62 4.85
C ILE A 418 25.28 39.44 3.35
N PRO A 419 26.12 40.16 2.58
CA PRO A 419 26.08 40.02 1.12
C PRO A 419 26.25 38.58 0.63
N VAL A 420 25.50 38.22 -0.41
CA VAL A 420 25.63 36.92 -1.03
C VAL A 420 26.95 36.96 -1.78
N GLU A 421 27.87 36.06 -1.45
CA GLU A 421 29.20 35.99 -2.08
C GLU A 421 29.63 34.53 -2.25
N ASP A 422 29.75 34.09 -3.50
CA ASP A 422 30.26 32.74 -3.81
C ASP A 422 31.77 32.57 -3.56
N ASP A 423 32.52 33.68 -3.56
CA ASP A 423 33.94 33.68 -3.19
C ASP A 423 34.11 33.49 -1.67
N VAL A 424 34.89 32.49 -1.27
CA VAL A 424 35.07 32.15 0.16
C VAL A 424 35.90 33.15 0.98
N MET A 425 36.90 33.80 0.36
CA MET A 425 37.72 34.83 1.03
C MET A 425 36.85 35.96 1.55
N GLU A 426 36.08 36.55 0.64
CA GLU A 426 35.22 37.69 0.96
C GLU A 426 34.07 37.29 1.89
N ARG A 427 33.50 36.11 1.62
CA ARG A 427 32.45 35.52 2.46
C ARG A 427 32.91 35.28 3.90
N GLN A 428 34.15 34.82 4.06
CA GLN A 428 34.74 34.61 5.37
C GLN A 428 35.07 35.94 6.08
N ARG A 429 35.46 36.96 5.31
CA ARG A 429 35.70 38.30 5.87
C ARG A 429 34.40 38.97 6.34
N LEU A 430 33.30 38.70 5.64
CA LEU A 430 31.97 39.22 5.98
C LEU A 430 31.37 38.56 7.23
N ILE A 431 31.53 37.25 7.33
CA ILE A 431 31.11 36.49 8.53
C ILE A 431 31.81 37.02 9.80
N GLU A 432 33.09 37.35 9.68
CA GLU A 432 33.85 37.93 10.80
C GLU A 432 33.53 39.40 11.08
N SER A 433 33.17 40.17 10.04
CA SER A 433 32.81 41.58 10.21
C SER A 433 31.50 41.83 10.97
N VAL A 434 30.63 40.80 11.04
CA VAL A 434 29.40 40.87 11.84
C VAL A 434 29.70 40.39 13.28
N PRO A 435 29.38 41.23 14.30
CA PRO A 435 29.62 40.86 15.71
C PRO A 435 28.98 39.57 16.18
N ASP A 436 29.48 39.04 17.29
CA ASP A 436 28.91 37.84 17.91
C ASP A 436 27.62 38.18 18.65
N SER A 437 27.52 39.40 19.18
CA SER A 437 26.34 39.86 19.92
C SER A 437 25.05 39.86 19.08
N VAL A 438 25.19 40.05 17.77
CA VAL A 438 24.08 39.96 16.82
C VAL A 438 23.64 38.49 16.66
N THR A 439 22.39 38.24 17.04
CA THR A 439 21.89 36.89 17.28
C THR A 439 20.36 36.86 17.15
N PRO A 440 19.77 35.71 16.73
CA PRO A 440 18.31 35.58 16.78
C PRO A 440 17.80 35.70 18.22
N LEU A 441 16.62 36.28 18.38
CA LEU A 441 16.03 36.49 19.69
C LEU A 441 14.66 35.83 19.76
N ILE A 442 14.60 34.63 20.35
CA ILE A 442 13.32 33.92 20.53
C ILE A 442 12.62 34.58 21.71
N ILE A 443 11.78 35.58 21.40
CA ILE A 443 11.07 36.36 22.43
C ILE A 443 9.86 35.64 23.03
N TYR A 444 9.42 34.55 22.40
CA TYR A 444 8.25 33.82 22.85
C TYR A 444 8.32 32.38 22.39
N GLU A 445 7.87 31.47 23.25
CA GLU A 445 7.74 30.05 22.89
C GLU A 445 6.56 29.42 23.61
N GLU A 446 5.98 28.41 22.99
CA GLU A 446 4.87 27.64 23.56
C GLU A 446 4.85 26.23 22.98
N THR A 447 4.36 25.28 23.76
CA THR A 447 4.17 23.90 23.31
C THR A 447 2.75 23.46 23.64
N THR A 448 2.36 22.32 23.09
CA THR A 448 1.06 21.73 23.36
C THR A 448 1.04 20.27 22.95
N ASP A 449 0.30 19.45 23.68
CA ASP A 449 0.14 18.03 23.37
C ASP A 449 -0.78 17.79 22.18
N ILE A 450 -1.60 18.78 21.83
CA ILE A 450 -2.55 18.68 20.72
C ILE A 450 -1.90 19.25 19.44
N TRP A 451 -1.97 20.56 19.22
CA TRP A 451 -1.32 21.23 18.07
C TRP A 451 -1.47 22.73 18.18
N ILE A 452 -0.67 23.44 17.40
CA ILE A 452 -0.70 24.88 17.34
C ILE A 452 -1.64 25.29 16.21
N ASN A 453 -2.61 26.15 16.53
CA ASN A 453 -3.43 26.80 15.52
C ASN A 453 -2.86 28.16 15.25
N ILE A 454 -2.30 28.32 14.05
CA ILE A 454 -1.76 29.59 13.61
C ILE A 454 -2.91 30.58 13.42
N HIS A 455 -2.62 31.83 13.79
CA HIS A 455 -3.57 32.93 13.67
C HIS A 455 -2.80 34.20 13.33
N ASP A 456 -3.55 35.27 13.10
CA ASP A 456 -2.97 36.55 12.69
C ASP A 456 -2.74 37.54 13.84
N ILE A 457 -3.32 37.29 15.02
CA ILE A 457 -3.13 38.17 16.19
C ILE A 457 -1.67 38.20 16.63
N PHE A 458 -1.04 39.35 16.45
CA PHE A 458 0.28 39.61 17.01
C PHE A 458 0.54 41.10 16.87
N HIS A 459 0.58 41.82 17.98
CA HIS A 459 0.79 43.28 17.99
C HIS A 459 2.04 43.61 18.78
N VAL A 460 3.01 44.27 18.14
CA VAL A 460 4.20 44.77 18.82
C VAL A 460 4.01 46.24 19.17
N PHE A 461 4.40 46.61 20.39
CA PHE A 461 4.28 47.99 20.89
C PHE A 461 5.50 48.83 20.49
N PRO A 462 5.40 50.17 20.66
CA PRO A 462 6.56 51.05 20.59
C PRO A 462 7.62 50.67 21.62
N GLN A 463 8.88 50.73 21.20
CA GLN A 463 10.00 50.25 22.02
C GLN A 463 10.52 51.34 22.97
N SER A 464 10.00 51.34 24.20
CA SER A 464 10.36 52.35 25.21
C SER A 464 11.75 52.12 25.83
N HIS A 465 12.21 50.88 25.87
CA HIS A 465 13.56 50.53 26.32
C HIS A 465 14.32 49.74 25.25
N GLU A 466 15.61 50.03 25.12
CA GLU A 466 16.51 49.35 24.20
C GLU A 466 16.50 47.83 24.39
N GLU A 467 16.56 47.41 25.65
CA GLU A 467 16.81 46.01 26.01
C GLU A 467 15.55 45.16 26.22
N GLU A 468 14.37 45.75 26.05
CA GLU A 468 13.09 45.05 26.23
C GLU A 468 12.14 45.28 25.07
N ILE A 469 11.27 44.30 24.84
CA ILE A 469 10.18 44.41 23.86
C ILE A 469 8.86 43.94 24.49
N GLU A 470 7.77 44.59 24.09
CA GLU A 470 6.47 44.39 24.68
C GLU A 470 5.46 44.08 23.56
N PHE A 471 4.58 43.12 23.77
CA PHE A 471 3.65 42.69 22.72
C PHE A 471 2.45 41.88 23.23
N ILE A 472 1.36 41.91 22.46
CA ILE A 472 0.18 41.05 22.68
C ILE A 472 0.18 39.93 21.64
N PHE A 473 0.00 38.70 22.10
CA PHE A 473 -0.13 37.51 21.27
C PHE A 473 -1.33 36.72 21.78
N ALA A 474 -1.86 35.79 20.97
CA ALA A 474 -2.96 34.92 21.42
C ALA A 474 -2.49 33.47 21.50
N SER A 475 -3.12 32.68 22.37
CA SER A 475 -2.73 31.26 22.53
C SER A 475 -3.73 30.35 23.26
N GLU A 476 -3.86 29.14 22.74
CA GLU A 476 -4.57 28.04 23.38
C GLU A 476 -3.71 27.19 24.33
N CYS A 477 -2.39 27.40 24.30
CA CYS A 477 -1.42 26.53 24.98
C CYS A 477 -1.36 26.58 26.51
N LYS A 478 -1.94 27.61 27.13
CA LYS A 478 -1.98 27.71 28.60
C LYS A 478 -3.27 27.10 29.16
N THR A 479 -4.41 27.42 28.55
CA THR A 479 -5.73 27.05 29.08
C THR A 479 -6.56 26.08 28.24
N GLY A 480 -6.11 25.77 27.01
CA GLY A 480 -6.92 25.01 26.06
C GLY A 480 -8.00 25.84 25.37
N PHE A 481 -7.80 27.17 25.39
CA PHE A 481 -8.76 28.16 24.84
C PHE A 481 -7.96 29.39 24.40
N ARG A 482 -8.22 29.88 23.19
CA ARG A 482 -7.41 30.99 22.65
C ARG A 482 -7.72 32.31 23.37
N HIS A 483 -6.73 32.84 24.07
CA HIS A 483 -6.87 34.08 24.80
C HIS A 483 -5.68 35.00 24.55
N LEU A 484 -5.89 36.29 24.80
CA LEU A 484 -4.85 37.31 24.60
C LEU A 484 -3.92 37.36 25.82
N TYR A 485 -2.62 37.57 25.59
CA TYR A 485 -1.63 37.68 26.65
C TYR A 485 -0.64 38.80 26.35
N LYS A 486 -0.52 39.78 27.23
CA LYS A 486 0.51 40.82 27.12
C LYS A 486 1.82 40.29 27.70
N ILE A 487 2.87 40.34 26.90
CA ILE A 487 4.16 39.73 27.25
C ILE A 487 5.27 40.75 27.08
N THR A 488 6.28 40.67 27.95
CA THR A 488 7.48 41.49 27.81
C THR A 488 8.71 40.59 27.90
N SER A 489 9.58 40.67 26.89
CA SER A 489 10.76 39.81 26.78
C SER A 489 12.04 40.64 26.86
N ILE A 490 13.00 40.18 27.66
CA ILE A 490 14.30 40.86 27.77
C ILE A 490 15.17 40.35 26.63
N LEU A 491 15.82 41.29 25.93
CA LEU A 491 16.69 40.97 24.80
C LEU A 491 18.13 40.84 25.29
N LYS A 492 18.47 39.65 25.80
CA LYS A 492 19.82 39.35 26.28
C LYS A 492 20.79 39.23 25.12
N GLU A 493 22.03 39.67 25.35
CA GLU A 493 23.14 39.29 24.48
C GLU A 493 23.27 37.78 24.67
N SER A 494 23.32 37.02 23.57
CA SER A 494 23.23 35.57 23.65
C SER A 494 24.44 34.94 24.33
N LYS A 495 24.21 33.83 25.01
CA LYS A 495 25.28 32.98 25.56
C LYS A 495 26.23 32.52 24.44
N TYR A 496 25.63 32.20 23.31
CA TYR A 496 26.35 31.76 22.12
C TYR A 496 27.33 32.81 21.61
N LYS A 497 28.49 32.32 21.15
CA LYS A 497 29.49 33.13 20.49
C LYS A 497 29.90 32.44 19.19
N ARG A 498 29.76 33.15 18.08
CA ARG A 498 30.04 32.62 16.74
C ARG A 498 31.55 32.39 16.51
N SER A 499 32.39 33.20 17.18
CA SER A 499 33.87 33.09 17.12
C SER A 499 34.43 31.69 17.30
N SER A 500 33.84 30.93 18.22
CA SER A 500 34.33 29.59 18.58
C SER A 500 34.30 28.55 17.46
N GLY A 501 33.49 28.78 16.42
CA GLY A 501 33.33 27.81 15.34
C GLY A 501 32.51 26.59 15.76
N GLY A 502 31.68 26.77 16.79
CA GLY A 502 30.77 25.73 17.27
C GLY A 502 29.34 26.12 16.96
N LEU A 503 28.45 25.14 17.05
CA LEU A 503 27.03 25.34 16.78
C LEU A 503 26.31 25.63 18.11
N PRO A 504 25.26 26.48 18.08
CA PRO A 504 24.60 26.92 19.31
C PRO A 504 23.76 25.85 20.01
N ALA A 505 23.72 25.93 21.35
CA ALA A 505 22.84 25.08 22.17
C ALA A 505 21.37 25.43 21.93
N PRO A 506 20.45 24.50 22.24
CA PRO A 506 19.08 24.65 21.74
C PRO A 506 18.27 25.76 22.41
N SER A 507 18.73 26.29 23.53
CA SER A 507 18.11 27.43 24.19
C SER A 507 19.10 28.59 24.38
N ASP A 508 19.99 28.78 23.40
CA ASP A 508 20.96 29.90 23.43
C ASP A 508 20.34 31.22 22.95
N PHE A 509 19.36 31.14 22.06
CA PHE A 509 18.67 32.34 21.52
C PHE A 509 17.41 32.73 22.30
N LYS A 510 17.06 31.96 23.32
CA LYS A 510 15.82 32.19 24.09
C LYS A 510 15.95 33.38 25.03
N CYS A 511 14.96 34.26 24.98
CA CYS A 511 14.90 35.47 25.80
C CYS A 511 14.26 35.14 27.15
N PRO A 512 14.74 35.77 28.24
CA PRO A 512 13.99 35.68 29.51
C PRO A 512 12.64 36.40 29.44
N ILE A 513 11.62 35.78 30.02
CA ILE A 513 10.24 36.28 29.97
C ILE A 513 9.95 37.09 31.24
N LYS A 514 9.95 38.42 31.11
CA LYS A 514 9.76 39.31 32.26
C LYS A 514 8.31 39.34 32.77
N GLU A 515 7.37 39.40 31.83
CA GLU A 515 5.95 39.61 32.14
C GLU A 515 5.09 38.67 31.28
N GLU A 516 4.07 38.07 31.89
CA GLU A 516 3.01 37.37 31.15
C GLU A 516 1.68 37.59 31.86
N ILE A 517 1.04 38.72 31.57
CA ILE A 517 -0.31 39.03 32.05
C ILE A 517 -1.32 38.45 31.07
N ALA A 518 -2.23 37.61 31.56
CA ALA A 518 -3.36 37.15 30.75
C ALA A 518 -4.44 38.24 30.69
N ILE A 519 -4.69 38.77 29.49
CA ILE A 519 -5.68 39.84 29.27
C ILE A 519 -7.11 39.29 29.35
N THR A 520 -7.33 38.13 28.74
CA THR A 520 -8.62 37.44 28.81
C THR A 520 -8.44 36.04 29.38
N SER A 521 -9.54 35.44 29.81
CA SER A 521 -9.56 34.07 30.34
C SER A 521 -10.99 33.56 30.48
N GLY A 522 -11.18 32.25 30.32
CA GLY A 522 -12.48 31.61 30.47
C GLY A 522 -12.67 30.40 29.57
N GLU A 523 -13.88 29.85 29.60
CA GLU A 523 -14.25 28.66 28.82
C GLU A 523 -14.76 29.08 27.43
N TRP A 524 -13.95 29.84 26.72
CA TRP A 524 -14.34 30.42 25.42
C TRP A 524 -13.08 30.91 24.70
N GLU A 525 -13.22 31.27 23.42
CA GLU A 525 -12.05 31.66 22.60
C GLU A 525 -12.15 33.05 21.99
N VAL A 526 -10.98 33.66 21.83
CA VAL A 526 -10.75 34.83 21.00
C VAL A 526 -10.47 34.33 19.58
N LEU A 527 -11.02 35.03 18.59
CA LEU A 527 -10.90 34.64 17.18
C LEU A 527 -9.79 35.41 16.53
N GLY A 528 -8.95 34.71 15.76
CA GLY A 528 -7.82 35.31 15.05
C GLY A 528 -7.60 34.78 13.63
N ARG A 529 -8.66 34.28 13.01
CA ARG A 529 -8.59 33.68 11.68
C ARG A 529 -9.77 34.14 10.82
N HIS A 530 -9.63 33.98 9.51
CA HIS A 530 -10.64 34.33 8.51
C HIS A 530 -10.97 35.85 8.43
N GLY A 531 -10.07 36.70 8.93
CA GLY A 531 -10.32 38.14 8.99
C GLY A 531 -10.37 38.69 10.40
N SER A 532 -10.72 37.84 11.37
CA SER A 532 -10.76 38.23 12.79
C SER A 532 -9.35 38.50 13.29
N ASN A 533 -9.24 39.51 14.15
CA ASN A 533 -7.97 39.95 14.70
C ASN A 533 -8.24 40.78 15.96
N ILE A 534 -7.34 41.70 16.27
CA ILE A 534 -7.52 42.65 17.33
C ILE A 534 -7.25 44.06 16.81
N GLN A 535 -7.60 45.03 17.62
CA GLN A 535 -7.34 46.43 17.31
C GLN A 535 -6.97 47.04 18.64
N VAL A 536 -5.76 47.57 18.72
CA VAL A 536 -5.24 48.15 19.95
C VAL A 536 -5.52 49.64 19.95
N ASP A 537 -5.98 50.16 21.08
CA ASP A 537 -6.14 51.59 21.32
C ASP A 537 -5.06 52.00 22.32
N GLU A 538 -3.91 52.45 21.82
CA GLU A 538 -2.75 52.77 22.68
C GLU A 538 -2.94 54.02 23.57
N VAL A 539 -3.88 54.89 23.20
CA VAL A 539 -4.21 56.09 24.01
C VAL A 539 -4.92 55.64 25.28
N ARG A 540 -6.05 54.97 25.12
CA ARG A 540 -6.84 54.44 26.24
C ARG A 540 -6.34 53.11 26.79
N ARG A 541 -5.32 52.54 26.16
CA ARG A 541 -4.68 51.29 26.59
C ARG A 541 -5.69 50.13 26.67
N LEU A 542 -6.47 50.01 25.59
CA LEU A 542 -7.50 48.98 25.41
C LEU A 542 -7.13 48.08 24.25
N VAL A 543 -7.93 47.03 24.06
CA VAL A 543 -7.82 46.15 22.90
C VAL A 543 -9.19 45.56 22.58
N TYR A 544 -9.62 45.75 21.33
CA TYR A 544 -10.87 45.21 20.82
C TYR A 544 -10.61 43.81 20.23
N PHE A 545 -11.58 42.91 20.29
CA PHE A 545 -11.44 41.56 19.73
C PHE A 545 -12.78 40.86 19.54
N GLU A 546 -12.80 39.84 18.68
CA GLU A 546 -13.99 39.02 18.49
C GLU A 546 -13.90 37.78 19.35
N GLY A 547 -15.04 37.29 19.84
CA GLY A 547 -15.05 36.11 20.70
C GLY A 547 -16.37 35.38 20.83
N THR A 548 -16.27 34.18 21.42
CA THR A 548 -17.42 33.31 21.68
C THR A 548 -17.86 33.31 23.15
N LYS A 549 -17.48 34.34 23.90
CA LYS A 549 -17.74 34.38 25.35
C LYS A 549 -19.22 34.25 25.66
N ASP A 550 -20.04 35.00 24.95
CA ASP A 550 -21.48 34.96 25.17
C ASP A 550 -22.10 33.64 24.71
N SER A 551 -21.58 33.07 23.63
CA SER A 551 -22.06 31.77 23.13
C SER A 551 -21.10 31.20 22.09
N PRO A 552 -20.99 29.85 22.00
CA PRO A 552 -20.31 29.26 20.85
C PRO A 552 -21.08 29.46 19.54
N LEU A 553 -22.38 29.69 19.65
CA LEU A 553 -23.24 29.93 18.49
C LEU A 553 -23.23 31.38 17.97
N GLU A 554 -22.61 32.31 18.70
CA GLU A 554 -22.58 33.71 18.28
C GLU A 554 -21.19 34.30 18.48
N HIS A 555 -20.68 34.93 17.43
CA HIS A 555 -19.42 35.68 17.51
C HIS A 555 -19.83 37.09 17.91
N HIS A 556 -19.05 37.71 18.80
CA HIS A 556 -19.35 39.06 19.31
C HIS A 556 -18.08 39.88 19.47
N LEU A 557 -18.25 41.20 19.41
CA LEU A 557 -17.14 42.14 19.60
C LEU A 557 -17.04 42.51 21.08
N TYR A 558 -15.82 42.54 21.59
CA TYR A 558 -15.54 42.89 22.97
C TYR A 558 -14.36 43.86 23.07
N VAL A 559 -14.24 44.57 24.19
CA VAL A 559 -13.10 45.43 24.49
C VAL A 559 -12.64 45.24 25.94
N VAL A 560 -11.36 45.43 26.20
CA VAL A 560 -10.79 45.23 27.54
C VAL A 560 -9.41 45.89 27.66
N SER A 561 -9.08 46.38 28.85
CA SER A 561 -7.76 46.98 29.09
C SER A 561 -6.69 45.91 29.07
N TYR A 562 -5.58 46.19 28.38
CA TYR A 562 -4.39 45.34 28.43
C TYR A 562 -3.46 45.68 29.61
N VAL A 563 -3.69 46.83 30.27
CA VAL A 563 -2.90 47.26 31.42
C VAL A 563 -3.37 46.56 32.70
N ASN A 564 -4.58 46.91 33.14
CA ASN A 564 -5.22 46.32 34.31
C ASN A 564 -6.40 45.54 33.80
N PRO A 565 -6.17 44.30 33.33
CA PRO A 565 -7.25 43.57 32.66
C PRO A 565 -8.38 43.21 33.62
N GLY A 566 -9.47 43.95 33.52
CA GLY A 566 -10.66 43.74 34.34
C GLY A 566 -11.71 43.00 33.53
N GLU A 567 -12.95 43.46 33.62
CA GLU A 567 -14.05 42.80 32.92
C GLU A 567 -14.03 43.09 31.43
N VAL A 568 -14.67 42.19 30.70
CA VAL A 568 -14.70 42.22 29.26
C VAL A 568 -16.03 42.87 28.82
N THR A 569 -15.98 44.14 28.43
CA THR A 569 -17.16 44.86 27.94
C THR A 569 -17.58 44.38 26.54
N ARG A 570 -18.76 43.77 26.42
CA ARG A 570 -19.32 43.39 25.11
C ARG A 570 -19.93 44.60 24.40
N LEU A 571 -19.77 44.66 23.08
CA LEU A 571 -20.25 45.79 22.27
C LEU A 571 -21.38 45.44 21.30
N THR A 572 -21.43 44.20 20.82
CA THR A 572 -22.46 43.77 19.88
C THR A 572 -23.69 43.17 20.58
N ASP A 573 -24.87 43.39 20.01
CA ASP A 573 -26.14 42.99 20.64
C ASP A 573 -26.40 41.50 20.52
N ARG A 574 -26.68 40.84 21.65
CA ARG A 574 -27.02 39.42 21.69
C ARG A 574 -28.20 39.06 20.77
N GLY A 575 -28.18 37.84 20.25
CA GLY A 575 -29.22 37.35 19.33
C GLY A 575 -28.83 37.31 17.85
N TYR A 576 -27.70 37.92 17.52
CA TYR A 576 -27.07 37.80 16.20
C TYR A 576 -25.63 37.33 16.39
N SER A 577 -25.05 36.76 15.33
CA SER A 577 -23.61 36.52 15.23
C SER A 577 -23.02 37.67 14.44
N HIS A 578 -21.81 38.11 14.78
CA HIS A 578 -21.24 39.34 14.24
C HIS A 578 -19.85 39.15 13.64
N SER A 579 -19.60 39.83 12.52
CA SER A 579 -18.27 39.91 11.93
C SER A 579 -17.89 41.37 11.87
N CYS A 580 -17.08 41.79 12.85
CA CYS A 580 -16.81 43.21 13.08
C CYS A 580 -15.45 43.66 12.58
N CYS A 581 -15.25 44.97 12.60
CA CYS A 581 -14.04 45.61 12.10
C CYS A 581 -13.99 47.04 12.65
N ILE A 582 -12.88 47.41 13.31
CA ILE A 582 -12.77 48.69 14.04
C ILE A 582 -11.98 49.71 13.23
N SER A 583 -12.47 50.95 13.20
CA SER A 583 -11.74 52.09 12.61
C SER A 583 -10.37 52.21 13.21
N GLN A 584 -9.36 52.46 12.38
CA GLN A 584 -7.99 52.67 12.86
C GLN A 584 -7.87 53.80 13.90
N HIS A 585 -8.83 54.73 13.89
CA HIS A 585 -8.94 55.79 14.91
C HIS A 585 -9.79 55.40 16.14
N CYS A 586 -10.05 54.10 16.32
CA CYS A 586 -10.76 53.53 17.49
C CYS A 586 -11.97 54.32 18.01
N ASP A 587 -12.74 54.89 17.07
CA ASP A 587 -13.92 55.66 17.39
C ASP A 587 -15.15 55.23 16.58
N PHE A 588 -15.07 54.07 15.94
CA PHE A 588 -16.13 53.54 15.08
C PHE A 588 -15.93 52.04 14.94
N PHE A 589 -17.00 51.31 14.69
CA PHE A 589 -16.88 49.93 14.22
C PHE A 589 -18.08 49.57 13.36
N ILE A 590 -17.84 48.60 12.48
CA ILE A 590 -18.83 48.15 11.53
C ILE A 590 -19.08 46.70 11.84
N SER A 591 -20.35 46.31 11.92
CA SER A 591 -20.71 44.92 12.19
C SER A 591 -21.49 44.41 11.02
N LYS A 592 -21.05 43.27 10.48
CA LYS A 592 -21.81 42.47 9.54
C LYS A 592 -22.40 41.34 10.37
N TYR A 593 -23.72 41.34 10.52
CA TYR A 593 -24.39 40.40 11.40
C TYR A 593 -25.68 39.83 10.83
N SER A 594 -26.02 38.65 11.32
CA SER A 594 -27.24 37.98 10.95
C SER A 594 -27.66 37.02 12.06
N ASN A 595 -28.80 36.39 11.85
CA ASN A 595 -29.23 35.26 12.69
C ASN A 595 -30.05 34.29 11.84
N GLN A 596 -30.46 33.19 12.47
CA GLN A 596 -31.12 32.10 11.77
C GLN A 596 -32.33 32.56 10.92
N LYS A 597 -33.07 33.56 11.42
CA LYS A 597 -34.24 34.13 10.75
C LYS A 597 -33.97 35.37 9.86
N ASN A 598 -32.96 36.17 10.22
CA ASN A 598 -32.68 37.46 9.55
C ASN A 598 -31.43 37.40 8.68
N PRO A 599 -31.51 37.77 7.38
CA PRO A 599 -30.31 37.83 6.53
C PRO A 599 -29.23 38.80 6.99
N HIS A 600 -28.04 38.63 6.43
CA HIS A 600 -26.87 39.45 6.76
C HIS A 600 -27.12 40.93 6.48
N CYS A 601 -26.47 41.80 7.26
CA CYS A 601 -26.56 43.25 7.06
C CYS A 601 -25.41 43.97 7.75
N VAL A 602 -24.89 45.03 7.13
CA VAL A 602 -23.68 45.70 7.59
C VAL A 602 -24.04 47.09 8.09
N SER A 603 -23.70 47.37 9.35
CA SER A 603 -24.10 48.62 10.01
C SER A 603 -22.92 49.26 10.74
N LEU A 604 -22.97 50.59 10.84
CA LEU A 604 -21.90 51.40 11.42
C LEU A 604 -22.31 51.89 12.80
N TYR A 605 -21.41 51.74 13.77
CA TYR A 605 -21.66 52.14 15.15
C TYR A 605 -20.55 53.06 15.63
N LYS A 606 -20.91 54.20 16.20
CA LYS A 606 -19.93 55.14 16.73
C LYS A 606 -19.58 54.80 18.17
N LEU A 607 -18.28 54.70 18.46
CA LEU A 607 -17.77 54.47 19.80
C LEU A 607 -17.50 55.78 20.53
N SER A 608 -17.68 55.76 21.85
CA SER A 608 -17.35 56.90 22.71
C SER A 608 -17.32 56.46 24.17
N SER A 609 -16.77 57.34 25.02
CA SER A 609 -16.59 57.05 26.44
C SER A 609 -17.28 58.12 27.30
N PRO A 610 -17.70 57.74 28.51
CA PRO A 610 -18.06 58.74 29.52
C PRO A 610 -16.88 59.64 29.85
N GLU A 611 -17.17 60.89 30.22
CA GLU A 611 -16.12 61.86 30.56
C GLU A 611 -15.27 61.40 31.76
N ASP A 612 -15.90 60.71 32.72
CA ASP A 612 -15.22 60.28 33.95
C ASP A 612 -14.31 59.04 33.83
N ASP A 613 -14.41 58.28 32.74
CA ASP A 613 -13.70 57.01 32.63
C ASP A 613 -13.52 56.64 31.15
N PRO A 614 -12.32 56.88 30.58
CA PRO A 614 -12.10 56.50 29.18
C PRO A 614 -11.98 54.98 28.92
N THR A 615 -11.64 54.18 29.94
CA THR A 615 -11.67 52.70 29.84
C THR A 615 -13.03 52.17 29.40
N CYS A 616 -14.10 52.71 29.97
CA CYS A 616 -15.46 52.29 29.63
C CYS A 616 -15.85 52.81 28.26
N LYS A 617 -16.15 51.88 27.35
CA LYS A 617 -16.62 52.23 26.02
C LYS A 617 -18.09 51.89 25.89
N THR A 618 -18.83 52.75 25.19
CA THR A 618 -20.23 52.51 24.83
C THR A 618 -20.40 52.83 23.35
N LYS A 619 -21.50 52.36 22.78
CA LYS A 619 -21.73 52.47 21.35
C LYS A 619 -23.08 53.07 21.02
N GLU A 620 -23.14 53.85 19.94
CA GLU A 620 -24.39 54.40 19.40
C GLU A 620 -24.48 54.04 17.92
N PHE A 621 -25.67 53.65 17.46
CA PHE A 621 -25.89 53.40 16.04
C PHE A 621 -25.75 54.69 15.28
N TRP A 622 -25.00 54.66 14.16
CA TRP A 622 -24.78 55.83 13.32
C TRP A 622 -25.53 55.70 12.01
N ALA A 623 -25.19 54.67 11.24
CA ALA A 623 -25.80 54.47 9.93
C ALA A 623 -25.69 53.05 9.44
N THR A 624 -26.49 52.74 8.44
CA THR A 624 -26.48 51.44 7.78
C THR A 624 -25.62 51.54 6.51
N ILE A 625 -24.70 50.59 6.35
CA ILE A 625 -23.87 50.50 5.14
C ILE A 625 -24.55 49.57 4.14
N LEU A 626 -25.06 48.44 4.61
CA LEU A 626 -25.88 47.55 3.78
C LEU A 626 -27.12 47.12 4.55
N ASP A 627 -28.28 47.31 3.92
CA ASP A 627 -29.57 47.00 4.53
C ASP A 627 -29.83 45.50 4.33
N SER A 628 -30.62 44.91 5.23
CA SER A 628 -30.99 43.49 5.12
C SER A 628 -31.97 43.30 3.96
N ALA A 629 -31.91 42.12 3.34
CA ALA A 629 -32.87 41.78 2.28
C ALA A 629 -34.28 41.49 2.82
N GLY A 630 -34.40 41.16 4.12
CA GLY A 630 -35.67 40.76 4.74
C GLY A 630 -35.91 39.26 4.56
N PRO A 631 -36.84 38.67 5.33
CA PRO A 631 -37.05 37.21 5.26
C PRO A 631 -37.51 36.71 3.87
N LEU A 632 -36.88 35.64 3.38
CA LEU A 632 -37.18 35.09 2.04
C LEU A 632 -38.49 34.31 2.11
N PRO A 633 -39.46 34.58 1.20
CA PRO A 633 -40.77 33.89 1.21
C PRO A 633 -40.76 32.35 1.35
N ASP A 634 -40.00 31.66 0.50
CA ASP A 634 -39.89 30.20 0.54
C ASP A 634 -39.18 29.65 1.77
N TYR A 635 -38.17 30.37 2.27
CA TYR A 635 -37.23 29.85 3.26
C TYR A 635 -37.78 29.78 4.69
N THR A 636 -37.97 28.55 5.17
CA THR A 636 -38.20 28.28 6.60
C THR A 636 -36.84 27.86 7.19
N PRO A 637 -36.32 28.63 8.17
CA PRO A 637 -35.03 28.27 8.76
C PRO A 637 -35.11 27.07 9.72
N PRO A 638 -33.96 26.47 10.05
CA PRO A 638 -33.89 25.37 10.99
C PRO A 638 -33.86 25.80 12.45
N GLU A 639 -34.19 24.87 13.33
CA GLU A 639 -34.13 25.07 14.77
C GLU A 639 -32.80 24.54 15.31
N ILE A 640 -32.09 25.37 16.06
CA ILE A 640 -30.88 24.91 16.73
C ILE A 640 -31.29 24.08 17.95
N PHE A 641 -30.68 22.91 18.11
CA PHE A 641 -30.88 22.07 19.29
C PHE A 641 -29.54 21.66 19.88
N SER A 642 -29.57 21.23 21.15
CA SER A 642 -28.39 20.66 21.80
C SER A 642 -28.76 19.44 22.65
N PHE A 643 -27.77 18.55 22.81
CA PHE A 643 -27.92 17.33 23.60
C PHE A 643 -26.61 17.01 24.32
N GLU A 644 -26.72 16.49 25.55
CA GLU A 644 -25.54 16.08 26.32
C GLU A 644 -25.08 14.73 25.80
N SER A 645 -23.84 14.66 25.36
CA SER A 645 -23.28 13.44 24.79
C SER A 645 -22.76 12.55 25.91
N THR A 646 -22.63 11.25 25.60
CA THR A 646 -21.96 10.27 26.47
C THR A 646 -20.45 10.50 26.53
N THR A 647 -19.94 11.36 25.64
CA THR A 647 -18.56 11.80 25.62
C THR A 647 -18.25 12.91 26.65
N GLY A 648 -19.29 13.47 27.27
CA GLY A 648 -19.13 14.52 28.28
C GLY A 648 -19.05 15.92 27.70
N PHE A 649 -19.64 16.10 26.51
CA PHE A 649 -19.66 17.38 25.79
C PHE A 649 -21.07 17.67 25.33
N THR A 650 -21.44 18.95 25.32
CA THR A 650 -22.68 19.38 24.68
C THR A 650 -22.41 19.52 23.18
N LEU A 651 -23.13 18.76 22.37
CA LEU A 651 -23.04 18.89 20.91
C LEU A 651 -24.25 19.65 20.39
N TYR A 652 -24.03 20.58 19.47
CA TYR A 652 -25.12 21.35 18.87
C TYR A 652 -25.49 20.81 17.48
N GLY A 653 -26.78 20.94 17.16
CA GLY A 653 -27.32 20.49 15.88
C GLY A 653 -28.25 21.53 15.25
N MET A 654 -28.62 21.29 13.99
CA MET A 654 -29.65 22.06 13.30
C MET A 654 -30.63 21.05 12.75
N LEU A 655 -31.92 21.41 12.79
CA LEU A 655 -32.99 20.55 12.31
C LEU A 655 -33.91 21.32 11.38
N TYR A 656 -34.02 20.87 10.13
CA TYR A 656 -35.01 21.35 9.19
C TYR A 656 -36.14 20.32 9.24
N LYS A 657 -37.25 20.67 9.88
CA LYS A 657 -38.44 19.82 9.87
C LYS A 657 -39.03 19.80 8.45
N PRO A 658 -39.63 18.66 8.03
CA PRO A 658 -40.29 18.67 6.73
C PRO A 658 -41.43 19.67 6.67
N HIS A 659 -41.55 20.36 5.53
CA HIS A 659 -42.61 21.36 5.34
C HIS A 659 -43.94 20.64 5.18
N ASP A 660 -45.01 21.25 5.69
CA ASP A 660 -46.36 20.67 5.64
C ASP A 660 -46.37 19.31 6.34
N LEU A 661 -46.02 19.33 7.63
CA LEU A 661 -45.77 18.10 8.40
C LEU A 661 -47.06 17.34 8.68
N GLN A 662 -47.14 16.10 8.19
CA GLN A 662 -48.34 15.26 8.33
C GLN A 662 -48.39 14.66 9.74
N PRO A 663 -49.61 14.51 10.32
CA PRO A 663 -49.71 13.88 11.62
C PRO A 663 -49.65 12.36 11.47
N GLY A 664 -48.79 11.72 12.28
CA GLY A 664 -48.65 10.25 12.26
C GLY A 664 -47.58 9.68 11.34
N LYS A 665 -47.23 10.41 10.27
CA LYS A 665 -46.27 9.91 9.27
C LYS A 665 -44.80 10.21 9.61
N LYS A 666 -43.91 9.41 9.03
CA LYS A 666 -42.46 9.50 9.24
C LYS A 666 -41.77 9.68 7.89
N TYR A 667 -40.66 10.42 7.90
CA TYR A 667 -40.05 10.98 6.69
C TYR A 667 -38.60 10.55 6.51
N PRO A 668 -38.12 10.51 5.24
CA PRO A 668 -36.71 10.17 4.97
C PRO A 668 -35.80 11.28 5.46
N THR A 669 -34.59 10.92 5.87
CA THR A 669 -33.74 11.85 6.62
C THR A 669 -32.31 12.01 6.04
N VAL A 670 -32.01 13.21 5.57
CA VAL A 670 -30.71 13.56 5.03
C VAL A 670 -29.85 14.20 6.12
N LEU A 671 -28.74 13.54 6.45
CA LEU A 671 -27.74 14.11 7.34
C LEU A 671 -26.71 14.80 6.46
N PHE A 672 -26.69 16.13 6.51
CA PHE A 672 -25.64 16.91 5.88
C PHE A 672 -24.54 17.10 6.91
N ILE A 673 -23.29 16.97 6.45
CA ILE A 673 -22.15 16.92 7.37
C ILE A 673 -20.90 17.53 6.75
N TYR A 674 -20.12 18.23 7.57
CA TYR A 674 -18.71 18.49 7.27
C TYR A 674 -17.90 17.68 8.30
N GLY A 675 -17.92 18.12 9.56
CA GLY A 675 -17.36 17.33 10.67
C GLY A 675 -15.85 17.26 10.85
N GLY A 676 -15.10 17.94 9.97
CA GLY A 676 -13.67 18.12 10.14
C GLY A 676 -13.32 19.35 10.97
N PRO A 677 -12.00 19.58 11.17
CA PRO A 677 -11.51 20.73 11.92
C PRO A 677 -11.62 22.03 11.13
N GLN A 678 -11.47 23.14 11.85
CA GLN A 678 -11.52 24.49 11.30
C GLN A 678 -12.92 24.91 10.78
N VAL A 679 -13.97 24.20 11.19
CA VAL A 679 -15.33 24.45 10.69
C VAL A 679 -16.38 24.29 11.79
N GLN A 680 -17.42 25.12 11.71
CA GLN A 680 -18.60 25.03 12.57
C GLN A 680 -19.82 25.32 11.69
N LEU A 681 -20.59 24.29 11.33
CA LEU A 681 -21.81 24.49 10.54
C LEU A 681 -23.00 25.03 11.36
N VAL A 682 -23.15 24.50 12.57
CA VAL A 682 -24.25 24.83 13.45
C VAL A 682 -23.88 26.05 14.28
N ASN A 683 -24.45 27.19 13.90
CA ASN A 683 -24.41 28.43 14.69
C ASN A 683 -25.50 29.41 14.23
N ASN A 684 -25.66 30.51 14.96
CA ASN A 684 -26.77 31.44 14.76
C ASN A 684 -26.47 32.51 13.70
N ARG A 685 -26.33 32.07 12.45
CA ARG A 685 -26.18 32.96 11.30
C ARG A 685 -27.26 32.58 10.29
N PHE A 686 -27.43 33.38 9.26
CA PHE A 686 -28.45 33.11 8.25
C PHE A 686 -27.94 32.05 7.30
N LYS A 687 -28.69 30.95 7.18
CA LYS A 687 -28.29 29.83 6.33
C LYS A 687 -29.10 29.75 5.04
N GLY A 688 -29.88 30.78 4.74
CA GLY A 688 -30.75 30.79 3.57
C GLY A 688 -30.04 31.01 2.25
N VAL A 689 -28.81 31.53 2.31
CA VAL A 689 -28.01 31.77 1.12
C VAL A 689 -27.23 30.51 0.77
N LYS A 690 -26.39 30.09 1.71
CA LYS A 690 -25.39 29.06 1.46
C LYS A 690 -25.99 27.66 1.51
N TYR A 691 -26.80 27.39 2.52
CA TYR A 691 -27.49 26.09 2.69
C TYR A 691 -28.97 26.23 2.39
N PHE A 692 -29.26 26.80 1.22
CA PHE A 692 -30.64 26.98 0.75
C PHE A 692 -31.27 25.65 0.39
N ARG A 693 -30.51 24.77 -0.26
CA ARG A 693 -31.04 23.49 -0.71
C ARG A 693 -31.36 22.48 0.41
N LEU A 694 -30.90 22.75 1.63
CA LEU A 694 -31.34 21.99 2.79
C LEU A 694 -32.81 22.33 3.12
N ASN A 695 -33.17 23.61 2.96
CA ASN A 695 -34.57 24.04 3.02
C ASN A 695 -35.41 23.48 1.87
N THR A 696 -34.85 23.45 0.66
CA THR A 696 -35.52 22.83 -0.49
C THR A 696 -35.78 21.34 -0.25
N LEU A 697 -34.82 20.65 0.38
CA LEU A 697 -34.99 19.24 0.76
C LEU A 697 -36.13 19.08 1.76
N ALA A 698 -36.24 20.01 2.72
CA ALA A 698 -37.38 20.04 3.64
C ALA A 698 -38.73 20.22 2.90
N SER A 699 -38.77 21.12 1.92
CA SER A 699 -39.99 21.34 1.11
C SER A 699 -40.38 20.12 0.27
N LEU A 700 -39.40 19.32 -0.15
CA LEU A 700 -39.64 18.07 -0.89
C LEU A 700 -39.92 16.85 0.00
N GLY A 701 -39.89 17.03 1.32
CA GLY A 701 -40.31 16.00 2.28
C GLY A 701 -39.24 15.38 3.15
N TYR A 702 -37.96 15.70 2.92
CA TYR A 702 -36.87 15.09 3.69
C TYR A 702 -36.70 15.84 5.03
N VAL A 703 -36.39 15.09 6.08
CA VAL A 703 -35.88 15.68 7.33
C VAL A 703 -34.40 15.96 7.06
N VAL A 704 -33.92 17.12 7.46
CA VAL A 704 -32.51 17.44 7.25
C VAL A 704 -31.89 17.75 8.60
N VAL A 705 -30.76 17.09 8.87
CA VAL A 705 -30.04 17.21 10.14
C VAL A 705 -28.59 17.59 9.89
N VAL A 706 -28.08 18.53 10.70
CA VAL A 706 -26.69 18.94 10.69
C VAL A 706 -26.22 18.92 12.14
N ILE A 707 -25.09 18.28 12.41
CA ILE A 707 -24.56 18.13 13.76
C ILE A 707 -23.07 18.45 13.78
N ASP A 708 -22.66 19.42 14.59
CA ASP A 708 -21.23 19.72 14.78
C ASP A 708 -20.64 18.75 15.79
N ASN A 709 -20.05 17.67 15.27
CA ASN A 709 -19.37 16.68 16.10
C ASN A 709 -18.08 17.21 16.70
N ARG A 710 -17.42 16.37 17.51
CA ARG A 710 -16.12 16.69 18.09
C ARG A 710 -15.07 16.79 17.00
N GLY A 711 -14.14 17.72 17.18
CA GLY A 711 -13.19 18.09 16.13
C GLY A 711 -13.52 19.42 15.50
N SER A 712 -14.81 19.79 15.51
CA SER A 712 -15.26 21.09 15.03
C SER A 712 -14.64 22.20 15.90
N CYS A 713 -14.59 23.41 15.34
CA CYS A 713 -13.96 24.54 16.03
C CYS A 713 -14.97 25.35 16.86
N HIS A 714 -14.43 26.35 17.57
CA HIS A 714 -15.18 27.29 18.42
C HIS A 714 -15.61 26.73 19.79
N ARG A 715 -15.07 25.56 20.15
CA ARG A 715 -15.41 24.91 21.42
C ARG A 715 -14.23 24.63 22.34
N GLY A 716 -13.01 24.98 21.90
CA GLY A 716 -11.81 24.75 22.70
C GLY A 716 -10.88 23.82 21.98
N LEU A 717 -9.63 23.82 22.41
CA LEU A 717 -8.60 22.99 21.81
C LEU A 717 -8.76 21.52 22.18
N LYS A 718 -9.25 21.25 23.41
CA LYS A 718 -9.50 19.88 23.87
C LYS A 718 -10.63 19.22 23.07
N PHE A 719 -11.68 19.98 22.81
CA PHE A 719 -12.79 19.54 21.94
C PHE A 719 -12.29 19.25 20.53
N GLU A 720 -11.45 20.14 19.99
CA GLU A 720 -10.91 20.00 18.64
C GLU A 720 -9.95 18.81 18.54
N GLY A 721 -9.15 18.62 19.60
CA GLY A 721 -8.20 17.51 19.68
C GLY A 721 -8.76 16.11 19.94
N ALA A 722 -10.08 15.99 20.05
CA ALA A 722 -10.77 14.71 20.26
C ALA A 722 -10.34 13.61 19.27
N PHE A 723 -10.20 13.97 17.99
CA PHE A 723 -9.82 13.00 16.95
C PHE A 723 -8.34 13.00 16.55
N LYS A 724 -7.45 13.42 17.44
CA LYS A 724 -6.03 13.41 17.11
C LYS A 724 -5.57 11.98 16.92
N TYR A 725 -4.81 11.73 15.85
CA TYR A 725 -4.40 10.38 15.44
C TYR A 725 -5.57 9.42 15.14
N LYS A 726 -6.81 9.92 15.23
CA LYS A 726 -7.99 9.09 15.31
C LYS A 726 -9.03 9.54 14.26
N MET A 727 -8.57 10.09 13.12
CA MET A 727 -9.50 10.73 12.17
C MET A 727 -10.38 9.70 11.51
N GLY A 728 -11.65 10.06 11.34
CA GLY A 728 -12.70 9.17 10.84
C GLY A 728 -13.32 8.20 11.84
N GLN A 729 -12.71 8.06 13.03
CA GLN A 729 -13.07 6.99 13.97
C GLN A 729 -14.12 7.41 14.98
N ILE A 730 -14.20 8.70 15.29
CA ILE A 730 -15.10 9.22 16.35
C ILE A 730 -16.28 10.07 15.87
N GLU A 731 -16.22 10.58 14.64
CA GLU A 731 -17.12 11.64 14.18
C GLU A 731 -18.55 11.15 13.97
N ILE A 732 -18.67 9.93 13.43
CA ILE A 732 -19.98 9.35 13.12
C ILE A 732 -20.67 8.87 14.40
N ASP A 733 -19.89 8.48 15.39
CA ASP A 733 -20.43 8.15 16.72
C ASP A 733 -21.23 9.30 17.31
N ASP A 734 -20.73 10.53 17.10
CA ASP A 734 -21.45 11.74 17.51
C ASP A 734 -22.67 12.05 16.63
N GLN A 735 -22.52 11.85 15.33
CA GLN A 735 -23.61 12.08 14.38
C GLN A 735 -24.79 11.16 14.67
N VAL A 736 -24.49 9.88 14.90
CA VAL A 736 -25.52 8.87 15.19
C VAL A 736 -26.17 9.12 16.55
N GLU A 737 -25.39 9.59 17.52
CA GLU A 737 -25.91 9.97 18.83
C GLU A 737 -26.90 11.14 18.71
N GLY A 738 -26.49 12.18 17.98
CA GLY A 738 -27.39 13.28 17.65
C GLY A 738 -28.60 12.86 16.85
N LEU A 739 -28.40 11.95 15.90
CA LEU A 739 -29.51 11.46 15.07
C LEU A 739 -30.52 10.64 15.89
N GLN A 740 -30.04 9.91 16.89
CA GLN A 740 -30.91 9.13 17.79
C GLN A 740 -31.61 10.00 18.84
N TYR A 741 -30.90 10.97 19.41
CA TYR A 741 -31.52 11.96 20.31
C TYR A 741 -32.75 12.60 19.68
N LEU A 742 -32.67 12.92 18.39
CA LEU A 742 -33.83 13.44 17.65
C LEU A 742 -34.92 12.39 17.45
N ALA A 743 -34.54 11.17 17.08
CA ALA A 743 -35.53 10.09 16.87
C ALA A 743 -36.35 9.73 18.11
N SER A 744 -35.68 9.72 19.27
CA SER A 744 -36.34 9.46 20.55
C SER A 744 -37.26 10.62 20.97
N ARG A 745 -36.94 11.83 20.52
CA ARG A 745 -37.67 13.04 20.89
C ARG A 745 -38.57 13.58 19.75
N TYR A 746 -38.53 12.97 18.57
CA TYR A 746 -39.43 13.30 17.46
C TYR A 746 -39.69 12.03 16.66
N ASP A 747 -40.95 11.62 16.56
CA ASP A 747 -41.31 10.35 15.89
C ASP A 747 -41.59 10.51 14.38
N PHE A 748 -41.38 11.72 13.83
CA PHE A 748 -41.47 11.92 12.36
C PHE A 748 -40.15 11.64 11.62
N ILE A 749 -39.11 11.21 12.34
CA ILE A 749 -37.82 10.83 11.74
C ILE A 749 -37.83 9.32 11.46
N ASP A 750 -37.89 8.95 10.18
CA ASP A 750 -37.81 7.55 9.78
C ASP A 750 -36.34 7.11 9.75
N LEU A 751 -35.91 6.38 10.78
CA LEU A 751 -34.53 5.90 10.87
C LEU A 751 -34.19 4.77 9.90
N ASP A 752 -35.20 4.11 9.33
CA ASP A 752 -34.97 3.10 8.29
C ASP A 752 -34.53 3.69 6.94
N ARG A 753 -34.81 4.98 6.72
CA ARG A 753 -34.40 5.69 5.51
C ARG A 753 -33.59 6.95 5.83
N VAL A 754 -32.32 6.75 6.19
CA VAL A 754 -31.40 7.84 6.50
C VAL A 754 -30.27 7.90 5.48
N GLY A 755 -30.06 9.08 4.88
CA GLY A 755 -28.96 9.32 3.95
C GLY A 755 -27.96 10.29 4.54
N ILE A 756 -26.71 10.23 4.07
CA ILE A 756 -25.65 11.13 4.53
C ILE A 756 -24.92 11.72 3.32
N HIS A 757 -24.63 13.02 3.38
CA HIS A 757 -23.96 13.70 2.29
C HIS A 757 -23.04 14.81 2.77
N GLY A 758 -21.90 14.96 2.12
CA GLY A 758 -21.01 16.07 2.39
C GLY A 758 -19.94 16.20 1.32
N TRP A 759 -19.36 17.38 1.25
CA TRP A 759 -18.24 17.67 0.37
C TRP A 759 -16.97 17.74 1.17
N SER A 760 -15.84 17.55 0.49
CA SER A 760 -14.50 17.45 1.08
C SER A 760 -14.42 16.55 2.34
N TYR A 761 -14.19 17.11 3.53
CA TYR A 761 -14.16 16.32 4.77
C TYR A 761 -15.53 15.67 5.01
N GLY A 762 -16.60 16.41 4.73
CA GLY A 762 -17.95 15.88 4.75
C GLY A 762 -18.11 14.63 3.89
N GLY A 763 -17.49 14.62 2.71
CA GLY A 763 -17.49 13.46 1.82
C GLY A 763 -16.71 12.29 2.38
N TYR A 764 -15.58 12.60 3.03
CA TYR A 764 -14.79 11.62 3.77
C TYR A 764 -15.65 10.90 4.83
N LEU A 765 -16.33 11.68 5.67
CA LEU A 765 -17.20 11.12 6.70
C LEU A 765 -18.42 10.39 6.13
N SER A 766 -18.90 10.77 4.95
CA SER A 766 -19.98 10.04 4.29
C SER A 766 -19.59 8.59 3.97
N LEU A 767 -18.34 8.42 3.54
CA LEU A 767 -17.78 7.09 3.27
C LEU A 767 -17.57 6.31 4.57
N MET A 768 -17.03 6.98 5.58
CA MET A 768 -16.88 6.39 6.91
C MET A 768 -18.22 5.98 7.53
N ALA A 769 -19.26 6.76 7.27
CA ALA A 769 -20.61 6.46 7.78
C ALA A 769 -21.15 5.17 7.18
N LEU A 770 -21.08 5.05 5.85
CA LEU A 770 -21.53 3.83 5.14
C LEU A 770 -20.62 2.61 5.42
N MET A 771 -19.35 2.88 5.70
CA MET A 771 -18.41 1.81 6.01
C MET A 771 -18.68 1.32 7.43
N GLN A 772 -18.54 2.22 8.41
CA GLN A 772 -18.63 1.86 9.83
C GLN A 772 -20.03 1.49 10.30
N ARG A 773 -21.04 2.14 9.75
CA ARG A 773 -22.41 2.06 10.26
C ARG A 773 -23.42 1.95 9.11
N SER A 774 -23.26 0.93 8.26
CA SER A 774 -24.19 0.68 7.14
C SER A 774 -25.62 0.34 7.61
N ASP A 775 -25.73 -0.18 8.84
CA ASP A 775 -27.03 -0.43 9.48
C ASP A 775 -27.95 0.80 9.60
N ILE A 776 -27.36 1.98 9.87
CA ILE A 776 -28.13 3.22 10.00
C ILE A 776 -28.31 3.90 8.66
N PHE A 777 -27.20 4.14 7.96
CA PHE A 777 -27.19 4.96 6.73
C PHE A 777 -27.43 4.13 5.48
N ARG A 778 -28.55 4.40 4.80
CA ARG A 778 -28.91 3.68 3.55
C ARG A 778 -28.06 4.12 2.37
N VAL A 779 -27.93 5.43 2.18
CA VAL A 779 -27.14 5.99 1.08
C VAL A 779 -26.10 6.99 1.58
N ALA A 780 -24.93 6.96 0.95
CA ALA A 780 -23.88 7.96 1.20
C ALA A 780 -23.47 8.59 -0.14
N ILE A 781 -23.49 9.93 -0.19
CA ILE A 781 -23.05 10.70 -1.34
C ILE A 781 -21.80 11.47 -0.94
N ALA A 782 -20.65 10.97 -1.36
CA ALA A 782 -19.35 11.51 -0.93
C ALA A 782 -18.74 12.42 -1.98
N GLY A 783 -18.52 13.68 -1.61
CA GLY A 783 -17.95 14.69 -2.50
C GLY A 783 -16.49 15.00 -2.23
N ALA A 784 -15.66 14.86 -3.27
CA ALA A 784 -14.20 15.10 -3.19
C ALA A 784 -13.59 14.66 -1.87
N PRO A 785 -13.69 13.35 -1.55
CA PRO A 785 -13.17 12.83 -0.29
C PRO A 785 -11.68 12.45 -0.36
N VAL A 786 -10.95 12.59 0.74
CA VAL A 786 -9.66 11.91 0.88
C VAL A 786 -10.00 10.48 1.28
N THR A 787 -9.67 9.56 0.39
CA THR A 787 -9.85 8.15 0.65
C THR A 787 -8.58 7.52 1.21
N LEU A 788 -7.51 8.29 1.31
CA LEU A 788 -6.19 7.73 1.58
C LEU A 788 -5.23 8.82 2.12
N TRP A 789 -5.06 8.87 3.44
CA TRP A 789 -4.34 9.97 4.09
C TRP A 789 -2.88 10.16 3.65
N ILE A 790 -2.25 9.11 3.13
CA ILE A 790 -0.85 9.21 2.69
C ILE A 790 -0.62 10.14 1.47
N PHE A 791 -1.68 10.44 0.70
CA PHE A 791 -1.61 11.37 -0.45
C PHE A 791 -2.18 12.76 -0.19
N TYR A 792 -2.36 13.10 1.08
CA TYR A 792 -2.67 14.46 1.45
C TYR A 792 -1.39 15.10 2.00
N ASP A 793 -1.34 16.42 1.93
CA ASP A 793 -0.12 17.19 2.25
C ASP A 793 0.38 17.07 3.68
N THR A 794 1.61 17.55 3.89
CA THR A 794 2.29 17.48 5.18
C THR A 794 1.59 18.34 6.20
N GLY A 795 1.51 19.62 5.89
CA GLY A 795 0.98 20.64 6.79
C GLY A 795 -0.32 20.28 7.47
N TYR A 796 -1.25 19.68 6.72
CA TYR A 796 -2.55 19.31 7.27
C TYR A 796 -2.44 18.00 8.01
N THR A 797 -2.02 16.95 7.30
CA THR A 797 -2.11 15.59 7.83
C THR A 797 -1.25 15.39 9.07
N GLU A 798 0.01 15.76 9.00
CA GLU A 798 0.93 15.61 10.15
C GLU A 798 0.47 16.35 11.43
N ARG A 799 -0.35 17.39 11.27
CA ARG A 799 -0.89 18.17 12.40
C ARG A 799 -1.93 17.39 13.18
N TYR A 800 -2.82 16.71 12.48
CA TYR A 800 -3.90 15.96 13.10
C TYR A 800 -3.61 14.47 13.23
N MET A 801 -2.63 13.96 12.49
CA MET A 801 -2.38 12.53 12.44
C MET A 801 -0.93 12.09 12.69
N GLY A 802 0.01 13.02 12.80
CA GLY A 802 1.43 12.69 12.98
C GLY A 802 2.03 12.01 11.77
N HIS A 803 3.26 11.52 11.92
CA HIS A 803 3.96 10.84 10.83
C HIS A 803 3.32 9.44 10.64
N PRO A 804 3.13 8.98 9.38
CA PRO A 804 2.54 7.65 9.17
C PRO A 804 3.24 6.46 9.84
N ASP A 805 4.53 6.59 10.12
CA ASP A 805 5.30 5.55 10.83
C ASP A 805 4.91 5.47 12.31
N GLN A 806 4.57 6.62 12.91
CA GLN A 806 4.13 6.70 14.31
C GLN A 806 2.62 6.55 14.51
N ASN A 807 1.87 6.19 13.47
CA ASN A 807 0.41 6.06 13.59
C ASN A 807 -0.12 5.09 12.52
N GLU A 808 0.51 3.93 12.43
CA GLU A 808 0.18 2.95 11.38
C GLU A 808 -1.30 2.58 11.40
N GLN A 809 -1.88 2.45 12.59
CA GLN A 809 -3.28 2.05 12.73
C GLN A 809 -4.25 3.20 12.49
N GLY A 810 -3.91 4.40 12.95
CA GLY A 810 -4.74 5.59 12.69
C GLY A 810 -4.89 5.88 11.21
N TYR A 811 -3.75 5.81 10.51
CA TYR A 811 -3.71 5.98 9.05
C TYR A 811 -4.47 4.88 8.31
N TYR A 812 -4.28 3.62 8.72
CA TYR A 812 -5.04 2.50 8.14
C TYR A 812 -6.53 2.73 8.35
N LEU A 813 -6.92 2.85 9.61
CA LEU A 813 -8.34 3.01 9.98
C LEU A 813 -8.96 4.27 9.39
N GLY A 814 -8.16 5.33 9.23
CA GLY A 814 -8.61 6.58 8.61
C GLY A 814 -8.67 6.65 7.09
N SER A 815 -8.24 5.60 6.39
CA SER A 815 -8.19 5.59 4.93
C SER A 815 -9.24 4.62 4.39
N VAL A 816 -10.36 5.15 3.90
CA VAL A 816 -11.43 4.26 3.36
C VAL A 816 -11.01 3.39 2.18
N ALA A 817 -9.98 3.81 1.43
CA ALA A 817 -9.44 3.01 0.31
C ALA A 817 -8.75 1.72 0.76
N MET A 818 -8.10 1.76 1.93
CA MET A 818 -7.50 0.56 2.53
C MET A 818 -8.54 -0.43 3.06
N GLN A 819 -9.80 -0.02 3.16
CA GLN A 819 -10.86 -0.83 3.73
C GLN A 819 -12.05 -0.95 2.78
N ALA A 820 -11.77 -1.11 1.48
CA ALA A 820 -12.84 -1.24 0.47
C ALA A 820 -13.72 -2.48 0.66
N GLU A 821 -13.18 -3.54 1.26
CA GLU A 821 -13.96 -4.75 1.57
C GLU A 821 -15.16 -4.51 2.51
N LYS A 822 -15.10 -3.45 3.31
CA LYS A 822 -16.17 -3.12 4.27
C LYS A 822 -17.31 -2.26 3.68
N PHE A 823 -17.32 -2.04 2.37
CA PHE A 823 -18.44 -1.35 1.72
C PHE A 823 -19.56 -2.34 1.38
N PRO A 824 -20.82 -1.86 1.35
CA PRO A 824 -21.96 -2.75 1.05
C PRO A 824 -21.89 -3.44 -0.31
N SER A 825 -22.50 -4.62 -0.38
CA SER A 825 -22.66 -5.38 -1.61
C SER A 825 -24.04 -5.17 -2.23
N GLU A 826 -24.86 -4.28 -1.67
CA GLU A 826 -26.04 -3.77 -2.36
C GLU A 826 -25.63 -2.55 -3.16
N PRO A 827 -26.19 -2.38 -4.37
CA PRO A 827 -25.98 -1.16 -5.13
C PRO A 827 -26.91 -0.04 -4.67
N ASN A 828 -26.83 1.11 -5.34
CA ASN A 828 -27.69 2.26 -5.04
C ASN A 828 -27.56 2.74 -3.58
N ARG A 829 -26.31 2.76 -3.10
CA ARG A 829 -25.98 3.19 -1.75
C ARG A 829 -24.80 4.18 -1.75
N LEU A 830 -23.69 3.77 -2.36
CA LEU A 830 -22.54 4.63 -2.53
C LEU A 830 -22.67 5.46 -3.81
N LEU A 831 -22.50 6.78 -3.69
CA LEU A 831 -22.35 7.70 -4.84
C LEU A 831 -21.13 8.60 -4.59
N LEU A 832 -20.21 8.61 -5.54
CA LEU A 832 -18.98 9.38 -5.44
C LEU A 832 -19.03 10.57 -6.39
N LEU A 833 -18.72 11.76 -5.87
CA LEU A 833 -18.62 12.97 -6.66
C LEU A 833 -17.22 13.51 -6.50
N HIS A 834 -16.67 14.08 -7.58
CA HIS A 834 -15.31 14.65 -7.52
C HIS A 834 -15.06 15.62 -8.68
N GLY A 835 -14.31 16.68 -8.39
CA GLY A 835 -13.77 17.55 -9.44
C GLY A 835 -12.63 16.84 -10.12
N PHE A 836 -12.72 16.69 -11.45
CA PHE A 836 -11.68 15.98 -12.20
C PHE A 836 -10.33 16.67 -12.13
N LEU A 837 -10.35 18.00 -12.00
CA LEU A 837 -9.14 18.83 -11.99
C LEU A 837 -8.70 19.24 -10.60
N ASP A 838 -9.12 18.49 -9.58
CA ASP A 838 -8.80 18.82 -8.17
C ASP A 838 -7.29 18.67 -7.94
N GLU A 839 -6.65 19.75 -7.52
CA GLU A 839 -5.21 19.76 -7.19
C GLU A 839 -4.94 19.56 -5.70
N ASN A 840 -6.01 19.64 -4.90
CA ASN A 840 -5.92 19.60 -3.45
C ASN A 840 -6.25 18.18 -2.98
N VAL A 841 -7.52 17.81 -3.09
CA VAL A 841 -7.96 16.43 -2.88
C VAL A 841 -7.92 15.78 -4.25
N HIS A 842 -6.71 15.42 -4.66
CA HIS A 842 -6.43 14.91 -6.01
C HIS A 842 -7.38 13.77 -6.42
N PHE A 843 -7.77 13.74 -7.69
CA PHE A 843 -8.84 12.85 -8.16
C PHE A 843 -8.55 11.38 -7.88
N ALA A 844 -7.29 11.00 -8.07
CA ALA A 844 -6.71 9.72 -7.61
C ALA A 844 -7.17 9.18 -6.24
N HIS A 845 -7.59 10.05 -5.33
CA HIS A 845 -8.33 9.60 -4.15
C HIS A 845 -9.57 8.79 -4.56
N THR A 846 -10.38 9.37 -5.46
CA THR A 846 -11.55 8.67 -5.99
C THR A 846 -11.12 7.54 -6.93
N SER A 847 -10.17 7.79 -7.82
CA SER A 847 -9.78 6.76 -8.79
C SER A 847 -9.18 5.51 -8.14
N ILE A 848 -8.36 5.68 -7.10
CA ILE A 848 -7.74 4.52 -6.41
C ILE A 848 -8.71 3.76 -5.51
N LEU A 849 -9.68 4.46 -4.91
CA LEU A 849 -10.79 3.81 -4.17
C LEU A 849 -11.61 2.95 -5.12
N LEU A 850 -11.94 3.49 -6.29
CA LEU A 850 -12.65 2.73 -7.32
C LEU A 850 -11.88 1.48 -7.77
N SER A 851 -10.56 1.58 -7.85
CA SER A 851 -9.72 0.44 -8.18
C SER A 851 -9.91 -0.69 -7.18
N PHE A 852 -9.90 -0.35 -5.89
CA PHE A 852 -10.10 -1.35 -4.83
C PHE A 852 -11.55 -1.80 -4.64
N LEU A 853 -12.51 -0.94 -4.97
CA LEU A 853 -13.93 -1.35 -5.02
C LEU A 853 -14.17 -2.40 -6.11
N VAL A 854 -13.52 -2.23 -7.25
CA VAL A 854 -13.54 -3.19 -8.36
C VAL A 854 -12.84 -4.51 -7.98
N ARG A 855 -11.70 -4.43 -7.30
CA ARG A 855 -11.04 -5.62 -6.73
C ARG A 855 -11.95 -6.37 -5.78
N ALA A 856 -12.63 -5.60 -4.91
CA ALA A 856 -13.53 -6.16 -3.91
C ALA A 856 -14.88 -6.62 -4.47
N GLY A 857 -15.20 -6.23 -5.70
CA GLY A 857 -16.46 -6.62 -6.33
C GLY A 857 -17.65 -5.85 -5.80
N LYS A 858 -17.41 -4.63 -5.32
CA LYS A 858 -18.43 -3.78 -4.71
C LYS A 858 -18.98 -2.82 -5.76
N PRO A 859 -20.30 -2.48 -5.70
CA PRO A 859 -20.91 -1.55 -6.64
C PRO A 859 -20.74 -0.08 -6.23
N TYR A 860 -20.88 0.82 -7.19
CA TYR A 860 -20.85 2.26 -6.95
C TYR A 860 -21.55 3.00 -8.08
N ASP A 861 -21.77 4.28 -7.84
CA ASP A 861 -22.24 5.25 -8.84
C ASP A 861 -21.23 6.40 -8.84
N LEU A 862 -20.90 6.92 -10.02
CA LEU A 862 -19.87 7.95 -10.14
C LEU A 862 -20.38 9.12 -10.93
N GLN A 863 -20.06 10.32 -10.45
CA GLN A 863 -20.37 11.56 -11.12
C GLN A 863 -19.14 12.45 -11.09
N ILE A 864 -18.64 12.80 -12.27
CA ILE A 864 -17.48 13.68 -12.41
C ILE A 864 -17.94 15.08 -12.84
N TYR A 865 -17.15 16.08 -12.46
CA TYR A 865 -17.32 17.47 -12.88
C TYR A 865 -15.99 17.87 -13.54
N PRO A 866 -15.84 17.62 -14.86
CA PRO A 866 -14.56 17.76 -15.58
C PRO A 866 -13.90 19.15 -15.63
N GLN A 867 -14.66 20.23 -15.44
CA GLN A 867 -14.11 21.58 -15.44
C GLN A 867 -13.87 22.14 -14.03
N GLU A 868 -14.06 21.32 -12.99
CA GLU A 868 -13.97 21.78 -11.60
C GLU A 868 -12.74 21.25 -10.87
N ARG A 869 -12.18 22.12 -10.03
CA ARG A 869 -11.11 21.76 -9.11
C ARG A 869 -11.80 21.30 -7.80
N HIS A 870 -11.38 21.81 -6.64
CA HIS A 870 -11.97 21.36 -5.39
C HIS A 870 -13.38 21.92 -5.19
N SER A 871 -13.52 23.23 -5.36
CA SER A 871 -14.83 23.91 -5.30
C SER A 871 -15.54 23.88 -6.66
N ILE A 872 -16.88 23.90 -6.63
CA ILE A 872 -17.70 24.05 -7.85
C ILE A 872 -17.92 25.54 -8.16
N ARG A 873 -17.19 26.03 -9.16
CA ARG A 873 -17.20 27.45 -9.55
C ARG A 873 -18.17 27.77 -10.70
N VAL A 874 -18.23 26.92 -11.72
CA VAL A 874 -19.11 27.13 -12.88
C VAL A 874 -20.57 26.82 -12.50
N PRO A 875 -21.51 27.73 -12.79
CA PRO A 875 -22.92 27.51 -12.40
C PRO A 875 -23.60 26.29 -13.00
N GLU A 876 -23.31 25.98 -14.27
CA GLU A 876 -23.86 24.79 -14.92
C GLU A 876 -23.48 23.50 -14.16
N SER A 877 -22.23 23.43 -13.71
CA SER A 877 -21.77 22.30 -12.89
C SER A 877 -22.54 22.18 -11.57
N GLY A 878 -22.74 23.31 -10.89
CA GLY A 878 -23.49 23.35 -9.64
C GLY A 878 -24.96 23.00 -9.82
N GLU A 879 -25.54 23.42 -10.94
CA GLU A 879 -26.91 23.06 -11.31
C GLU A 879 -27.05 21.56 -11.56
N HIS A 880 -26.07 20.99 -12.25
CA HIS A 880 -26.04 19.55 -12.48
C HIS A 880 -25.97 18.79 -11.15
N TYR A 881 -25.07 19.23 -10.27
CA TYR A 881 -24.86 18.61 -8.96
C TYR A 881 -26.14 18.60 -8.12
N GLU A 882 -26.72 19.78 -7.94
CA GLU A 882 -27.96 19.93 -7.16
C GLU A 882 -29.09 19.06 -7.73
N LEU A 883 -29.22 19.07 -9.04
CA LEU A 883 -30.19 18.23 -9.75
C LEU A 883 -29.91 16.73 -9.57
N HIS A 884 -28.66 16.32 -9.70
CA HIS A 884 -28.30 14.91 -9.55
C HIS A 884 -28.60 14.44 -8.13
N LEU A 885 -28.14 15.22 -7.15
CA LEU A 885 -28.30 14.92 -5.72
C LEU A 885 -29.77 14.74 -5.33
N LEU A 886 -30.59 15.72 -5.74
CA LEU A 886 -32.04 15.70 -5.47
C LEU A 886 -32.68 14.46 -6.06
N HIS A 887 -32.34 14.17 -7.32
CA HIS A 887 -32.87 13.01 -8.03
C HIS A 887 -32.37 11.67 -7.47
N TYR A 888 -31.11 11.64 -7.05
CA TYR A 888 -30.52 10.43 -6.47
C TYR A 888 -31.21 10.10 -5.15
N LEU A 889 -31.47 11.11 -4.32
CA LEU A 889 -32.18 10.91 -3.05
C LEU A 889 -33.62 10.45 -3.26
N GLN A 890 -34.32 11.11 -4.19
CA GLN A 890 -35.66 10.68 -4.62
C GLN A 890 -35.66 9.21 -5.04
N GLU A 891 -34.71 8.84 -5.90
CA GLU A 891 -34.68 7.50 -6.48
C GLU A 891 -34.17 6.39 -5.56
N ASN A 892 -33.36 6.74 -4.55
CA ASN A 892 -32.75 5.74 -3.65
C ASN A 892 -32.96 5.98 -2.15
N LEU A 893 -33.83 6.91 -1.79
CA LEU A 893 -34.15 7.18 -0.37
C LEU A 893 -35.62 7.58 -0.19
N GLY A 894 -36.03 8.68 -0.82
CA GLY A 894 -37.33 9.31 -0.58
C GLY A 894 -38.56 8.61 -1.15
N SER A 895 -38.57 8.35 -2.46
CA SER A 895 -39.80 7.92 -3.16
C SER A 895 -40.23 6.50 -2.80
N ARG A 896 -41.40 6.11 -3.32
CA ARG A 896 -41.90 4.75 -3.12
C ARG A 896 -41.08 3.74 -3.94
N ILE A 897 -40.72 4.12 -5.17
CA ILE A 897 -39.89 3.27 -6.04
C ILE A 897 -38.59 2.86 -5.35
N ALA A 898 -38.00 3.80 -4.59
CA ALA A 898 -36.79 3.54 -3.80
C ALA A 898 -36.96 2.46 -2.73
N ALA A 899 -38.13 2.43 -2.09
CA ALA A 899 -38.44 1.41 -1.09
C ALA A 899 -38.65 0.03 -1.71
N LEU A 900 -39.35 -0.01 -2.85
CA LEU A 900 -39.55 -1.24 -3.62
C LEU A 900 -38.22 -1.82 -4.10
N LYS A 901 -37.34 -0.93 -4.54
CA LYS A 901 -36.03 -1.29 -5.11
C LYS A 901 -35.24 -2.33 -4.28
N VAL A 902 -35.32 -2.29 -2.95
CA VAL A 902 -34.60 -3.25 -2.10
C VAL A 902 -35.28 -4.62 -2.12
N LEU B 53 17.41 -69.68 18.10
CA LEU B 53 16.89 -68.30 17.79
C LEU B 53 17.61 -67.70 16.58
N GLU B 54 16.90 -67.61 15.44
CA GLU B 54 17.48 -67.08 14.19
C GLU B 54 17.25 -65.57 14.06
N PRO B 55 18.27 -64.83 13.57
CA PRO B 55 18.19 -63.37 13.53
C PRO B 55 17.22 -62.83 12.48
N PHE B 56 16.32 -61.95 12.89
CA PHE B 56 15.44 -61.21 11.97
C PHE B 56 16.25 -60.11 11.30
N TYR B 57 16.17 -60.02 9.96
CA TYR B 57 16.83 -58.96 9.21
C TYR B 57 15.76 -58.06 8.60
N VAL B 58 15.87 -56.75 8.85
CA VAL B 58 14.83 -55.82 8.42
C VAL B 58 14.84 -55.66 6.89
N GLU B 59 13.68 -55.35 6.34
CA GLU B 59 13.51 -55.16 4.89
C GLU B 59 14.48 -54.11 4.39
N ARG B 60 15.17 -54.41 3.29
CA ARG B 60 16.13 -53.47 2.70
C ARG B 60 15.46 -52.58 1.65
N TYR B 61 14.98 -51.43 2.09
CA TYR B 61 14.39 -50.42 1.21
C TYR B 61 15.48 -49.51 0.65
N SER B 62 15.21 -48.88 -0.49
CA SER B 62 16.09 -47.82 -1.01
C SER B 62 15.85 -46.51 -0.27
N TRP B 63 16.70 -45.53 -0.54
CA TRP B 63 16.56 -44.17 0.02
C TRP B 63 15.22 -43.54 -0.38
N SER B 64 14.90 -43.63 -1.68
CA SER B 64 13.64 -43.12 -2.25
C SER B 64 12.42 -43.82 -1.66
N GLN B 65 12.51 -45.13 -1.47
CA GLN B 65 11.43 -45.90 -0.86
C GLN B 65 11.23 -45.57 0.63
N LEU B 66 12.32 -45.33 1.36
CA LEU B 66 12.22 -44.95 2.78
C LEU B 66 11.64 -43.56 2.99
N LYS B 67 11.93 -42.63 2.07
CA LYS B 67 11.32 -41.29 2.10
C LYS B 67 9.81 -41.39 1.92
N LYS B 68 9.38 -42.31 1.07
CA LYS B 68 7.96 -42.58 0.82
C LYS B 68 7.27 -43.05 2.09
N LEU B 69 7.78 -44.12 2.69
CA LEU B 69 7.24 -44.68 3.94
C LEU B 69 7.15 -43.63 5.05
N LEU B 70 8.16 -42.76 5.13
CA LEU B 70 8.18 -41.70 6.13
C LEU B 70 7.16 -40.61 5.83
N ALA B 71 7.06 -40.22 4.56
CA ALA B 71 6.07 -39.21 4.14
C ALA B 71 4.62 -39.72 4.31
N ASP B 72 4.36 -40.94 3.85
CA ASP B 72 3.05 -41.59 3.99
C ASP B 72 2.58 -41.57 5.44
N THR B 73 3.42 -42.05 6.35
CA THR B 73 3.08 -42.18 7.76
C THR B 73 3.03 -40.85 8.55
N ARG B 74 3.53 -39.75 7.96
CA ARG B 74 3.37 -38.41 8.56
C ARG B 74 2.15 -37.64 8.03
N LYS B 75 1.45 -38.16 7.02
CA LYS B 75 0.38 -37.42 6.33
C LYS B 75 -0.94 -37.35 7.10
N TYR B 76 -1.07 -38.11 8.19
CA TYR B 76 -2.16 -37.94 9.16
C TYR B 76 -1.61 -37.43 10.52
N HIS B 77 -0.72 -36.43 10.45
CA HIS B 77 -0.17 -35.75 11.63
C HIS B 77 -0.13 -34.21 11.49
N GLY B 78 -0.88 -33.64 10.55
CA GLY B 78 -0.94 -32.18 10.37
C GLY B 78 -1.73 -31.52 11.49
N TYR B 79 -2.88 -32.11 11.79
CA TYR B 79 -3.68 -31.77 12.97
C TYR B 79 -2.97 -32.06 14.31
N MET B 80 -2.23 -33.18 14.36
CA MET B 80 -1.56 -33.64 15.58
C MET B 80 -0.55 -32.64 16.12
N MET B 81 0.25 -32.04 15.23
CA MET B 81 1.30 -31.10 15.61
C MET B 81 0.77 -29.65 15.58
N ALA B 82 -0.22 -29.40 16.43
CA ALA B 82 -0.82 -28.08 16.66
C ALA B 82 -1.03 -27.90 18.17
N LYS B 83 -0.86 -26.67 18.66
CA LYS B 83 -0.74 -26.44 20.11
C LYS B 83 -2.10 -26.50 20.82
N ALA B 84 -2.17 -27.32 21.87
CA ALA B 84 -3.37 -27.42 22.71
C ALA B 84 -3.55 -26.16 23.57
N PRO B 85 -4.79 -25.88 24.05
CA PRO B 85 -5.07 -24.71 24.87
C PRO B 85 -4.16 -24.57 26.08
N HIS B 86 -3.80 -23.32 26.41
CA HIS B 86 -2.89 -23.03 27.53
C HIS B 86 -3.02 -21.56 27.99
N ASP B 87 -2.26 -21.17 29.01
CA ASP B 87 -2.36 -19.84 29.64
C ASP B 87 -3.82 -19.52 29.99
N PHE B 88 -4.44 -20.41 30.75
CA PHE B 88 -5.83 -20.26 31.16
C PHE B 88 -6.00 -19.18 32.23
N MET B 89 -7.10 -18.45 32.15
CA MET B 89 -7.47 -17.43 33.12
C MET B 89 -8.99 -17.45 33.29
N PHE B 90 -9.47 -17.32 34.53
CA PHE B 90 -10.91 -17.32 34.87
C PHE B 90 -11.33 -15.92 35.28
N VAL B 91 -12.41 -15.41 34.69
CA VAL B 91 -12.99 -14.12 35.09
C VAL B 91 -14.49 -14.25 35.39
N LYS B 92 -14.91 -13.76 36.56
CA LYS B 92 -16.30 -13.86 37.00
C LYS B 92 -17.17 -12.84 36.26
N ARG B 93 -18.38 -13.29 35.87
CA ARG B 93 -19.32 -12.46 35.11
C ARG B 93 -20.14 -11.54 36.03
N ASN B 94 -20.44 -12.01 37.25
CA ASN B 94 -21.21 -11.27 38.26
C ASN B 94 -22.57 -10.80 37.73
N ASP B 95 -23.28 -11.73 37.10
CA ASP B 95 -24.56 -11.46 36.45
C ASP B 95 -25.61 -12.45 36.99
N PRO B 96 -26.26 -12.10 38.14
CA PRO B 96 -27.26 -12.99 38.77
C PRO B 96 -28.38 -13.50 37.85
N ASP B 97 -28.82 -12.68 36.90
CA ASP B 97 -29.87 -13.10 35.95
C ASP B 97 -29.38 -14.02 34.84
N GLY B 98 -28.12 -13.90 34.45
CA GLY B 98 -27.56 -14.63 33.31
C GLY B 98 -27.09 -16.04 33.65
N PRO B 99 -26.88 -16.88 32.60
CA PRO B 99 -26.58 -18.30 32.80
C PRO B 99 -25.12 -18.68 33.09
N HIS B 100 -24.18 -17.74 33.00
CA HIS B 100 -22.74 -18.05 33.11
C HIS B 100 -22.11 -17.48 34.38
N SER B 101 -21.30 -18.31 35.04
CA SER B 101 -20.62 -17.91 36.27
C SER B 101 -19.29 -17.25 35.94
N ASP B 102 -18.44 -18.00 35.22
CA ASP B 102 -17.12 -17.54 34.79
C ASP B 102 -17.06 -17.41 33.25
N ARG B 103 -16.04 -16.69 32.78
CA ARG B 103 -15.57 -16.80 31.40
C ARG B 103 -14.07 -17.09 31.45
N ILE B 104 -13.63 -18.01 30.60
CA ILE B 104 -12.21 -18.37 30.54
C ILE B 104 -11.58 -17.81 29.29
N TYR B 105 -10.37 -17.29 29.44
CA TYR B 105 -9.55 -16.82 28.32
C TYR B 105 -8.30 -17.68 28.26
N TYR B 106 -7.82 -17.96 27.05
CA TYR B 106 -6.69 -18.86 26.85
C TYR B 106 -6.10 -18.74 25.45
N LEU B 107 -4.77 -18.76 25.37
CA LEU B 107 -4.09 -18.84 24.08
C LEU B 107 -4.19 -20.26 23.56
N ALA B 108 -4.74 -20.40 22.36
CA ALA B 108 -4.84 -21.69 21.70
C ALA B 108 -4.61 -21.52 20.21
N MET B 109 -4.79 -22.60 19.46
CA MET B 109 -4.62 -22.57 18.03
C MET B 109 -5.78 -23.37 17.45
N SER B 110 -6.60 -22.72 16.61
CA SER B 110 -7.75 -23.37 15.94
C SER B 110 -7.33 -24.73 15.34
N GLY B 111 -6.13 -24.78 14.78
CA GLY B 111 -5.44 -26.03 14.43
C GLY B 111 -4.66 -25.95 13.15
N GLU B 112 -3.94 -27.02 12.85
CA GLU B 112 -3.35 -27.28 11.54
C GLU B 112 -2.29 -26.24 11.12
N ASN B 113 -2.73 -25.10 10.58
CA ASN B 113 -1.84 -24.06 10.03
C ASN B 113 -1.96 -22.69 10.70
N ARG B 114 -3.18 -22.30 11.10
CA ARG B 114 -3.41 -21.00 11.74
C ARG B 114 -2.54 -20.77 12.99
N GLU B 115 -2.33 -19.50 13.31
CA GLU B 115 -1.44 -19.07 14.37
C GLU B 115 -2.02 -19.32 15.75
N ASN B 116 -1.16 -19.21 16.76
CA ASN B 116 -1.56 -19.31 18.15
C ASN B 116 -2.20 -17.96 18.54
N THR B 117 -3.43 -17.97 19.05
CA THR B 117 -4.09 -16.71 19.46
C THR B 117 -5.10 -16.82 20.62
N LEU B 118 -5.59 -15.68 21.10
CA LEU B 118 -6.55 -15.63 22.20
C LEU B 118 -7.95 -16.09 21.81
N PHE B 119 -8.48 -17.04 22.58
CA PHE B 119 -9.86 -17.48 22.51
C PHE B 119 -10.51 -17.31 23.88
N TYR B 120 -11.84 -17.32 23.90
CA TYR B 120 -12.59 -17.42 25.16
C TYR B 120 -13.70 -18.45 25.07
N SER B 121 -14.14 -18.92 26.24
CA SER B 121 -15.26 -19.86 26.38
C SER B 121 -16.10 -19.49 27.60
N GLU B 122 -17.36 -19.93 27.59
CA GLU B 122 -18.35 -19.55 28.62
C GLU B 122 -18.62 -20.70 29.61
N ILE B 123 -18.39 -20.45 30.90
CA ILE B 123 -18.55 -21.44 31.97
C ILE B 123 -19.96 -21.33 32.57
N PRO B 124 -20.85 -22.32 32.29
CA PRO B 124 -22.23 -22.19 32.77
C PRO B 124 -22.37 -22.33 34.28
N LYS B 125 -23.46 -21.78 34.80
CA LYS B 125 -23.81 -21.91 36.22
C LYS B 125 -24.32 -23.30 36.56
N THR B 126 -24.83 -24.01 35.54
CA THR B 126 -25.31 -25.39 35.69
C THR B 126 -25.07 -26.21 34.42
N ILE B 127 -25.03 -27.53 34.57
CA ILE B 127 -24.78 -28.47 33.46
C ILE B 127 -25.79 -29.60 33.39
N ASN B 128 -26.09 -30.06 32.18
CA ASN B 128 -26.95 -31.23 31.97
C ASN B 128 -26.11 -32.48 32.19
N ARG B 129 -26.20 -33.05 33.39
CA ARG B 129 -25.28 -34.11 33.83
C ARG B 129 -25.49 -35.48 33.16
N ALA B 130 -26.50 -35.59 32.28
CA ALA B 130 -26.62 -36.74 31.39
C ALA B 130 -25.61 -36.63 30.24
N ALA B 131 -25.68 -35.51 29.53
CA ALA B 131 -24.82 -35.26 28.36
C ALA B 131 -23.45 -34.70 28.74
N VAL B 132 -22.54 -34.70 27.75
CA VAL B 132 -21.17 -34.20 27.91
C VAL B 132 -21.05 -32.85 27.19
N LEU B 133 -20.82 -31.77 27.93
CA LEU B 133 -20.68 -30.43 27.34
C LEU B 133 -19.31 -30.25 26.70
N MET B 134 -19.30 -29.74 25.46
CA MET B 134 -18.09 -29.34 24.76
C MET B 134 -18.12 -27.81 24.61
N LEU B 135 -17.34 -27.10 25.44
CA LEU B 135 -17.27 -25.63 25.40
C LEU B 135 -16.74 -25.14 24.06
N SER B 136 -17.54 -24.37 23.33
CA SER B 136 -17.12 -23.84 22.03
C SER B 136 -16.15 -22.67 22.23
N TRP B 137 -15.23 -22.52 21.28
CA TRP B 137 -14.14 -21.56 21.36
C TRP B 137 -14.51 -20.31 20.59
N LYS B 138 -14.72 -19.22 21.30
CA LYS B 138 -15.02 -17.92 20.70
C LYS B 138 -13.69 -17.18 20.46
N PRO B 139 -13.42 -16.71 19.22
CA PRO B 139 -12.21 -15.91 19.04
C PRO B 139 -12.32 -14.57 19.76
N LEU B 140 -11.34 -14.25 20.60
CA LEU B 140 -11.32 -12.95 21.28
C LEU B 140 -10.92 -11.84 20.32
N LEU B 141 -9.96 -12.11 19.45
CA LEU B 141 -9.38 -11.09 18.59
C LEU B 141 -9.93 -11.12 17.17
N ASP B 142 -9.97 -9.93 16.56
CA ASP B 142 -10.28 -9.76 15.15
C ASP B 142 -8.98 -9.96 14.35
N LEU B 143 -9.08 -10.11 13.04
CA LEU B 143 -7.89 -10.34 12.19
C LEU B 143 -6.99 -9.10 12.09
N PHE B 144 -5.75 -9.31 11.64
CA PHE B 144 -4.72 -8.26 11.58
C PHE B 144 -4.69 -7.52 10.22
N GLN B 145 -3.94 -6.41 10.19
CA GLN B 145 -3.81 -5.54 9.00
C GLN B 145 -2.46 -5.75 8.31
N TYR B 153 10.87 -12.74 11.29
CA TYR B 153 11.44 -12.77 12.63
C TYR B 153 12.74 -11.97 12.76
N SER B 154 12.93 -11.29 13.89
CA SER B 154 14.17 -10.59 14.20
C SER B 154 15.17 -11.56 14.84
N ARG B 155 16.41 -11.12 15.04
CA ARG B 155 17.43 -11.94 15.71
C ARG B 155 17.12 -12.18 17.18
N GLU B 156 16.72 -11.12 17.88
CA GLU B 156 16.35 -11.24 19.31
C GLU B 156 15.06 -12.06 19.52
N GLU B 157 14.14 -12.03 18.54
CA GLU B 157 12.97 -12.95 18.55
C GLU B 157 13.37 -14.39 18.23
N GLU B 158 14.35 -14.57 17.35
CA GLU B 158 14.86 -15.90 17.00
C GLU B 158 15.52 -16.59 18.20
N LEU B 159 16.38 -15.86 18.91
CA LEU B 159 17.13 -16.40 20.04
C LEU B 159 16.28 -16.65 21.28
N LEU B 160 15.34 -15.75 21.57
CA LEU B 160 14.37 -15.97 22.66
C LEU B 160 13.48 -17.19 22.39
N ARG B 161 13.18 -17.47 21.11
CA ARG B 161 12.47 -18.69 20.72
C ARG B 161 13.32 -19.96 20.93
N GLU B 162 14.64 -19.85 20.72
CA GLU B 162 15.57 -20.93 21.10
C GLU B 162 15.68 -21.08 22.62
N ARG B 163 15.78 -19.97 23.33
CA ARG B 163 15.88 -19.98 24.81
C ARG B 163 14.62 -20.50 25.50
N LYS B 164 13.44 -20.10 25.00
CA LYS B 164 12.15 -20.57 25.55
C LYS B 164 11.69 -21.92 24.94
N ARG B 165 12.42 -22.42 23.95
CA ARG B 165 12.07 -23.66 23.24
C ARG B 165 10.68 -23.61 22.60
N ILE B 166 10.29 -22.43 22.10
CA ILE B 166 9.00 -22.22 21.44
C ILE B 166 9.11 -22.71 20.00
N GLY B 167 8.24 -23.64 19.63
CA GLY B 167 8.09 -24.10 18.24
C GLY B 167 7.01 -23.35 17.48
N THR B 168 5.90 -23.06 18.15
CA THR B 168 4.69 -22.54 17.50
C THR B 168 4.74 -21.03 17.26
N VAL B 169 3.99 -20.60 16.24
CA VAL B 169 3.94 -19.21 15.81
C VAL B 169 2.71 -18.53 16.40
N GLY B 170 2.82 -17.23 16.68
CA GLY B 170 1.68 -16.39 17.05
C GLY B 170 1.89 -15.59 18.33
N ILE B 171 0.86 -15.51 19.15
CA ILE B 171 0.94 -14.91 20.48
C ILE B 171 1.38 -16.00 21.47
N ALA B 172 2.55 -15.83 22.08
CA ALA B 172 3.10 -16.83 22.99
C ALA B 172 2.59 -16.66 24.42
N SER B 173 2.40 -15.41 24.85
CA SER B 173 1.89 -15.11 26.18
C SER B 173 1.07 -13.81 26.20
N TYR B 174 0.53 -13.45 27.37
CA TYR B 174 -0.21 -12.19 27.51
C TYR B 174 -0.30 -11.74 28.97
N ASP B 175 -0.56 -10.45 29.14
CA ASP B 175 -0.87 -9.86 30.45
C ASP B 175 -2.35 -9.51 30.51
N TYR B 176 -2.85 -9.32 31.72
CA TYR B 176 -4.23 -8.92 31.98
C TYR B 176 -4.31 -8.14 33.28
N HIS B 177 -4.67 -6.87 33.21
CA HIS B 177 -5.00 -6.08 34.40
C HIS B 177 -6.44 -6.42 34.81
N GLN B 178 -6.57 -7.04 35.99
CA GLN B 178 -7.85 -7.53 36.51
C GLN B 178 -8.95 -6.47 36.50
N GLY B 179 -8.68 -5.36 37.19
CA GLY B 179 -9.69 -4.35 37.49
C GLY B 179 -10.04 -3.35 36.40
N SER B 180 -9.43 -3.48 35.22
CA SER B 180 -9.75 -2.64 34.06
C SER B 180 -10.16 -3.41 32.81
N GLY B 181 -9.93 -4.72 32.77
CA GLY B 181 -10.19 -5.56 31.60
C GLY B 181 -9.10 -5.56 30.53
N THR B 182 -7.99 -4.87 30.79
CA THR B 182 -6.98 -4.58 29.77
C THR B 182 -6.08 -5.80 29.49
N PHE B 183 -6.14 -6.32 28.26
CA PHE B 183 -5.17 -7.30 27.77
C PHE B 183 -3.96 -6.58 27.18
N LEU B 184 -2.80 -7.21 27.22
CA LEU B 184 -1.62 -6.72 26.50
C LEU B 184 -0.82 -7.91 26.01
N PHE B 185 -0.38 -7.86 24.76
CA PHE B 185 0.24 -9.01 24.14
C PHE B 185 0.99 -8.64 22.86
N GLN B 186 2.09 -9.34 22.61
CA GLN B 186 2.89 -9.15 21.42
C GLN B 186 2.42 -10.13 20.34
N ALA B 187 2.59 -9.72 19.08
CA ALA B 187 2.26 -10.55 17.93
C ALA B 187 3.00 -9.98 16.71
N GLY B 188 4.06 -10.66 16.30
CA GLY B 188 5.03 -10.09 15.38
C GLY B 188 5.83 -9.02 16.10
N SER B 189 6.17 -7.97 15.37
CA SER B 189 6.83 -6.80 15.95
C SER B 189 5.87 -5.92 16.75
N GLY B 190 4.57 -5.99 16.45
CA GLY B 190 3.57 -5.14 17.09
C GLY B 190 3.16 -5.58 18.49
N ILE B 191 3.06 -4.61 19.39
CA ILE B 191 2.49 -4.79 20.73
C ILE B 191 1.06 -4.28 20.64
N TYR B 192 0.11 -5.08 21.12
CA TYR B 192 -1.32 -4.77 21.01
C TYR B 192 -2.01 -4.77 22.35
N HIS B 193 -3.25 -4.29 22.38
CA HIS B 193 -4.11 -4.37 23.57
C HIS B 193 -5.60 -4.38 23.20
N VAL B 194 -6.40 -5.07 24.00
CA VAL B 194 -7.87 -5.05 23.92
C VAL B 194 -8.43 -5.05 25.34
N LYS B 195 -9.71 -4.64 25.48
CA LYS B 195 -10.37 -4.62 26.80
C LYS B 195 -11.57 -5.55 26.85
N ASP B 196 -11.61 -6.39 27.88
CA ASP B 196 -12.73 -7.30 28.09
C ASP B 196 -12.75 -7.90 29.51
N GLY B 197 -13.92 -7.84 30.15
CA GLY B 197 -14.12 -8.44 31.46
C GLY B 197 -13.92 -7.52 32.65
N GLY B 198 -13.50 -6.28 32.40
CA GLY B 198 -13.39 -5.28 33.45
C GLY B 198 -14.75 -4.61 33.67
N PRO B 199 -14.75 -3.45 34.32
CA PRO B 199 -15.96 -2.62 34.45
C PRO B 199 -16.80 -2.48 33.18
N GLN B 200 -16.16 -2.37 32.01
CA GLN B 200 -16.89 -2.18 30.74
C GLN B 200 -17.90 -3.28 30.45
N GLY B 201 -17.45 -4.53 30.47
CA GLY B 201 -18.33 -5.68 30.25
C GLY B 201 -17.67 -6.78 29.44
N PHE B 202 -18.50 -7.66 28.88
CA PHE B 202 -18.04 -8.84 28.14
C PHE B 202 -18.52 -8.82 26.70
N THR B 203 -17.58 -8.81 25.75
CA THR B 203 -17.92 -8.79 24.32
C THR B 203 -18.67 -10.06 23.90
N GLN B 204 -19.46 -9.95 22.82
CA GLN B 204 -20.09 -11.10 22.17
C GLN B 204 -19.59 -11.25 20.74
N GLN B 205 -18.40 -10.70 20.47
CA GLN B 205 -17.80 -10.75 19.14
C GLN B 205 -16.32 -10.34 19.18
N PRO B 206 -15.52 -10.78 18.18
CA PRO B 206 -14.10 -10.46 18.10
C PRO B 206 -13.77 -8.97 18.26
N LEU B 207 -12.84 -8.67 19.16
CA LEU B 207 -12.34 -7.32 19.40
C LEU B 207 -11.15 -7.00 18.51
N ARG B 208 -11.05 -5.75 18.09
CA ARG B 208 -10.00 -5.29 17.19
C ARG B 208 -8.76 -4.97 18.03
N PRO B 209 -7.58 -5.56 17.69
CA PRO B 209 -6.36 -5.25 18.44
C PRO B 209 -5.88 -3.83 18.18
N ASN B 210 -5.64 -3.08 19.24
CA ASN B 210 -5.19 -1.70 19.15
C ASN B 210 -3.68 -1.66 19.26
N LEU B 211 -3.01 -1.35 18.15
CA LEU B 211 -1.55 -1.26 18.13
C LEU B 211 -1.06 -0.12 19.02
N VAL B 212 -0.15 -0.46 19.93
CA VAL B 212 0.59 0.55 20.68
C VAL B 212 1.62 1.08 19.72
N GLU B 213 1.51 2.36 19.36
CA GLU B 213 2.39 2.97 18.37
C GLU B 213 3.80 3.21 18.98
N THR B 214 4.77 3.58 18.15
CA THR B 214 6.14 3.82 18.63
C THR B 214 7.03 4.60 17.67
N SER B 215 7.95 5.36 18.26
CA SER B 215 9.03 6.01 17.54
C SER B 215 10.27 5.12 17.45
N CYS B 216 10.30 4.02 18.19
CA CYS B 216 11.48 3.17 18.23
C CYS B 216 11.68 2.47 16.89
N PRO B 217 12.93 2.48 16.36
CA PRO B 217 13.23 1.86 15.05
C PRO B 217 13.30 0.33 15.05
N ASN B 218 13.77 -0.26 16.15
CA ASN B 218 14.02 -1.70 16.24
C ASN B 218 12.90 -2.39 17.00
N ILE B 219 12.94 -3.72 16.98
CA ILE B 219 11.95 -4.58 17.65
C ILE B 219 11.81 -4.26 19.15
N ARG B 220 10.58 -4.26 19.65
CA ARG B 220 10.29 -4.03 21.07
C ARG B 220 10.07 -5.36 21.77
N MET B 221 11.05 -5.80 22.55
CA MET B 221 11.00 -7.09 23.26
C MET B 221 10.40 -6.91 24.68
N ASP B 222 9.76 -7.98 25.17
CA ASP B 222 9.37 -8.12 26.58
C ASP B 222 8.39 -7.05 27.09
N PRO B 223 7.21 -6.97 26.47
CA PRO B 223 6.19 -6.03 26.96
C PRO B 223 5.57 -6.49 28.29
N LYS B 224 5.41 -5.54 29.22
CA LYS B 224 4.71 -5.79 30.47
C LYS B 224 3.77 -4.64 30.83
N LEU B 225 2.52 -4.96 31.14
CA LEU B 225 1.59 -3.97 31.73
C LEU B 225 2.05 -3.60 33.13
N CYS B 226 1.90 -2.33 33.48
CA CYS B 226 2.05 -1.91 34.86
C CYS B 226 0.81 -2.38 35.63
N PRO B 227 0.99 -3.19 36.69
CA PRO B 227 -0.19 -3.59 37.49
C PRO B 227 -0.84 -2.43 38.28
N ALA B 228 -0.03 -1.42 38.64
CA ALA B 228 -0.52 -0.21 39.32
C ALA B 228 -1.28 0.72 38.39
N ASP B 229 -0.99 0.68 37.09
CA ASP B 229 -1.64 1.56 36.11
C ASP B 229 -1.78 0.89 34.73
N PRO B 230 -3.02 0.54 34.33
CA PRO B 230 -3.19 -0.13 33.03
C PRO B 230 -2.97 0.75 31.78
N ASP B 231 -2.77 2.06 31.96
CA ASP B 231 -2.40 2.93 30.85
C ASP B 231 -0.95 2.75 30.42
N TRP B 232 -0.06 2.57 31.40
CA TRP B 232 1.37 2.42 31.12
C TRP B 232 1.76 0.99 30.78
N ILE B 233 2.68 0.83 29.82
CA ILE B 233 3.40 -0.42 29.60
C ILE B 233 4.90 -0.15 29.60
N ALA B 234 5.68 -1.21 29.66
CA ALA B 234 7.13 -1.12 29.58
C ALA B 234 7.64 -2.22 28.67
N PHE B 235 8.73 -1.92 27.97
CA PHE B 235 9.36 -2.89 27.07
C PHE B 235 10.85 -2.62 26.93
N ILE B 236 11.55 -3.56 26.32
CA ILE B 236 12.97 -3.44 26.06
C ILE B 236 13.19 -3.12 24.59
N HIS B 237 14.06 -2.15 24.33
CA HIS B 237 14.44 -1.79 22.97
C HIS B 237 15.91 -1.45 22.94
N SER B 238 16.67 -2.19 22.11
CA SER B 238 18.13 -2.07 22.04
C SER B 238 18.75 -2.13 23.42
N ASN B 239 18.41 -3.21 24.13
CA ASN B 239 18.90 -3.49 25.49
C ASN B 239 18.78 -2.34 26.51
N ASP B 240 17.67 -1.60 26.42
CA ASP B 240 17.33 -0.57 27.40
C ASP B 240 15.83 -0.62 27.69
N ILE B 241 15.45 -0.11 28.86
CA ILE B 241 14.06 -0.15 29.29
C ILE B 241 13.35 1.13 28.85
N TRP B 242 12.19 0.96 28.24
CA TRP B 242 11.35 2.07 27.78
C TRP B 242 9.98 1.93 28.42
N ILE B 243 9.24 3.04 28.48
CA ILE B 243 7.82 3.00 28.88
C ILE B 243 6.97 3.73 27.85
N SER B 244 5.70 3.34 27.74
CA SER B 244 4.81 3.89 26.73
C SER B 244 3.35 3.86 27.21
N ASN B 245 2.78 5.04 27.42
CA ASN B 245 1.37 5.17 27.80
C ASN B 245 0.52 4.90 26.56
N ILE B 246 -0.43 3.99 26.69
CA ILE B 246 -1.28 3.60 25.56
C ILE B 246 -2.53 4.47 25.36
N VAL B 247 -2.73 5.49 26.22
CA VAL B 247 -3.80 6.48 26.05
C VAL B 247 -3.21 7.83 25.64
N THR B 248 -2.27 8.34 26.44
CA THR B 248 -1.60 9.62 26.16
C THR B 248 -0.59 9.55 25.00
N ARG B 249 -0.22 8.34 24.57
CA ARG B 249 0.75 8.13 23.49
C ARG B 249 2.20 8.53 23.85
N GLU B 250 2.45 8.83 25.12
CA GLU B 250 3.78 9.25 25.56
C GLU B 250 4.72 8.05 25.55
N GLU B 251 5.97 8.30 25.19
CA GLU B 251 7.00 7.27 25.11
C GLU B 251 8.26 7.86 25.71
N ARG B 252 9.09 7.02 26.31
CA ARG B 252 10.22 7.50 27.07
C ARG B 252 11.23 6.39 27.33
N ARG B 253 12.48 6.64 26.96
CA ARG B 253 13.58 5.76 27.31
C ARG B 253 13.98 6.00 28.78
N LEU B 254 13.87 4.97 29.61
CA LEU B 254 14.19 5.07 31.05
C LEU B 254 15.66 4.81 31.40
N THR B 255 16.37 4.07 30.54
CA THR B 255 17.79 3.74 30.74
C THR B 255 18.62 4.08 29.51
N TYR B 256 19.76 4.74 29.73
CA TYR B 256 20.67 5.13 28.65
C TYR B 256 21.99 4.40 28.86
N VAL B 257 21.91 3.08 28.84
CA VAL B 257 23.03 2.18 29.15
C VAL B 257 23.73 1.64 27.89
N HIS B 258 22.95 1.31 26.86
CA HIS B 258 23.44 0.70 25.63
C HIS B 258 23.26 1.67 24.46
N ASN B 259 24.37 2.02 23.83
CA ASN B 259 24.39 2.70 22.54
C ASN B 259 24.16 1.65 21.45
N GLU B 260 23.01 1.72 20.77
CA GLU B 260 22.67 0.77 19.69
C GLU B 260 23.64 0.81 18.50
N LEU B 261 24.23 1.97 18.23
CA LEU B 261 25.09 2.17 17.05
C LEU B 261 26.43 1.42 17.14
N ALA B 262 27.03 1.41 18.33
CA ALA B 262 28.37 0.81 18.54
C ALA B 262 28.32 -0.72 18.53
N ASN B 263 29.47 -1.35 18.26
CA ASN B 263 29.57 -2.82 18.22
C ASN B 263 29.50 -3.42 19.62
N MET B 264 29.19 -4.71 19.66
CA MET B 264 29.01 -5.43 20.92
C MET B 264 30.33 -5.73 21.66
N GLU B 265 31.46 -5.68 20.95
CA GLU B 265 32.78 -5.83 21.57
C GLU B 265 33.17 -4.62 22.44
N GLU B 266 32.60 -3.44 22.13
CA GLU B 266 32.87 -2.21 22.88
C GLU B 266 31.76 -1.83 23.88
N ASP B 267 30.49 -1.97 23.46
CA ASP B 267 29.32 -1.71 24.32
C ASP B 267 28.68 -3.02 24.81
N ALA B 268 29.00 -3.39 26.05
CA ALA B 268 28.61 -4.67 26.65
C ALA B 268 27.51 -4.58 27.70
N ARG B 269 27.07 -3.37 28.02
CA ARG B 269 26.10 -3.18 29.09
C ARG B 269 24.68 -3.34 28.58
N SER B 270 23.83 -4.01 29.37
CA SER B 270 22.39 -4.11 29.10
C SER B 270 21.60 -3.72 30.36
N ALA B 271 20.31 -3.46 30.16
CA ALA B 271 19.40 -3.12 31.26
C ALA B 271 18.03 -3.74 31.03
N GLY B 272 17.51 -4.43 32.04
CA GLY B 272 16.19 -5.04 31.97
C GLY B 272 16.14 -6.36 31.23
N VAL B 273 17.31 -6.93 30.93
CA VAL B 273 17.41 -8.12 30.11
C VAL B 273 18.15 -9.20 30.87
N ALA B 274 17.65 -10.43 30.78
CA ALA B 274 18.34 -11.61 31.29
C ALA B 274 19.42 -12.00 30.29
N THR B 275 20.60 -12.37 30.79
CA THR B 275 21.72 -12.75 29.92
C THR B 275 21.52 -14.20 29.44
N PHE B 276 22.39 -14.66 28.55
CA PHE B 276 22.31 -16.01 27.98
C PHE B 276 22.16 -17.11 29.03
N VAL B 277 23.10 -17.16 29.97
CA VAL B 277 23.12 -18.18 31.03
C VAL B 277 21.78 -18.23 31.77
N LEU B 278 21.22 -17.07 32.05
CA LEU B 278 19.97 -16.96 32.80
C LEU B 278 18.76 -17.46 31.99
N GLN B 279 18.71 -17.11 30.71
CA GLN B 279 17.64 -17.59 29.84
C GLN B 279 17.75 -19.08 29.54
N GLU B 280 18.98 -19.54 29.28
CA GLU B 280 19.19 -20.94 28.94
C GLU B 280 19.08 -21.87 30.16
N GLU B 281 19.74 -21.51 31.25
CA GLU B 281 19.91 -22.43 32.40
C GLU B 281 18.99 -22.21 33.60
N PHE B 282 18.48 -20.99 33.78
CA PHE B 282 17.56 -20.72 34.89
C PHE B 282 16.14 -20.35 34.42
N ASP B 283 15.88 -20.56 33.14
CA ASP B 283 14.59 -20.24 32.53
C ASP B 283 13.96 -18.95 33.09
N ARG B 284 14.79 -17.91 33.20
CA ARG B 284 14.35 -16.56 33.51
C ARG B 284 14.63 -15.71 32.27
N TYR B 285 13.58 -15.18 31.67
CA TYR B 285 13.72 -14.44 30.41
C TYR B 285 13.43 -12.94 30.49
N SER B 286 13.15 -12.43 31.70
CA SER B 286 13.00 -10.99 31.93
C SER B 286 14.06 -10.47 32.92
N GLY B 287 14.35 -9.18 32.84
CA GLY B 287 15.28 -8.52 33.78
C GLY B 287 14.78 -7.24 34.39
N TYR B 288 13.49 -6.95 34.24
CA TYR B 288 12.86 -5.82 34.92
C TYR B 288 11.51 -6.26 35.47
N TRP B 289 11.06 -5.57 36.52
CA TRP B 289 9.83 -5.91 37.22
C TRP B 289 9.15 -4.64 37.73
N TRP B 290 7.96 -4.36 37.19
CA TRP B 290 7.09 -3.28 37.69
C TRP B 290 6.77 -3.46 39.17
N CYS B 291 6.70 -2.36 39.92
CA CYS B 291 6.12 -2.37 41.25
C CYS B 291 4.57 -2.43 41.13
N PRO B 292 3.91 -3.33 41.88
CA PRO B 292 2.47 -3.52 41.71
C PRO B 292 1.55 -2.38 42.19
N LYS B 293 2.05 -1.52 43.08
CA LYS B 293 1.27 -0.36 43.55
C LYS B 293 2.01 0.93 43.26
N ALA B 294 1.24 2.03 43.21
CA ALA B 294 1.76 3.36 42.94
C ALA B 294 1.71 4.18 44.22
N GLU B 295 2.78 4.91 44.53
CA GLU B 295 2.83 5.81 45.69
C GLU B 295 2.21 7.16 45.32
N THR B 296 1.13 7.54 46.01
CA THR B 296 0.49 8.85 45.79
C THR B 296 1.39 9.98 46.30
N THR B 297 1.55 11.04 45.49
CA THR B 297 2.32 12.22 45.88
C THR B 297 1.41 13.28 46.52
N PRO B 298 2.01 14.31 47.18
CA PRO B 298 1.26 15.50 47.61
C PRO B 298 0.48 16.19 46.48
N SER B 299 1.04 16.20 45.27
CA SER B 299 0.42 16.83 44.08
C SER B 299 -0.90 16.23 43.61
N GLY B 300 -1.27 15.04 44.09
CA GLY B 300 -2.37 14.28 43.53
C GLY B 300 -1.92 13.60 42.24
N GLY B 301 -0.65 13.22 42.19
CA GLY B 301 -0.09 12.43 41.10
C GLY B 301 0.32 11.08 41.67
N LYS B 302 1.36 10.48 41.10
CA LYS B 302 1.88 9.20 41.60
C LYS B 302 3.31 8.90 41.17
N ILE B 303 3.93 7.97 41.88
CA ILE B 303 5.27 7.48 41.57
C ILE B 303 5.17 5.98 41.24
N LEU B 304 5.32 5.66 39.96
CA LEU B 304 5.47 4.28 39.50
C LEU B 304 6.95 3.88 39.61
N ARG B 305 7.18 2.59 39.84
CA ARG B 305 8.53 2.07 40.06
C ARG B 305 8.78 0.79 39.26
N ILE B 306 10.02 0.63 38.83
CA ILE B 306 10.46 -0.56 38.12
C ILE B 306 11.81 -0.97 38.72
N LEU B 307 11.85 -2.14 39.35
CA LEU B 307 13.12 -2.79 39.68
C LEU B 307 13.67 -3.36 38.37
N TYR B 308 14.97 -3.23 38.14
CA TYR B 308 15.61 -3.92 37.02
C TYR B 308 17.04 -4.37 37.29
N GLU B 309 17.45 -5.36 36.49
CA GLU B 309 18.78 -5.92 36.52
C GLU B 309 19.63 -5.17 35.50
N GLU B 310 20.81 -4.70 35.91
CA GLU B 310 21.79 -4.14 34.98
C GLU B 310 22.94 -5.11 34.86
N ASN B 311 23.29 -5.49 33.62
CA ASN B 311 24.39 -6.40 33.34
C ASN B 311 25.52 -5.67 32.64
N ASP B 312 26.75 -6.15 32.85
CA ASP B 312 27.95 -5.67 32.16
C ASP B 312 28.77 -6.88 31.72
N GLU B 313 28.78 -7.13 30.42
CA GLU B 313 29.37 -8.35 29.89
C GLU B 313 30.78 -8.14 29.32
N SER B 314 31.48 -7.09 29.77
CA SER B 314 32.80 -6.76 29.23
C SER B 314 33.83 -7.87 29.44
N GLU B 315 33.79 -8.51 30.60
CA GLU B 315 34.76 -9.56 30.94
C GLU B 315 34.31 -10.97 30.56
N VAL B 316 33.14 -11.09 29.92
CA VAL B 316 32.63 -12.39 29.50
C VAL B 316 33.27 -12.72 28.17
N GLU B 317 33.70 -13.96 27.98
CA GLU B 317 34.35 -14.35 26.71
C GLU B 317 33.42 -14.14 25.52
N ILE B 318 34.02 -13.78 24.37
CA ILE B 318 33.30 -13.65 23.11
C ILE B 318 33.64 -14.82 22.21
N ILE B 319 32.65 -15.65 21.91
CA ILE B 319 32.78 -16.68 20.86
C ILE B 319 32.06 -16.22 19.60
N HIS B 320 32.33 -16.90 18.49
CA HIS B 320 31.69 -16.59 17.22
C HIS B 320 30.88 -17.80 16.77
N VAL B 321 29.65 -17.52 16.34
CA VAL B 321 28.76 -18.54 15.81
C VAL B 321 28.53 -18.17 14.35
N THR B 322 28.47 -19.18 13.50
CA THR B 322 28.13 -19.01 12.09
C THR B 322 26.83 -18.23 11.94
N SER B 323 26.80 -17.27 11.01
CA SER B 323 25.59 -16.54 10.68
C SER B 323 24.74 -17.40 9.76
N PRO B 324 23.41 -17.45 9.98
CA PRO B 324 22.55 -18.35 9.19
C PRO B 324 22.54 -18.02 7.72
N MET B 325 22.72 -16.73 7.39
CA MET B 325 22.89 -16.29 6.01
C MET B 325 24.25 -16.80 5.48
N LEU B 326 24.29 -18.07 5.10
CA LEU B 326 25.56 -18.75 4.76
C LEU B 326 26.29 -18.10 3.60
N GLU B 327 25.53 -17.43 2.73
CA GLU B 327 26.06 -16.61 1.62
C GLU B 327 27.10 -15.61 2.10
N THR B 328 26.82 -14.95 3.22
CA THR B 328 27.72 -13.92 3.77
C THR B 328 29.09 -14.46 4.14
N ARG B 329 29.16 -15.75 4.53
CA ARG B 329 30.39 -16.42 4.98
C ARG B 329 30.95 -15.65 6.15
N ARG B 330 30.05 -15.37 7.09
CA ARG B 330 30.28 -14.49 8.21
C ARG B 330 29.71 -15.09 9.50
N ALA B 331 29.99 -14.44 10.62
CA ALA B 331 29.84 -15.03 11.93
C ALA B 331 29.44 -13.96 12.91
N ASP B 332 28.48 -14.27 13.78
CA ASP B 332 27.99 -13.32 14.76
C ASP B 332 28.73 -13.53 16.08
N SER B 333 28.89 -12.45 16.85
CA SER B 333 29.53 -12.49 18.16
C SER B 333 28.50 -12.75 19.24
N PHE B 334 28.76 -13.73 20.11
CA PHE B 334 27.96 -14.03 21.30
C PHE B 334 28.83 -13.92 22.54
N ARG B 335 28.26 -13.40 23.63
CA ARG B 335 28.89 -13.46 24.95
C ARG B 335 28.60 -14.83 25.57
N TYR B 336 29.59 -15.72 25.64
CA TYR B 336 29.40 -17.08 26.17
C TYR B 336 30.29 -17.34 27.39
N PRO B 337 29.71 -17.26 28.61
CA PRO B 337 30.47 -17.61 29.80
C PRO B 337 30.73 -19.11 29.84
N LYS B 338 31.84 -19.54 29.26
CA LYS B 338 32.21 -20.96 29.30
C LYS B 338 32.60 -21.31 30.73
N THR B 339 32.44 -22.58 31.09
CA THR B 339 32.74 -23.04 32.45
C THR B 339 34.14 -22.62 32.89
N GLY B 340 34.24 -22.11 34.11
CA GLY B 340 35.49 -21.60 34.65
C GLY B 340 35.69 -20.10 34.49
N THR B 341 35.07 -19.50 33.47
CA THR B 341 35.30 -18.08 33.15
C THR B 341 34.29 -17.16 33.85
N ALA B 342 34.41 -15.86 33.60
CA ALA B 342 33.55 -14.85 34.22
C ALA B 342 32.12 -14.87 33.68
N ASN B 343 31.17 -14.84 34.61
CA ASN B 343 29.78 -14.50 34.32
C ASN B 343 29.65 -12.98 34.29
N PRO B 344 28.53 -12.45 33.78
CA PRO B 344 28.29 -11.00 33.79
C PRO B 344 28.32 -10.34 35.20
N LYS B 345 28.78 -9.09 35.25
CA LYS B 345 28.66 -8.28 36.47
C LYS B 345 27.22 -7.81 36.57
N VAL B 346 26.48 -8.36 37.53
CA VAL B 346 25.07 -8.04 37.72
C VAL B 346 24.88 -7.04 38.85
N THR B 347 23.79 -6.29 38.81
CA THR B 347 23.38 -5.44 39.92
C THR B 347 21.91 -5.06 39.81
N PHE B 348 21.34 -4.67 40.95
CA PHE B 348 19.99 -4.13 40.98
C PHE B 348 20.04 -2.62 40.80
N LYS B 349 19.02 -2.12 40.12
CA LYS B 349 18.80 -0.70 39.89
C LYS B 349 17.30 -0.45 39.97
N MET B 350 16.90 0.82 40.17
CA MET B 350 15.49 1.18 40.18
C MET B 350 15.22 2.50 39.46
N SER B 351 14.10 2.55 38.73
CA SER B 351 13.67 3.73 38.00
C SER B 351 12.37 4.23 38.61
N GLU B 352 12.45 5.36 39.33
CA GLU B 352 11.27 6.04 39.86
C GLU B 352 10.74 6.99 38.81
N ILE B 353 9.43 6.94 38.57
CA ILE B 353 8.80 7.70 37.49
C ILE B 353 7.65 8.53 38.08
N MET B 354 7.84 9.84 38.21
CA MET B 354 6.79 10.75 38.69
C MET B 354 5.80 11.07 37.59
N ILE B 355 4.53 10.76 37.82
CA ILE B 355 3.42 11.09 36.94
C ILE B 355 2.62 12.23 37.61
N ASP B 356 2.09 13.16 36.80
CA ASP B 356 1.27 14.27 37.31
C ASP B 356 -0.22 13.91 37.34
N ALA B 357 -1.07 14.90 37.67
CA ALA B 357 -2.53 14.73 37.76
C ALA B 357 -3.18 13.85 36.69
N GLU B 358 -2.75 13.97 35.43
CA GLU B 358 -3.42 13.29 34.30
C GLU B 358 -2.50 12.48 33.35
N GLY B 359 -1.45 11.87 33.92
CA GLY B 359 -0.60 10.92 33.19
C GLY B 359 0.54 11.45 32.34
N ARG B 360 0.97 12.70 32.59
CA ARG B 360 2.18 13.24 31.96
C ARG B 360 3.35 12.87 32.85
N ILE B 361 4.46 12.43 32.26
CA ILE B 361 5.69 12.19 33.03
C ILE B 361 6.27 13.53 33.41
N ILE B 362 6.32 13.81 34.70
CA ILE B 362 6.98 14.99 35.23
C ILE B 362 8.49 14.77 35.07
N ASP B 363 8.96 13.69 35.66
CA ASP B 363 10.39 13.44 35.76
C ASP B 363 10.66 11.94 35.92
N VAL B 364 11.89 11.52 35.63
CA VAL B 364 12.36 10.15 35.84
C VAL B 364 13.68 10.22 36.58
N ILE B 365 13.76 9.52 37.70
CA ILE B 365 14.99 9.43 38.48
C ILE B 365 15.45 7.98 38.43
N ASP B 366 16.56 7.73 37.73
CA ASP B 366 17.22 6.43 37.77
C ASP B 366 18.07 6.35 39.03
N LYS B 367 18.03 5.20 39.70
CA LYS B 367 18.62 5.03 41.02
C LYS B 367 19.38 3.70 41.12
N GLU B 368 20.48 3.70 41.88
CA GLU B 368 21.33 2.51 42.06
C GLU B 368 21.47 2.15 43.54
N LEU B 369 22.01 0.97 43.81
CA LEU B 369 22.21 0.51 45.18
C LEU B 369 23.14 1.44 45.94
N ILE B 370 22.81 1.67 47.22
CA ILE B 370 23.61 2.50 48.12
C ILE B 370 25.06 2.03 48.24
N GLN B 371 25.26 0.71 48.29
CA GLN B 371 26.59 0.10 48.27
C GLN B 371 26.67 -0.85 47.09
N PRO B 372 27.89 -1.27 46.69
CA PRO B 372 28.03 -2.28 45.63
C PRO B 372 27.23 -3.57 45.88
N PHE B 373 26.87 -4.24 44.79
CA PHE B 373 26.16 -5.53 44.84
C PHE B 373 26.99 -6.63 45.51
N GLU B 374 28.31 -6.59 45.30
CA GLU B 374 29.22 -7.63 45.81
C GLU B 374 29.35 -7.58 47.35
N ILE B 375 29.12 -6.39 47.92
CA ILE B 375 29.19 -6.18 49.38
C ILE B 375 27.86 -6.53 50.04
N LEU B 376 26.76 -5.98 49.53
CA LEU B 376 25.42 -6.23 50.09
C LEU B 376 24.94 -7.69 49.99
N PHE B 377 25.31 -8.36 48.90
CA PHE B 377 24.93 -9.75 48.67
C PHE B 377 26.19 -10.57 48.44
N GLU B 378 27.00 -10.66 49.50
CA GLU B 378 28.25 -11.44 49.50
C GLU B 378 28.02 -12.88 49.04
N GLY B 379 28.89 -13.35 48.14
CA GLY B 379 28.83 -14.72 47.60
C GLY B 379 27.93 -14.94 46.39
N VAL B 380 27.02 -13.99 46.14
CA VAL B 380 25.98 -14.16 45.13
C VAL B 380 26.54 -13.98 43.72
N GLU B 381 26.28 -14.97 42.86
CA GLU B 381 26.70 -14.98 41.46
C GLU B 381 25.55 -14.76 40.51
N TYR B 382 24.46 -15.52 40.70
CA TYR B 382 23.29 -15.44 39.84
C TYR B 382 22.07 -14.86 40.59
N ILE B 383 21.38 -13.89 39.99
CA ILE B 383 20.02 -13.48 40.40
C ILE B 383 19.02 -14.42 39.70
N ALA B 384 18.58 -15.46 40.41
CA ALA B 384 17.78 -16.53 39.80
C ALA B 384 16.35 -16.12 39.50
N ARG B 385 15.72 -15.43 40.46
CA ARG B 385 14.37 -14.88 40.31
C ARG B 385 14.28 -13.54 41.01
N ALA B 386 13.30 -12.73 40.61
CA ALA B 386 13.00 -11.48 41.31
C ALA B 386 11.59 -10.98 41.07
N GLY B 387 11.18 -10.02 41.89
CA GLY B 387 9.85 -9.43 41.82
C GLY B 387 9.58 -8.53 43.01
N TRP B 388 8.29 -8.30 43.27
CA TRP B 388 7.85 -7.51 44.43
C TRP B 388 6.87 -8.31 45.28
N THR B 389 6.66 -7.83 46.50
CA THR B 389 5.63 -8.36 47.39
C THR B 389 4.26 -7.83 46.94
N PRO B 390 3.16 -8.55 47.29
CA PRO B 390 1.81 -8.10 46.92
C PRO B 390 1.51 -6.61 47.21
N GLU B 391 1.85 -6.14 48.41
CA GLU B 391 1.70 -4.70 48.75
C GLU B 391 2.72 -3.84 48.01
N GLY B 392 3.89 -4.40 47.75
CA GLY B 392 4.94 -3.71 47.04
C GLY B 392 5.80 -2.87 47.96
N LYS B 393 5.75 -3.15 49.27
CA LYS B 393 6.65 -2.48 50.21
C LYS B 393 8.08 -2.91 49.91
N TYR B 394 8.29 -4.22 49.78
CA TYR B 394 9.61 -4.80 49.55
C TYR B 394 9.74 -5.38 48.14
N ALA B 395 10.96 -5.39 47.62
CA ALA B 395 11.30 -6.08 46.39
C ALA B 395 12.09 -7.31 46.76
N TRP B 396 11.63 -8.49 46.34
CA TRP B 396 12.28 -9.76 46.68
C TRP B 396 13.19 -10.29 45.59
N SER B 397 14.11 -11.18 45.98
CA SER B 397 15.02 -11.81 45.03
C SER B 397 15.63 -13.13 45.53
N ILE B 398 15.59 -14.16 44.70
CA ILE B 398 16.17 -15.47 45.01
C ILE B 398 17.57 -15.55 44.39
N LEU B 399 18.59 -15.71 45.24
CA LEU B 399 19.99 -15.46 44.89
C LEU B 399 20.88 -16.67 45.15
N LEU B 400 21.36 -17.29 44.08
CA LEU B 400 22.31 -18.40 44.19
C LEU B 400 23.73 -17.89 44.32
N ASP B 401 24.62 -18.78 44.79
CA ASP B 401 26.07 -18.54 44.80
C ASP B 401 26.69 -19.23 43.57
N ARG B 402 28.00 -19.05 43.38
CA ARG B 402 28.73 -19.61 42.22
C ARG B 402 28.50 -21.10 41.98
N SER B 403 28.71 -21.89 43.05
CA SER B 403 28.60 -23.35 42.98
C SER B 403 27.17 -23.84 42.90
N GLN B 404 26.21 -22.96 43.23
CA GLN B 404 24.77 -23.27 43.23
C GLN B 404 24.40 -24.32 44.26
N THR B 405 25.07 -24.23 45.41
CA THR B 405 24.79 -25.06 46.57
C THR B 405 24.28 -24.22 47.74
N ARG B 406 23.99 -22.93 47.50
CA ARG B 406 23.49 -22.02 48.53
C ARG B 406 22.47 -21.01 47.99
N LEU B 407 21.18 -21.29 48.23
CA LEU B 407 20.10 -20.35 47.89
C LEU B 407 19.87 -19.35 49.02
N GLN B 408 19.38 -18.17 48.67
CA GLN B 408 18.88 -17.18 49.63
C GLN B 408 17.66 -16.46 49.04
N ILE B 409 16.70 -16.11 49.89
CA ILE B 409 15.59 -15.24 49.49
C ILE B 409 15.78 -13.94 50.26
N VAL B 410 15.85 -12.83 49.54
CA VAL B 410 16.32 -11.59 50.13
C VAL B 410 15.38 -10.44 49.79
N LEU B 411 14.78 -9.86 50.83
CA LEU B 411 13.96 -8.64 50.67
C LEU B 411 14.86 -7.43 50.53
N ILE B 412 14.45 -6.51 49.65
CA ILE B 412 15.21 -5.32 49.29
C ILE B 412 14.24 -4.16 49.32
N SER B 413 14.46 -3.22 50.24
CA SER B 413 13.63 -2.01 50.32
C SER B 413 13.95 -1.08 49.15
N PRO B 414 12.95 -0.33 48.65
CA PRO B 414 13.21 0.78 47.73
C PRO B 414 14.18 1.85 48.27
N GLU B 415 14.22 2.01 49.60
CA GLU B 415 15.14 2.95 50.26
C GLU B 415 16.62 2.55 50.23
N LEU B 416 16.93 1.30 49.87
CA LEU B 416 18.32 0.90 49.54
C LEU B 416 18.88 1.60 48.29
N PHE B 417 18.01 1.99 47.37
CA PHE B 417 18.43 2.65 46.13
C PHE B 417 18.45 4.16 46.29
N ILE B 418 19.48 4.80 45.74
CA ILE B 418 19.65 6.26 45.76
C ILE B 418 19.96 6.77 44.35
N PRO B 419 19.70 8.06 44.07
CA PRO B 419 19.93 8.57 42.70
C PRO B 419 21.37 8.38 42.21
N VAL B 420 21.51 8.08 40.92
CA VAL B 420 22.80 7.81 40.31
C VAL B 420 23.52 9.16 40.20
N GLU B 421 24.75 9.21 40.70
CA GLU B 421 25.57 10.41 40.66
C GLU B 421 27.03 10.05 40.47
N ASP B 422 27.80 10.99 39.94
CA ASP B 422 29.27 10.93 39.94
C ASP B 422 29.89 11.96 40.88
N ASP B 423 29.27 13.13 41.01
CA ASP B 423 29.68 14.19 41.95
C ASP B 423 29.85 13.64 43.38
N VAL B 424 31.10 13.47 43.79
CA VAL B 424 31.44 12.83 45.08
C VAL B 424 30.89 13.54 46.33
N MET B 425 30.73 14.86 46.27
CA MET B 425 30.05 15.63 47.32
C MET B 425 28.58 15.23 47.40
N GLU B 426 27.89 15.28 46.26
CA GLU B 426 26.46 15.01 46.18
C GLU B 426 26.15 13.54 46.45
N ARG B 427 26.92 12.66 45.82
CA ARG B 427 26.83 11.20 46.00
C ARG B 427 26.93 10.77 47.47
N GLN B 428 27.85 11.41 48.20
CA GLN B 428 28.02 11.17 49.63
C GLN B 428 26.87 11.73 50.48
N ARG B 429 26.36 12.90 50.11
CA ARG B 429 25.22 13.51 50.83
C ARG B 429 23.94 12.68 50.71
N LEU B 430 23.77 11.98 49.58
CA LEU B 430 22.68 11.03 49.39
C LEU B 430 22.86 9.76 50.23
N ILE B 431 24.10 9.25 50.29
CA ILE B 431 24.42 8.06 51.09
C ILE B 431 24.15 8.27 52.60
N GLU B 432 24.48 9.46 53.11
CA GLU B 432 24.27 9.79 54.52
C GLU B 432 22.84 10.24 54.85
N SER B 433 22.04 10.58 53.82
CA SER B 433 20.61 10.85 54.02
C SER B 433 19.80 9.56 54.28
N VAL B 434 20.20 8.45 53.66
CA VAL B 434 19.58 7.14 53.90
C VAL B 434 20.02 6.62 55.29
N PRO B 435 19.05 6.16 56.12
CA PRO B 435 19.41 5.62 57.44
C PRO B 435 20.29 4.36 57.39
N ASP B 436 20.97 4.08 58.51
CA ASP B 436 21.82 2.90 58.66
C ASP B 436 21.00 1.63 58.80
N SER B 437 19.80 1.76 59.37
CA SER B 437 18.87 0.65 59.58
C SER B 437 18.27 0.09 58.28
N VAL B 438 18.27 0.90 57.22
CA VAL B 438 17.89 0.43 55.89
C VAL B 438 18.99 -0.48 55.35
N THR B 439 18.62 -1.72 55.09
CA THR B 439 19.57 -2.81 54.94
C THR B 439 18.88 -4.04 54.30
N PRO B 440 19.64 -4.89 53.56
CA PRO B 440 19.03 -6.13 53.06
C PRO B 440 18.56 -7.07 54.17
N LEU B 441 17.56 -7.89 53.86
CA LEU B 441 16.98 -8.82 54.82
C LEU B 441 16.91 -10.21 54.19
N ILE B 442 17.83 -11.10 54.57
CA ILE B 442 17.82 -12.48 54.08
C ILE B 442 16.76 -13.29 54.84
N ILE B 443 15.54 -13.36 54.29
CA ILE B 443 14.40 -14.00 54.96
C ILE B 443 14.37 -15.54 54.88
N TYR B 444 15.31 -16.14 54.17
CA TYR B 444 15.41 -17.59 54.08
C TYR B 444 16.76 -17.95 53.49
N GLU B 445 17.41 -18.98 54.04
CA GLU B 445 18.67 -19.47 53.50
C GLU B 445 18.75 -20.97 53.68
N GLU B 446 19.07 -21.68 52.60
CA GLU B 446 19.27 -23.12 52.61
C GLU B 446 20.58 -23.47 51.93
N THR B 447 21.06 -24.69 52.21
CA THR B 447 22.26 -25.25 51.58
C THR B 447 22.06 -26.74 51.28
N THR B 448 22.90 -27.27 50.39
CA THR B 448 22.87 -28.69 50.05
C THR B 448 24.23 -29.17 49.56
N ASP B 449 24.46 -30.47 49.71
CA ASP B 449 25.68 -31.11 49.23
C ASP B 449 25.62 -31.33 47.72
N ILE B 450 24.42 -31.50 47.18
CA ILE B 450 24.21 -31.78 45.75
C ILE B 450 24.14 -30.46 44.95
N TRP B 451 22.94 -29.90 44.78
CA TRP B 451 22.73 -28.64 44.05
C TRP B 451 21.31 -28.12 44.23
N ILE B 452 21.14 -26.83 44.00
CA ILE B 452 19.84 -26.19 44.08
C ILE B 452 19.20 -26.32 42.71
N ASN B 453 17.94 -26.74 42.70
CA ASN B 453 17.12 -26.71 41.50
C ASN B 453 16.15 -25.54 41.66
N ILE B 454 16.33 -24.52 40.84
CA ILE B 454 15.47 -23.35 40.87
C ILE B 454 14.09 -23.72 40.32
N HIS B 455 13.06 -23.19 40.97
CA HIS B 455 11.67 -23.42 40.61
C HIS B 455 10.93 -22.11 40.75
N ASP B 456 9.68 -22.10 40.32
CA ASP B 456 8.87 -20.88 40.34
C ASP B 456 7.96 -20.73 41.58
N ILE B 457 7.92 -21.74 42.43
CA ILE B 457 7.12 -21.69 43.69
C ILE B 457 7.71 -20.70 44.68
N PHE B 458 6.92 -19.67 45.02
CA PHE B 458 7.23 -18.70 46.07
C PHE B 458 6.05 -17.75 46.30
N HIS B 459 5.16 -18.12 47.22
CA HIS B 459 4.00 -17.28 47.58
C HIS B 459 4.28 -16.49 48.86
N VAL B 460 3.76 -15.26 48.93
CA VAL B 460 3.93 -14.39 50.10
C VAL B 460 2.57 -13.82 50.51
N PHE B 461 2.23 -13.98 51.80
CA PHE B 461 0.94 -13.55 52.34
C PHE B 461 0.92 -12.05 52.65
N PRO B 462 -0.28 -11.44 52.72
CA PRO B 462 -0.45 -10.07 53.21
C PRO B 462 0.28 -9.83 54.53
N GLN B 463 0.99 -8.71 54.62
CA GLN B 463 1.83 -8.40 55.79
C GLN B 463 0.93 -7.90 56.93
N SER B 464 0.59 -8.80 57.85
CA SER B 464 -0.30 -8.47 58.96
C SER B 464 0.45 -7.74 60.08
N HIS B 465 1.61 -8.25 60.45
CA HIS B 465 2.49 -7.60 61.42
C HIS B 465 3.64 -6.87 60.71
N GLU B 466 4.12 -5.80 61.32
CA GLU B 466 5.14 -4.91 60.74
C GLU B 466 6.47 -5.62 60.51
N GLU B 467 7.00 -6.23 61.58
CA GLU B 467 8.33 -6.83 61.57
C GLU B 467 8.33 -8.35 61.32
N GLU B 468 7.31 -8.85 60.62
CA GLU B 468 7.22 -10.27 60.27
C GLU B 468 6.79 -10.42 58.81
N ILE B 469 7.35 -11.41 58.12
CA ILE B 469 6.89 -11.78 56.78
C ILE B 469 6.59 -13.28 56.72
N GLU B 470 5.39 -13.58 56.27
CA GLU B 470 4.85 -14.92 56.24
C GLU B 470 4.85 -15.35 54.77
N PHE B 471 5.31 -16.56 54.47
CA PHE B 471 5.39 -17.04 53.08
C PHE B 471 5.47 -18.56 52.93
N ILE B 472 5.27 -19.05 51.71
CA ILE B 472 5.46 -20.46 51.35
C ILE B 472 6.57 -20.53 50.31
N PHE B 473 7.46 -21.50 50.47
CA PHE B 473 8.55 -21.77 49.54
C PHE B 473 8.76 -23.29 49.42
N ALA B 474 9.33 -23.76 48.31
CA ALA B 474 9.60 -25.19 48.12
C ALA B 474 11.10 -25.49 48.22
N SER B 475 11.44 -26.71 48.64
CA SER B 475 12.84 -27.09 48.84
C SER B 475 13.08 -28.61 48.92
N GLU B 476 14.22 -29.01 48.36
CA GLU B 476 14.75 -30.37 48.47
C GLU B 476 15.82 -30.51 49.57
N CYS B 477 16.21 -29.39 50.19
CA CYS B 477 17.40 -29.34 51.05
C CYS B 477 17.26 -29.94 52.45
N LYS B 478 16.03 -30.19 52.90
CA LYS B 478 15.80 -30.84 54.20
C LYS B 478 15.65 -32.34 53.96
N THR B 479 14.59 -32.72 53.25
CA THR B 479 14.24 -34.13 53.06
C THR B 479 15.06 -34.85 51.99
N GLY B 480 15.46 -34.15 50.94
CA GLY B 480 15.99 -34.77 49.72
C GLY B 480 14.95 -34.89 48.60
N PHE B 481 13.74 -34.42 48.85
CA PHE B 481 12.66 -34.34 47.87
C PHE B 481 11.97 -32.97 47.99
N ARG B 482 11.52 -32.41 46.87
CA ARG B 482 10.99 -31.04 46.86
C ARG B 482 9.63 -30.99 47.56
N HIS B 483 9.57 -30.30 48.70
CA HIS B 483 8.35 -30.18 49.49
C HIS B 483 8.08 -28.74 49.88
N LEU B 484 6.81 -28.42 50.12
CA LEU B 484 6.38 -27.06 50.51
C LEU B 484 6.55 -26.85 52.02
N TYR B 485 7.11 -25.71 52.41
CA TYR B 485 7.30 -25.34 53.82
C TYR B 485 6.70 -23.96 54.06
N LYS B 486 5.76 -23.83 54.99
CA LYS B 486 5.29 -22.52 55.41
C LYS B 486 6.32 -21.94 56.38
N ILE B 487 6.75 -20.71 56.12
CA ILE B 487 7.85 -20.09 56.86
C ILE B 487 7.48 -18.68 57.25
N THR B 488 7.79 -18.31 58.49
CA THR B 488 7.70 -16.94 58.96
C THR B 488 9.10 -16.49 59.36
N SER B 489 9.41 -15.23 59.08
CA SER B 489 10.73 -14.66 59.33
C SER B 489 10.60 -13.30 60.01
N ILE B 490 11.54 -13.00 60.91
CA ILE B 490 11.49 -11.78 61.71
C ILE B 490 12.45 -10.77 61.07
N LEU B 491 11.95 -9.56 60.87
CA LEU B 491 12.69 -8.50 60.20
C LEU B 491 13.45 -7.65 61.23
N LYS B 492 14.60 -8.18 61.65
CA LYS B 492 15.51 -7.49 62.57
C LYS B 492 16.11 -6.26 61.93
N GLU B 493 16.26 -5.19 62.70
CA GLU B 493 17.17 -4.12 62.34
C GLU B 493 18.56 -4.75 62.40
N SER B 494 19.32 -4.63 61.33
CA SER B 494 20.59 -5.34 61.21
C SER B 494 21.65 -4.74 62.14
N LYS B 495 22.50 -5.61 62.69
CA LYS B 495 23.63 -5.20 63.53
C LYS B 495 24.58 -4.28 62.76
N TYR B 496 24.80 -4.59 61.49
CA TYR B 496 25.66 -3.77 60.61
C TYR B 496 25.16 -2.33 60.47
N LYS B 497 26.09 -1.39 60.59
CA LYS B 497 25.82 0.04 60.44
C LYS B 497 26.69 0.61 59.33
N ARG B 498 26.05 1.40 58.46
CA ARG B 498 26.70 1.93 57.26
C ARG B 498 27.68 3.07 57.55
N SER B 499 27.34 3.90 58.53
CA SER B 499 28.19 5.02 58.96
C SER B 499 29.52 4.57 59.58
N SER B 500 29.49 3.44 60.30
CA SER B 500 30.68 2.89 60.99
C SER B 500 31.93 2.79 60.13
N GLY B 501 31.77 2.60 58.81
CA GLY B 501 32.88 2.60 57.87
C GLY B 501 33.34 1.22 57.45
N GLY B 502 33.09 0.22 58.30
CA GLY B 502 33.42 -1.17 57.97
C GLY B 502 32.46 -1.78 56.96
N LEU B 503 32.83 -2.95 56.47
CA LEU B 503 32.02 -3.72 55.53
C LEU B 503 31.24 -4.75 56.37
N PRO B 504 30.12 -5.28 55.85
CA PRO B 504 29.32 -6.21 56.67
C PRO B 504 29.92 -7.61 56.79
N ALA B 505 29.53 -8.31 57.86
CA ALA B 505 30.04 -9.65 58.16
C ALA B 505 29.39 -10.71 57.28
N PRO B 506 29.94 -11.95 57.27
CA PRO B 506 29.34 -13.05 56.51
C PRO B 506 27.81 -13.25 56.62
N SER B 507 27.23 -12.98 57.80
CA SER B 507 25.79 -13.19 58.00
C SER B 507 25.17 -12.14 58.93
N ASP B 508 25.44 -10.87 58.64
CA ASP B 508 24.84 -9.75 59.38
C ASP B 508 23.41 -9.39 58.93
N PHE B 509 23.08 -9.66 57.66
CA PHE B 509 21.75 -9.35 57.12
C PHE B 509 20.71 -10.48 57.27
N LYS B 510 21.05 -11.55 57.99
CA LYS B 510 20.13 -12.69 58.15
C LYS B 510 18.97 -12.39 59.09
N CYS B 511 17.90 -13.16 58.93
CA CYS B 511 16.68 -13.01 59.72
C CYS B 511 16.47 -14.23 60.61
N PRO B 512 15.89 -14.03 61.81
CA PRO B 512 15.51 -15.19 62.61
C PRO B 512 14.34 -15.96 62.00
N ILE B 513 14.47 -17.28 61.92
CA ILE B 513 13.39 -18.15 61.44
C ILE B 513 12.48 -18.44 62.64
N LYS B 514 11.38 -17.70 62.72
CA LYS B 514 10.40 -17.88 63.81
C LYS B 514 9.57 -19.16 63.65
N GLU B 515 9.30 -19.56 62.42
CA GLU B 515 8.41 -20.69 62.14
C GLU B 515 8.88 -21.42 60.87
N GLU B 516 8.74 -22.75 60.85
CA GLU B 516 9.07 -23.55 59.66
C GLU B 516 8.23 -24.83 59.60
N ILE B 517 6.93 -24.65 59.40
CA ILE B 517 5.98 -25.76 59.31
C ILE B 517 6.11 -26.43 57.94
N ALA B 518 6.49 -27.70 57.92
CA ALA B 518 6.54 -28.45 56.66
C ALA B 518 5.13 -28.92 56.30
N ILE B 519 4.69 -28.57 55.09
CA ILE B 519 3.31 -28.81 54.64
C ILE B 519 3.19 -30.18 53.96
N THR B 520 4.22 -30.58 53.21
CA THR B 520 4.28 -31.91 52.61
C THR B 520 5.54 -32.67 53.05
N SER B 521 5.57 -33.97 52.76
CA SER B 521 6.69 -34.85 53.18
C SER B 521 6.61 -36.22 52.50
N GLY B 522 7.76 -36.87 52.30
CA GLY B 522 7.81 -38.26 51.79
C GLY B 522 8.76 -38.53 50.63
N GLU B 523 8.70 -39.77 50.11
CA GLU B 523 9.54 -40.24 48.98
C GLU B 523 8.95 -39.82 47.63
N TRP B 524 8.75 -38.52 47.45
CA TRP B 524 8.06 -37.97 46.29
C TRP B 524 8.19 -36.46 46.30
N GLU B 525 8.19 -35.83 45.12
CA GLU B 525 8.43 -34.39 45.00
C GLU B 525 7.22 -33.60 44.49
N VAL B 526 7.13 -32.36 44.96
CA VAL B 526 6.28 -31.32 44.39
C VAL B 526 6.98 -30.77 43.13
N LEU B 527 6.19 -30.49 42.10
CA LEU B 527 6.68 -29.96 40.83
C LEU B 527 6.54 -28.45 40.83
N GLY B 528 7.64 -27.75 40.53
CA GLY B 528 7.69 -26.28 40.57
C GLY B 528 8.25 -25.60 39.33
N ARG B 529 8.32 -26.34 38.22
CA ARG B 529 8.84 -25.79 36.97
C ARG B 529 7.97 -26.21 35.80
N HIS B 530 8.10 -25.48 34.69
CA HIS B 530 7.40 -25.73 33.43
C HIS B 530 5.89 -25.62 33.60
N GLY B 531 5.46 -24.51 34.23
CA GLY B 531 4.04 -24.25 34.50
C GLY B 531 3.64 -24.57 35.92
N SER B 532 4.05 -25.74 36.41
CA SER B 532 3.70 -26.22 37.75
C SER B 532 4.08 -25.23 38.84
N ASN B 533 3.11 -24.87 39.67
CA ASN B 533 3.32 -23.88 40.73
C ASN B 533 2.37 -24.22 41.89
N ILE B 534 1.89 -23.22 42.63
CA ILE B 534 0.93 -23.42 43.70
C ILE B 534 -0.16 -22.34 43.67
N GLN B 535 -1.41 -22.77 43.83
CA GLN B 535 -2.53 -21.84 44.04
C GLN B 535 -2.83 -21.88 45.52
N VAL B 536 -2.87 -20.71 46.15
CA VAL B 536 -3.08 -20.59 47.58
C VAL B 536 -4.46 -20.00 47.81
N ASP B 537 -5.39 -20.84 48.25
CA ASP B 537 -6.68 -20.38 48.78
C ASP B 537 -6.41 -19.76 50.16
N GLU B 538 -6.39 -18.44 50.24
CA GLU B 538 -6.17 -17.73 51.51
C GLU B 538 -7.40 -17.76 52.42
N VAL B 539 -8.59 -17.80 51.81
CA VAL B 539 -9.86 -17.84 52.57
C VAL B 539 -10.01 -19.18 53.30
N ARG B 540 -10.20 -20.28 52.56
CA ARG B 540 -10.28 -21.63 53.16
C ARG B 540 -8.94 -22.22 53.62
N ARG B 541 -7.84 -21.48 53.44
CA ARG B 541 -6.51 -21.82 53.97
C ARG B 541 -6.04 -23.21 53.52
N LEU B 542 -6.02 -23.37 52.21
CA LEU B 542 -5.54 -24.56 51.51
C LEU B 542 -4.41 -24.16 50.57
N VAL B 543 -3.79 -25.14 49.93
CA VAL B 543 -2.77 -24.87 48.90
C VAL B 543 -2.73 -26.02 47.88
N TYR B 544 -3.00 -25.69 46.62
CA TYR B 544 -3.04 -26.68 45.54
C TYR B 544 -1.66 -26.75 44.91
N PHE B 545 -1.24 -27.95 44.52
CA PHE B 545 0.10 -28.18 43.95
C PHE B 545 0.12 -29.46 43.13
N GLU B 546 1.11 -29.59 42.25
CA GLU B 546 1.27 -30.81 41.46
C GLU B 546 2.44 -31.60 42.00
N GLY B 547 2.35 -32.93 41.90
CA GLY B 547 3.36 -33.81 42.49
C GLY B 547 3.35 -35.25 42.02
N THR B 548 4.28 -36.04 42.56
CA THR B 548 4.49 -37.45 42.18
C THR B 548 4.15 -38.43 43.31
N LYS B 549 3.28 -38.03 44.24
CA LYS B 549 3.02 -38.81 45.45
C LYS B 549 2.45 -40.19 45.12
N ASP B 550 1.47 -40.25 44.23
CA ASP B 550 0.92 -41.53 43.80
C ASP B 550 1.93 -42.34 43.02
N SER B 551 2.69 -41.69 42.15
CA SER B 551 3.64 -42.40 41.29
C SER B 551 4.66 -41.43 40.69
N PRO B 552 5.91 -41.91 40.48
CA PRO B 552 6.87 -41.12 39.71
C PRO B 552 6.52 -41.06 38.22
N LEU B 553 5.74 -42.05 37.75
CA LEU B 553 5.30 -42.09 36.35
C LEU B 553 4.05 -41.24 36.05
N GLU B 554 3.48 -40.57 37.06
CA GLU B 554 2.28 -39.75 36.87
C GLU B 554 2.36 -38.45 37.69
N HIS B 555 2.12 -37.34 37.00
CA HIS B 555 1.90 -36.04 37.64
C HIS B 555 0.45 -35.96 38.09
N HIS B 556 0.20 -35.46 39.30
CA HIS B 556 -1.16 -35.36 39.83
C HIS B 556 -1.40 -34.06 40.58
N LEU B 557 -2.67 -33.65 40.62
CA LEU B 557 -3.08 -32.44 41.33
C LEU B 557 -3.53 -32.78 42.74
N TYR B 558 -2.84 -32.22 43.72
CA TYR B 558 -3.15 -32.44 45.13
C TYR B 558 -3.55 -31.11 45.78
N VAL B 559 -4.22 -31.21 46.92
CA VAL B 559 -4.52 -30.05 47.76
C VAL B 559 -4.33 -30.45 49.22
N VAL B 560 -3.96 -29.47 50.03
CA VAL B 560 -3.64 -29.71 51.43
C VAL B 560 -3.79 -28.41 52.21
N SER B 561 -4.14 -28.50 53.48
CA SER B 561 -4.15 -27.33 54.36
C SER B 561 -2.71 -26.95 54.69
N TYR B 562 -2.47 -25.64 54.87
CA TYR B 562 -1.14 -25.13 55.26
C TYR B 562 -1.04 -24.64 56.72
N VAL B 563 -2.18 -24.58 57.42
CA VAL B 563 -2.20 -24.29 58.84
C VAL B 563 -2.05 -25.62 59.60
N ASN B 564 -2.96 -26.55 59.32
CA ASN B 564 -2.93 -27.91 59.88
C ASN B 564 -2.54 -28.89 58.78
N PRO B 565 -1.24 -29.02 58.48
CA PRO B 565 -0.86 -29.97 57.43
C PRO B 565 -1.14 -31.42 57.80
N GLY B 566 -1.71 -32.19 56.88
CA GLY B 566 -2.04 -33.60 57.15
C GLY B 566 -2.42 -34.40 55.92
N GLU B 567 -3.73 -34.58 55.72
CA GLU B 567 -4.22 -35.42 54.62
C GLU B 567 -4.11 -34.65 53.29
N VAL B 568 -3.33 -35.21 52.38
CA VAL B 568 -3.11 -34.62 51.06
C VAL B 568 -4.16 -35.20 50.11
N THR B 569 -5.25 -34.45 49.90
CA THR B 569 -6.36 -34.90 49.06
C THR B 569 -5.96 -34.87 47.58
N ARG B 570 -6.12 -35.99 46.87
CA ARG B 570 -5.80 -36.07 45.43
C ARG B 570 -7.04 -35.84 44.55
N LEU B 571 -7.01 -34.76 43.78
CA LEU B 571 -8.16 -34.34 42.96
C LEU B 571 -8.18 -35.00 41.59
N THR B 572 -7.01 -35.38 41.06
CA THR B 572 -6.92 -35.99 39.74
C THR B 572 -7.09 -37.50 39.77
N ASP B 573 -7.59 -38.04 38.66
CA ASP B 573 -7.86 -39.48 38.51
C ASP B 573 -6.58 -40.24 38.20
N ARG B 574 -6.42 -41.44 38.76
CA ARG B 574 -5.27 -42.29 38.49
C ARG B 574 -5.31 -42.84 37.07
N GLY B 575 -4.16 -43.34 36.59
CA GLY B 575 -4.05 -43.90 35.23
C GLY B 575 -3.87 -42.88 34.11
N TYR B 576 -3.58 -41.65 34.48
CA TYR B 576 -3.26 -40.57 33.54
C TYR B 576 -2.23 -39.71 34.23
N SER B 577 -1.31 -39.10 33.46
CA SER B 577 -0.51 -37.98 33.96
C SER B 577 -1.29 -36.69 33.70
N HIS B 578 -1.12 -35.71 34.59
CA HIS B 578 -1.91 -34.50 34.56
C HIS B 578 -1.05 -33.23 34.54
N SER B 579 -1.48 -32.26 33.74
CA SER B 579 -0.89 -30.94 33.64
C SER B 579 -1.98 -29.92 33.97
N CYS B 580 -2.14 -29.65 35.27
CA CYS B 580 -3.28 -28.93 35.78
C CYS B 580 -3.03 -27.43 35.93
N CYS B 581 -4.10 -26.71 36.26
CA CYS B 581 -4.09 -25.27 36.43
C CYS B 581 -5.38 -24.88 37.19
N ILE B 582 -5.25 -24.18 38.31
CA ILE B 582 -6.40 -23.86 39.17
C ILE B 582 -6.87 -22.43 38.94
N SER B 583 -8.18 -22.24 38.88
CA SER B 583 -8.79 -20.89 38.81
C SER B 583 -8.31 -20.02 39.96
N GLN B 584 -8.12 -18.73 39.69
CA GLN B 584 -7.70 -17.79 40.74
C GLN B 584 -8.65 -17.76 41.93
N HIS B 585 -9.93 -18.08 41.68
CA HIS B 585 -10.98 -18.18 42.73
C HIS B 585 -11.07 -19.54 43.43
N CYS B 586 -10.20 -20.49 43.08
CA CYS B 586 -10.06 -21.81 43.74
C CYS B 586 -11.35 -22.65 43.79
N ASP B 587 -12.21 -22.47 42.80
CA ASP B 587 -13.49 -23.17 42.69
C ASP B 587 -13.63 -23.91 41.35
N PHE B 588 -12.50 -24.12 40.69
CA PHE B 588 -12.44 -24.72 39.36
C PHE B 588 -10.99 -25.14 39.07
N PHE B 589 -10.80 -26.14 38.23
CA PHE B 589 -9.48 -26.42 37.68
C PHE B 589 -9.60 -27.13 36.34
N ILE B 590 -8.58 -26.95 35.51
CA ILE B 590 -8.51 -27.57 34.20
C ILE B 590 -7.34 -28.52 34.24
N SER B 591 -7.54 -29.74 33.74
CA SER B 591 -6.46 -30.69 33.61
C SER B 591 -6.28 -31.00 32.14
N LYS B 592 -5.02 -30.97 31.73
CA LYS B 592 -4.57 -31.44 30.42
C LYS B 592 -3.88 -32.76 30.72
N TYR B 593 -4.52 -33.86 30.33
CA TYR B 593 -4.10 -35.20 30.76
C TYR B 593 -4.04 -36.22 29.61
N SER B 594 -3.19 -37.23 29.80
CA SER B 594 -3.07 -38.32 28.85
C SER B 594 -2.46 -39.53 29.55
N ASN B 595 -2.50 -40.65 28.84
CA ASN B 595 -1.74 -41.84 29.23
C ASN B 595 -1.14 -42.45 27.98
N GLN B 596 -0.49 -43.60 28.13
CA GLN B 596 0.21 -44.24 27.03
C GLN B 596 -0.68 -44.54 25.80
N LYS B 597 -1.94 -44.87 26.07
CA LYS B 597 -2.90 -45.27 25.02
C LYS B 597 -3.72 -44.11 24.49
N ASN B 598 -4.24 -43.27 25.39
CA ASN B 598 -5.11 -42.15 25.03
C ASN B 598 -4.31 -40.85 24.83
N PRO B 599 -4.47 -40.18 23.66
CA PRO B 599 -3.87 -38.86 23.44
C PRO B 599 -4.26 -37.78 24.45
N HIS B 600 -3.53 -36.67 24.41
CA HIS B 600 -3.78 -35.56 25.33
C HIS B 600 -5.21 -35.07 25.16
N CYS B 601 -5.67 -34.37 26.18
CA CYS B 601 -7.07 -34.03 26.31
C CYS B 601 -7.23 -33.02 27.45
N VAL B 602 -8.05 -32.00 27.24
CA VAL B 602 -8.19 -30.90 28.19
C VAL B 602 -9.64 -30.80 28.64
N SER B 603 -9.86 -31.00 29.93
CA SER B 603 -11.20 -30.98 30.52
C SER B 603 -11.27 -30.07 31.74
N LEU B 604 -12.46 -29.52 31.98
CA LEU B 604 -12.72 -28.59 33.07
C LEU B 604 -13.48 -29.33 34.18
N TYR B 605 -12.98 -29.20 35.41
CA TYR B 605 -13.58 -29.83 36.59
C TYR B 605 -13.94 -28.74 37.61
N LYS B 606 -15.13 -28.84 38.20
CA LYS B 606 -15.59 -27.91 39.25
C LYS B 606 -15.25 -28.44 40.63
N LEU B 607 -14.81 -27.54 41.50
CA LEU B 607 -14.46 -27.87 42.88
C LEU B 607 -15.59 -27.47 43.82
N SER B 608 -15.77 -28.28 44.87
CA SER B 608 -16.62 -27.94 46.00
C SER B 608 -16.28 -28.83 47.19
N SER B 609 -16.84 -28.48 48.34
CA SER B 609 -16.63 -29.23 49.57
C SER B 609 -17.89 -30.00 49.94
N PRO B 610 -17.77 -31.02 50.80
CA PRO B 610 -18.93 -31.49 51.55
C PRO B 610 -19.41 -30.40 52.52
N GLU B 611 -20.67 -30.51 52.96
CA GLU B 611 -21.24 -29.56 53.91
C GLU B 611 -20.57 -29.65 55.28
N ASP B 612 -20.30 -30.88 55.73
CA ASP B 612 -19.68 -31.10 57.04
C ASP B 612 -18.24 -30.60 57.20
N ASP B 613 -17.52 -30.43 56.09
CA ASP B 613 -16.08 -30.12 56.13
C ASP B 613 -15.59 -29.34 54.89
N PRO B 614 -15.44 -28.00 55.01
CA PRO B 614 -14.87 -27.19 53.90
C PRO B 614 -13.39 -27.47 53.52
N THR B 615 -12.63 -28.13 54.40
CA THR B 615 -11.25 -28.56 54.11
C THR B 615 -11.19 -29.62 53.01
N CYS B 616 -12.01 -30.66 53.15
CA CYS B 616 -12.08 -31.74 52.18
C CYS B 616 -12.57 -31.19 50.86
N LYS B 617 -11.78 -31.41 49.80
CA LYS B 617 -12.12 -30.94 48.46
C LYS B 617 -12.51 -32.13 47.59
N THR B 618 -13.55 -31.91 46.78
CA THR B 618 -14.06 -32.90 45.84
C THR B 618 -14.29 -32.23 44.50
N LYS B 619 -14.29 -33.02 43.44
CA LYS B 619 -14.38 -32.50 42.09
C LYS B 619 -15.45 -33.17 41.28
N GLU B 620 -15.79 -32.54 40.15
CA GLU B 620 -16.83 -33.02 39.25
C GLU B 620 -16.59 -32.47 37.86
N PHE B 621 -16.66 -33.34 36.85
CA PHE B 621 -16.55 -32.90 35.46
C PHE B 621 -17.61 -31.82 35.17
N TRP B 622 -17.18 -30.75 34.49
CA TRP B 622 -18.07 -29.68 34.05
C TRP B 622 -18.19 -29.72 32.54
N ALA B 623 -17.07 -29.61 31.85
CA ALA B 623 -17.05 -29.64 30.38
C ALA B 623 -15.67 -29.95 29.80
N THR B 624 -15.68 -30.32 28.52
CA THR B 624 -14.47 -30.64 27.76
C THR B 624 -14.06 -29.40 26.95
N ILE B 625 -12.82 -28.95 27.12
CA ILE B 625 -12.28 -27.83 26.36
C ILE B 625 -11.70 -28.33 25.03
N LEU B 626 -10.84 -29.35 25.10
CA LEU B 626 -10.33 -30.03 23.91
C LEU B 626 -10.56 -31.52 24.03
N ASP B 627 -11.19 -32.07 23.00
CA ASP B 627 -11.53 -33.48 22.98
C ASP B 627 -10.30 -34.27 22.52
N SER B 628 -10.14 -35.48 23.05
CA SER B 628 -9.03 -36.35 22.70
C SER B 628 -9.12 -36.74 21.23
N ALA B 629 -7.97 -37.01 20.63
CA ALA B 629 -7.90 -37.49 19.25
C ALA B 629 -8.39 -38.93 19.10
N GLY B 630 -8.31 -39.71 20.18
CA GLY B 630 -8.65 -41.13 20.14
C GLY B 630 -7.47 -41.93 19.60
N PRO B 631 -7.43 -43.25 19.87
CA PRO B 631 -6.31 -44.08 19.40
C PRO B 631 -5.92 -43.83 17.94
N LEU B 632 -4.62 -43.61 17.71
CA LEU B 632 -4.05 -43.36 16.37
C LEU B 632 -3.91 -44.72 15.67
N PRO B 633 -4.22 -44.80 14.35
CA PRO B 633 -4.21 -46.14 13.69
C PRO B 633 -2.86 -46.89 13.64
N ASP B 634 -1.81 -46.23 13.13
CA ASP B 634 -0.47 -46.83 13.04
C ASP B 634 0.23 -47.10 14.38
N TYR B 635 -0.14 -46.36 15.43
CA TYR B 635 0.58 -46.37 16.72
C TYR B 635 0.15 -47.49 17.68
N THR B 636 1.06 -48.44 17.87
CA THR B 636 0.99 -49.39 18.99
C THR B 636 1.94 -48.84 20.06
N PRO B 637 1.42 -48.48 21.24
CA PRO B 637 2.28 -47.88 22.27
C PRO B 637 3.26 -48.86 22.91
N PRO B 638 4.22 -48.33 23.70
CA PRO B 638 5.18 -49.16 24.42
C PRO B 638 4.66 -49.60 25.79
N GLU B 639 5.23 -50.68 26.32
CA GLU B 639 4.91 -51.14 27.66
C GLU B 639 5.93 -50.55 28.63
N ILE B 640 5.46 -49.98 29.73
CA ILE B 640 6.36 -49.48 30.77
C ILE B 640 6.80 -50.68 31.60
N PHE B 641 8.11 -50.88 31.71
CA PHE B 641 8.69 -51.90 32.58
C PHE B 641 9.50 -51.26 33.68
N SER B 642 9.97 -52.10 34.60
CA SER B 642 10.93 -51.67 35.61
C SER B 642 11.80 -52.83 36.05
N PHE B 643 12.86 -52.52 36.78
CA PHE B 643 13.77 -53.52 37.31
C PHE B 643 14.49 -53.01 38.56
N GLU B 644 14.76 -53.94 39.48
CA GLU B 644 15.56 -53.65 40.67
C GLU B 644 17.03 -53.65 40.24
N SER B 645 17.72 -52.55 40.52
CA SER B 645 19.08 -52.33 40.03
C SER B 645 20.09 -52.57 41.14
N THR B 646 21.28 -53.07 40.76
CA THR B 646 22.41 -53.21 41.70
C THR B 646 22.85 -51.87 42.33
N THR B 647 22.38 -50.76 41.76
CA THR B 647 22.58 -49.42 42.33
C THR B 647 21.74 -49.15 43.58
N GLY B 648 20.72 -49.97 43.85
CA GLY B 648 19.82 -49.77 44.98
C GLY B 648 18.47 -49.24 44.54
N PHE B 649 18.47 -48.31 43.58
CA PHE B 649 17.24 -47.72 43.08
C PHE B 649 16.47 -48.66 42.15
N THR B 650 15.17 -48.40 42.02
CA THR B 650 14.34 -48.97 40.98
C THR B 650 14.50 -48.08 39.76
N LEU B 651 14.62 -48.65 38.57
CA LEU B 651 14.72 -47.88 37.34
C LEU B 651 13.61 -48.31 36.41
N TYR B 652 12.88 -47.34 35.86
CA TYR B 652 11.78 -47.60 34.94
C TYR B 652 12.27 -47.47 33.50
N GLY B 653 11.54 -48.10 32.57
CA GLY B 653 11.87 -48.09 31.15
C GLY B 653 10.64 -48.27 30.27
N MET B 654 10.81 -48.13 28.95
CA MET B 654 9.74 -48.32 27.97
C MET B 654 10.23 -49.28 26.89
N LEU B 655 9.41 -50.28 26.57
CA LEU B 655 9.75 -51.29 25.58
C LEU B 655 8.72 -51.28 24.45
N TYR B 656 9.18 -50.91 23.27
CA TYR B 656 8.42 -51.10 22.04
C TYR B 656 8.83 -52.45 21.48
N LYS B 657 7.89 -53.41 21.48
CA LYS B 657 8.13 -54.71 20.84
C LYS B 657 8.01 -54.54 19.32
N PRO B 658 8.74 -55.35 18.54
CA PRO B 658 8.50 -55.34 17.10
C PRO B 658 7.09 -55.78 16.73
N HIS B 659 6.53 -55.13 15.71
CA HIS B 659 5.18 -55.43 15.22
C HIS B 659 5.24 -56.73 14.42
N ASP B 660 4.19 -57.54 14.50
CA ASP B 660 4.13 -58.83 13.81
C ASP B 660 5.29 -59.74 14.28
N LEU B 661 5.33 -59.94 15.59
CA LEU B 661 6.44 -60.63 16.23
C LEU B 661 6.44 -62.13 15.86
N GLN B 662 7.54 -62.58 15.24
CA GLN B 662 7.73 -63.98 14.88
C GLN B 662 8.29 -64.73 16.09
N PRO B 663 7.64 -65.85 16.53
CA PRO B 663 8.25 -66.60 17.62
C PRO B 663 9.54 -67.30 17.16
N GLY B 664 10.48 -67.47 18.08
CA GLY B 664 11.78 -68.05 17.78
C GLY B 664 12.71 -67.22 16.90
N LYS B 665 12.63 -65.89 17.01
CA LYS B 665 13.46 -64.98 16.22
C LYS B 665 13.93 -63.77 17.02
N LYS B 666 15.20 -63.41 16.84
CA LYS B 666 15.85 -62.32 17.58
C LYS B 666 16.02 -61.10 16.66
N TYR B 667 15.67 -59.91 17.17
CA TYR B 667 15.56 -58.69 16.38
C TYR B 667 16.61 -57.66 16.77
N PRO B 668 17.01 -56.78 15.83
CA PRO B 668 17.96 -55.72 16.18
C PRO B 668 17.33 -54.75 17.16
N THR B 669 18.16 -54.21 18.07
CA THR B 669 17.65 -53.45 19.21
C THR B 669 18.24 -52.04 19.26
N VAL B 670 17.44 -51.05 18.84
CA VAL B 670 17.79 -49.63 19.01
C VAL B 670 17.46 -49.18 20.43
N LEU B 671 18.31 -48.32 20.97
CA LEU B 671 18.14 -47.79 22.31
C LEU B 671 18.14 -46.27 22.23
N PHE B 672 16.95 -45.68 22.25
CA PHE B 672 16.82 -44.22 22.30
C PHE B 672 17.07 -43.74 23.72
N ILE B 673 17.85 -42.66 23.85
CA ILE B 673 18.35 -42.18 25.14
C ILE B 673 18.43 -40.65 25.22
N TYR B 674 18.13 -40.12 26.40
CA TYR B 674 18.59 -38.78 26.80
C TYR B 674 19.46 -38.98 28.05
N GLY B 675 18.86 -39.45 29.14
CA GLY B 675 19.60 -39.89 30.32
C GLY B 675 20.45 -38.85 31.02
N GLY B 676 19.91 -37.64 31.10
CA GLY B 676 20.62 -36.47 31.57
C GLY B 676 19.71 -35.78 32.57
N PRO B 677 20.21 -34.72 33.24
CA PRO B 677 19.44 -34.08 34.29
C PRO B 677 18.21 -33.37 33.74
N GLN B 678 17.30 -33.02 34.65
CA GLN B 678 16.07 -32.27 34.36
C GLN B 678 15.21 -32.81 33.19
N VAL B 679 15.15 -34.13 33.04
CA VAL B 679 14.19 -34.75 32.12
C VAL B 679 13.89 -36.21 32.48
N GLN B 680 12.64 -36.62 32.23
CA GLN B 680 12.17 -37.98 32.46
C GLN B 680 11.46 -38.49 31.20
N LEU B 681 12.12 -39.34 30.41
CA LEU B 681 11.51 -39.88 29.19
C LEU B 681 10.39 -40.89 29.42
N VAL B 682 10.45 -41.59 30.56
CA VAL B 682 9.57 -42.72 30.87
C VAL B 682 8.52 -42.31 31.90
N ASN B 683 7.28 -42.27 31.45
CA ASN B 683 6.14 -41.93 32.29
C ASN B 683 4.85 -42.33 31.57
N ASN B 684 3.72 -42.21 32.25
CA ASN B 684 2.42 -42.56 31.67
C ASN B 684 1.82 -41.32 30.97
N ARG B 685 2.43 -40.98 29.84
CA ARG B 685 1.98 -39.89 28.97
C ARG B 685 2.02 -40.41 27.56
N PHE B 686 1.16 -39.86 26.70
CA PHE B 686 1.04 -40.33 25.33
C PHE B 686 2.30 -40.00 24.53
N LYS B 687 3.00 -41.05 24.06
CA LYS B 687 4.24 -40.85 23.27
C LYS B 687 4.04 -40.93 21.74
N GLY B 688 2.79 -40.93 21.27
CA GLY B 688 2.48 -41.10 19.85
C GLY B 688 2.61 -39.88 18.97
N VAL B 689 2.92 -38.72 19.58
CA VAL B 689 3.15 -37.47 18.85
C VAL B 689 4.65 -37.16 18.83
N LYS B 690 5.22 -37.00 20.02
CA LYS B 690 6.59 -36.53 20.19
C LYS B 690 7.62 -37.62 19.88
N TYR B 691 7.32 -38.86 20.24
CA TYR B 691 8.19 -40.03 19.92
C TYR B 691 7.46 -41.05 19.03
N PHE B 692 6.84 -40.55 17.97
CA PHE B 692 6.13 -41.37 16.98
C PHE B 692 7.07 -42.24 16.15
N ARG B 693 8.29 -41.75 15.88
CA ARG B 693 9.24 -42.51 15.06
C ARG B 693 9.88 -43.71 15.74
N LEU B 694 9.77 -43.80 17.07
CA LEU B 694 10.13 -45.02 17.79
C LEU B 694 9.16 -46.16 17.43
N ASN B 695 7.89 -45.80 17.27
CA ASN B 695 6.88 -46.72 16.75
C ASN B 695 7.19 -47.15 15.30
N THR B 696 7.65 -46.22 14.48
CA THR B 696 8.05 -46.53 13.09
C THR B 696 9.21 -47.52 13.05
N LEU B 697 10.17 -47.37 13.97
CA LEU B 697 11.27 -48.35 14.10
C LEU B 697 10.73 -49.72 14.51
N ALA B 698 9.83 -49.73 15.50
CA ALA B 698 9.17 -50.97 15.92
C ALA B 698 8.50 -51.69 14.74
N SER B 699 7.77 -50.95 13.90
CA SER B 699 7.06 -51.52 12.75
C SER B 699 8.00 -52.15 11.71
N LEU B 700 9.16 -51.53 11.50
CA LEU B 700 10.17 -52.10 10.59
C LEU B 700 10.86 -53.35 11.14
N GLY B 701 10.78 -53.59 12.45
CA GLY B 701 11.35 -54.77 13.09
C GLY B 701 12.47 -54.51 14.08
N TYR B 702 12.66 -53.26 14.51
CA TYR B 702 13.64 -52.95 15.56
C TYR B 702 12.96 -53.01 16.93
N VAL B 703 13.63 -53.61 17.91
CA VAL B 703 13.21 -53.50 19.31
C VAL B 703 13.64 -52.11 19.73
N VAL B 704 12.74 -51.31 20.29
CA VAL B 704 13.11 -49.98 20.76
C VAL B 704 12.99 -49.93 22.28
N VAL B 705 14.09 -49.55 22.93
CA VAL B 705 14.14 -49.45 24.39
C VAL B 705 14.49 -48.01 24.79
N VAL B 706 13.95 -47.60 25.93
CA VAL B 706 14.20 -46.31 26.55
C VAL B 706 14.26 -46.56 28.06
N ILE B 707 15.29 -46.05 28.73
CA ILE B 707 15.45 -46.23 30.18
C ILE B 707 15.77 -44.90 30.84
N ASP B 708 15.10 -44.59 31.95
CA ASP B 708 15.46 -43.42 32.77
C ASP B 708 16.48 -43.84 33.81
N ASN B 709 17.75 -43.59 33.48
CA ASN B 709 18.87 -43.93 34.36
C ASN B 709 19.09 -42.92 35.47
N ARG B 710 19.94 -43.30 36.43
CA ARG B 710 20.28 -42.45 37.57
C ARG B 710 20.78 -41.11 37.10
N GLY B 711 20.47 -40.09 37.89
CA GLY B 711 20.66 -38.71 37.49
C GLY B 711 19.50 -38.11 36.70
N SER B 712 18.45 -38.90 36.46
CA SER B 712 17.29 -38.47 35.68
C SER B 712 16.45 -37.43 36.47
N CYS B 713 15.20 -37.73 36.80
CA CYS B 713 14.25 -36.67 37.14
C CYS B 713 12.93 -37.20 37.72
N HIS B 714 12.32 -36.40 38.60
CA HIS B 714 11.12 -36.77 39.35
C HIS B 714 11.34 -37.94 40.31
N ARG B 715 12.58 -38.06 40.82
CA ARG B 715 12.95 -39.10 41.77
C ARG B 715 13.73 -38.56 42.97
N GLY B 716 13.66 -37.25 43.19
CA GLY B 716 14.34 -36.63 44.32
C GLY B 716 15.81 -36.36 44.07
N LEU B 717 16.36 -35.47 44.89
CA LEU B 717 17.70 -34.92 44.66
C LEU B 717 18.79 -35.97 44.70
N LYS B 718 18.67 -36.94 45.61
CA LYS B 718 19.70 -37.99 45.75
C LYS B 718 19.85 -38.83 44.47
N PHE B 719 18.72 -39.27 43.93
CA PHE B 719 18.68 -39.98 42.65
C PHE B 719 19.28 -39.14 41.53
N GLU B 720 18.94 -37.86 41.50
CA GLU B 720 19.48 -36.90 40.52
C GLU B 720 20.98 -36.68 40.74
N GLY B 721 21.36 -36.52 42.01
CA GLY B 721 22.74 -36.23 42.40
C GLY B 721 23.78 -37.29 42.10
N ALA B 722 23.32 -38.51 41.84
CA ALA B 722 24.17 -39.66 41.53
C ALA B 722 25.41 -39.37 40.68
N PHE B 723 25.26 -38.54 39.64
CA PHE B 723 26.39 -38.25 38.74
C PHE B 723 27.12 -36.92 39.00
N LYS B 724 26.94 -36.31 40.16
CA LYS B 724 27.66 -35.08 40.45
C LYS B 724 29.16 -35.33 40.35
N TYR B 725 29.87 -34.42 39.67
CA TYR B 725 31.30 -34.55 39.38
C TYR B 725 31.69 -35.78 38.52
N LYS B 726 30.69 -36.51 38.02
CA LYS B 726 30.90 -37.84 37.49
C LYS B 726 30.16 -38.07 36.16
N MET B 727 29.80 -37.00 35.45
CA MET B 727 28.95 -37.13 34.26
C MET B 727 29.64 -37.99 33.21
N GLY B 728 28.83 -38.81 32.55
CA GLY B 728 29.32 -39.82 31.61
C GLY B 728 29.59 -41.19 32.21
N GLN B 729 30.04 -41.24 33.46
CA GLN B 729 30.63 -42.46 34.02
C GLN B 729 29.61 -43.52 34.48
N ILE B 730 28.50 -43.08 35.06
CA ILE B 730 27.49 -43.99 35.59
C ILE B 730 26.34 -44.36 34.63
N GLU B 731 26.07 -43.49 33.65
CA GLU B 731 24.80 -43.57 32.90
C GLU B 731 24.65 -44.82 32.05
N ILE B 732 25.74 -45.26 31.44
CA ILE B 732 25.69 -46.40 30.52
C ILE B 732 25.55 -47.72 31.29
N ASP B 733 26.04 -47.76 32.53
CA ASP B 733 25.84 -48.93 33.38
C ASP B 733 24.36 -49.25 33.52
N ASP B 734 23.56 -48.22 33.84
CA ASP B 734 22.11 -48.38 34.02
C ASP B 734 21.38 -48.77 32.73
N GLN B 735 21.82 -48.21 31.60
CA GLN B 735 21.25 -48.55 30.30
C GLN B 735 21.53 -50.00 29.92
N VAL B 736 22.77 -50.44 30.15
CA VAL B 736 23.17 -51.82 29.84
C VAL B 736 22.50 -52.78 30.82
N GLU B 737 22.53 -52.46 32.10
CA GLU B 737 21.80 -53.22 33.12
C GLU B 737 20.33 -53.40 32.77
N GLY B 738 19.67 -52.30 32.41
CA GLY B 738 18.29 -52.34 31.96
C GLY B 738 18.09 -53.09 30.66
N LEU B 739 19.09 -53.04 29.78
CA LEU B 739 19.05 -53.78 28.52
C LEU B 739 19.23 -55.30 28.73
N GLN B 740 20.16 -55.67 29.63
CA GLN B 740 20.41 -57.09 29.97
C GLN B 740 19.26 -57.73 30.77
N TYR B 741 18.60 -56.94 31.61
CA TYR B 741 17.35 -57.36 32.29
C TYR B 741 16.28 -57.79 31.27
N LEU B 742 16.11 -57.01 30.20
CA LEU B 742 15.13 -57.34 29.16
C LEU B 742 15.55 -58.56 28.34
N ALA B 743 16.82 -58.64 27.95
CA ALA B 743 17.31 -59.72 27.10
C ALA B 743 17.14 -61.12 27.72
N SER B 744 17.32 -61.20 29.05
CA SER B 744 17.04 -62.43 29.79
C SER B 744 15.54 -62.72 29.84
N ARG B 745 14.76 -61.67 30.09
CA ARG B 745 13.30 -61.78 30.23
C ARG B 745 12.54 -61.97 28.90
N TYR B 746 13.12 -61.56 27.77
CA TYR B 746 12.48 -61.73 26.45
C TYR B 746 13.45 -62.36 25.45
N ASP B 747 12.95 -63.32 24.67
CA ASP B 747 13.78 -64.09 23.75
C ASP B 747 14.16 -63.31 22.48
N PHE B 748 13.42 -62.24 22.19
CA PHE B 748 13.55 -61.53 20.90
C PHE B 748 14.65 -60.45 20.82
N ILE B 749 15.32 -60.15 21.92
CA ILE B 749 16.34 -59.07 21.95
C ILE B 749 17.73 -59.60 21.55
N ASP B 750 18.12 -59.33 20.31
CA ASP B 750 19.46 -59.70 19.80
C ASP B 750 20.50 -58.71 20.31
N LEU B 751 21.25 -59.11 21.34
CA LEU B 751 22.31 -58.25 21.89
C LEU B 751 23.54 -58.12 20.98
N ASP B 752 23.69 -58.99 19.99
CA ASP B 752 24.75 -58.85 18.97
C ASP B 752 24.53 -57.64 18.06
N ARG B 753 23.29 -57.14 17.98
CA ARG B 753 22.94 -55.97 17.18
C ARG B 753 22.16 -54.94 17.98
N VAL B 754 22.89 -54.19 18.82
CA VAL B 754 22.34 -53.09 19.59
C VAL B 754 22.82 -51.74 19.05
N GLY B 755 21.88 -50.88 18.67
CA GLY B 755 22.16 -49.48 18.35
C GLY B 755 21.77 -48.56 19.50
N ILE B 756 22.43 -47.40 19.56
CA ILE B 756 22.08 -46.37 20.54
C ILE B 756 22.01 -45.01 19.84
N HIS B 757 20.98 -44.22 20.13
CA HIS B 757 20.82 -42.91 19.52
C HIS B 757 20.16 -41.89 20.45
N GLY B 758 20.71 -40.68 20.49
CA GLY B 758 20.12 -39.57 21.24
C GLY B 758 20.61 -38.22 20.77
N TRP B 759 19.88 -37.18 21.14
CA TRP B 759 20.24 -35.79 20.84
C TRP B 759 20.69 -35.10 22.11
N SER B 760 21.57 -34.11 21.95
CA SER B 760 22.13 -33.34 23.06
C SER B 760 22.79 -34.28 24.10
N TYR B 761 22.26 -34.37 25.33
CA TYR B 761 22.81 -35.30 26.35
C TYR B 761 22.71 -36.75 25.87
N GLY B 762 21.67 -37.05 25.12
CA GLY B 762 21.52 -38.36 24.49
C GLY B 762 22.68 -38.68 23.55
N GLY B 763 23.11 -37.68 22.78
CA GLY B 763 24.25 -37.82 21.87
C GLY B 763 25.56 -37.92 22.62
N TYR B 764 25.69 -37.13 23.68
CA TYR B 764 26.79 -37.24 24.63
C TYR B 764 26.97 -38.69 25.10
N LEU B 765 25.90 -39.24 25.66
CA LEU B 765 25.92 -40.60 26.16
C LEU B 765 26.03 -41.65 25.06
N SER B 766 25.51 -41.35 23.86
CA SER B 766 25.69 -42.26 22.73
C SER B 766 27.15 -42.42 22.36
N LEU B 767 27.92 -41.33 22.49
CA LEU B 767 29.37 -41.39 22.28
C LEU B 767 30.02 -42.15 23.41
N MET B 768 29.60 -41.86 24.65
CA MET B 768 30.11 -42.59 25.81
C MET B 768 29.83 -44.09 25.74
N ALA B 769 28.67 -44.45 25.18
CA ALA B 769 28.30 -45.85 24.99
C ALA B 769 29.29 -46.56 24.07
N LEU B 770 29.55 -45.95 22.92
CA LEU B 770 30.47 -46.51 21.95
C LEU B 770 31.92 -46.53 22.45
N MET B 771 32.25 -45.61 23.36
CA MET B 771 33.60 -45.50 23.91
C MET B 771 33.81 -46.52 25.02
N GLN B 772 32.95 -46.45 26.04
CA GLN B 772 33.03 -47.34 27.22
C GLN B 772 32.71 -48.79 26.89
N ARG B 773 31.59 -48.98 26.18
CA ARG B 773 31.03 -50.30 25.92
C ARG B 773 30.96 -50.58 24.42
N SER B 774 32.11 -50.57 23.75
CA SER B 774 32.18 -50.94 22.32
C SER B 774 31.79 -52.40 22.06
N ASP B 775 31.90 -53.23 23.10
CA ASP B 775 31.42 -54.62 23.08
C ASP B 775 29.90 -54.78 22.95
N ILE B 776 29.13 -53.97 23.68
CA ILE B 776 27.66 -54.06 23.72
C ILE B 776 27.00 -53.39 22.51
N PHE B 777 27.45 -52.17 22.20
CA PHE B 777 26.78 -51.31 21.21
C PHE B 777 27.48 -51.34 19.86
N ARG B 778 26.76 -51.83 18.83
CA ARG B 778 27.29 -51.87 17.46
C ARG B 778 27.43 -50.49 16.84
N VAL B 779 26.36 -49.70 16.92
CA VAL B 779 26.37 -48.36 16.31
C VAL B 779 25.88 -47.30 17.30
N ALA B 780 26.44 -46.10 17.15
CA ALA B 780 26.09 -44.96 17.99
C ALA B 780 25.85 -43.75 17.12
N ILE B 781 24.62 -43.25 17.12
CA ILE B 781 24.28 -42.00 16.43
C ILE B 781 24.17 -40.90 17.49
N ALA B 782 25.05 -39.90 17.41
CA ALA B 782 25.15 -38.82 18.41
C ALA B 782 24.78 -37.45 17.84
N GLY B 783 23.63 -36.91 18.28
CA GLY B 783 23.14 -35.61 17.83
C GLY B 783 23.58 -34.46 18.73
N ALA B 784 24.13 -33.41 18.13
CA ALA B 784 24.65 -32.22 18.83
C ALA B 784 25.21 -32.52 20.23
N PRO B 785 26.22 -33.41 20.31
CA PRO B 785 26.75 -33.83 21.60
C PRO B 785 27.72 -32.84 22.19
N VAL B 786 27.73 -32.73 23.51
CA VAL B 786 28.80 -32.04 24.22
C VAL B 786 29.95 -33.02 24.25
N THR B 787 31.05 -32.66 23.60
CA THR B 787 32.22 -33.51 23.53
C THR B 787 33.32 -33.11 24.51
N LEU B 788 33.19 -31.92 25.12
CA LEU B 788 34.30 -31.30 25.83
C LEU B 788 33.81 -30.26 26.85
N TRP B 789 33.62 -30.70 28.11
CA TRP B 789 32.89 -29.90 29.09
C TRP B 789 33.44 -28.50 29.34
N ILE B 790 34.74 -28.30 29.14
CA ILE B 790 35.35 -26.96 29.27
C ILE B 790 34.77 -25.88 28.35
N PHE B 791 34.12 -26.28 27.25
CA PHE B 791 33.45 -25.34 26.33
C PHE B 791 31.92 -25.24 26.47
N TYR B 792 31.37 -25.86 27.50
CA TYR B 792 29.97 -25.63 27.83
C TYR B 792 29.89 -24.52 28.89
N ASP B 793 28.72 -23.91 29.03
CA ASP B 793 28.54 -22.71 29.87
C ASP B 793 28.68 -22.95 31.36
N THR B 794 28.93 -21.85 32.09
CA THR B 794 29.15 -21.87 33.54
C THR B 794 27.95 -22.41 34.30
N GLY B 795 26.82 -21.71 34.19
CA GLY B 795 25.61 -22.01 34.96
C GLY B 795 25.20 -23.47 34.97
N TYR B 796 25.39 -24.16 33.85
CA TYR B 796 25.06 -25.58 33.77
C TYR B 796 26.21 -26.44 34.26
N THR B 797 27.33 -26.40 33.54
CA THR B 797 28.48 -27.27 33.74
C THR B 797 29.00 -27.31 35.18
N GLU B 798 28.98 -26.15 35.85
CA GLU B 798 29.43 -26.05 37.24
C GLU B 798 28.41 -26.60 38.24
N ARG B 799 27.12 -26.46 37.93
CA ARG B 799 26.05 -27.00 38.77
C ARG B 799 26.19 -28.50 38.98
N TYR B 800 26.64 -29.21 37.94
CA TYR B 800 26.78 -30.66 37.98
C TYR B 800 28.22 -31.16 38.14
N MET B 801 29.19 -30.48 37.51
CA MET B 801 30.59 -30.93 37.54
C MET B 801 31.54 -30.11 38.40
N GLY B 802 31.06 -28.98 38.93
CA GLY B 802 31.91 -28.05 39.69
C GLY B 802 32.93 -27.34 38.81
N HIS B 803 33.89 -26.71 39.48
CA HIS B 803 34.95 -25.95 38.81
C HIS B 803 35.97 -26.94 38.20
N PRO B 804 36.46 -26.68 36.96
CA PRO B 804 37.42 -27.60 36.32
C PRO B 804 38.72 -27.85 37.10
N ASP B 805 39.29 -26.81 37.69
CA ASP B 805 40.41 -26.93 38.66
C ASP B 805 40.14 -27.91 39.80
N GLN B 806 38.91 -27.90 40.30
CA GLN B 806 38.50 -28.73 41.43
C GLN B 806 37.78 -30.02 40.98
N ASN B 807 37.97 -30.45 39.73
CA ASN B 807 37.45 -31.74 39.25
C ASN B 807 38.19 -32.17 37.99
N GLU B 808 39.52 -32.19 38.05
CA GLU B 808 40.32 -32.50 36.86
C GLU B 808 39.95 -33.84 36.25
N GLN B 809 39.76 -34.86 37.08
CA GLN B 809 39.50 -36.21 36.58
C GLN B 809 38.09 -36.39 36.02
N GLY B 810 37.08 -35.76 36.62
CA GLY B 810 35.70 -35.88 36.16
C GLY B 810 35.46 -35.21 34.82
N TYR B 811 36.01 -34.01 34.68
CA TYR B 811 36.00 -33.26 33.43
C TYR B 811 36.69 -34.07 32.32
N TYR B 812 37.89 -34.57 32.60
CA TYR B 812 38.62 -35.40 31.63
C TYR B 812 37.78 -36.60 31.18
N LEU B 813 37.24 -37.35 32.14
CA LEU B 813 36.48 -38.57 31.84
C LEU B 813 35.14 -38.28 31.19
N GLY B 814 34.49 -37.19 31.60
CA GLY B 814 33.24 -36.73 30.98
C GLY B 814 33.39 -36.13 29.59
N SER B 815 34.59 -35.73 29.21
CA SER B 815 34.85 -35.10 27.91
C SER B 815 35.35 -36.14 26.91
N VAL B 816 34.45 -36.63 26.05
CA VAL B 816 34.83 -37.68 25.07
C VAL B 816 35.90 -37.23 24.07
N ALA B 817 35.97 -35.93 23.79
CA ALA B 817 36.96 -35.38 22.86
C ALA B 817 38.41 -35.53 23.34
N MET B 818 38.61 -35.65 24.65
CA MET B 818 39.93 -35.94 25.21
C MET B 818 40.37 -37.37 24.95
N GLN B 819 39.41 -38.28 24.79
CA GLN B 819 39.66 -39.72 24.74
C GLN B 819 39.38 -40.29 23.35
N ALA B 820 39.93 -39.62 22.33
CA ALA B 820 39.68 -39.98 20.93
C ALA B 820 40.09 -41.42 20.60
N GLU B 821 41.27 -41.81 21.07
CA GLU B 821 41.83 -43.14 20.82
C GLU B 821 40.99 -44.32 21.30
N LYS B 822 40.07 -44.09 22.26
CA LYS B 822 39.18 -45.16 22.77
C LYS B 822 37.97 -45.51 21.88
N PHE B 823 37.73 -44.74 20.81
CA PHE B 823 36.66 -45.08 19.86
C PHE B 823 37.09 -46.25 18.98
N PRO B 824 36.11 -47.07 18.51
CA PRO B 824 36.35 -48.19 17.60
C PRO B 824 37.27 -47.89 16.41
N SER B 825 38.03 -48.91 15.99
CA SER B 825 38.84 -48.84 14.76
C SER B 825 38.18 -49.57 13.58
N GLU B 826 36.87 -49.84 13.69
CA GLU B 826 36.08 -50.39 12.59
C GLU B 826 35.06 -49.34 12.17
N PRO B 827 34.91 -49.09 10.86
CA PRO B 827 34.02 -48.03 10.41
C PRO B 827 32.55 -48.42 10.49
N ASN B 828 31.66 -47.53 10.05
CA ASN B 828 30.22 -47.79 10.04
C ASN B 828 29.66 -48.11 11.44
N ARG B 829 30.20 -47.42 12.44
CA ARG B 829 29.77 -47.55 13.84
C ARG B 829 29.42 -46.21 14.49
N LEU B 830 30.17 -45.15 14.17
CA LEU B 830 29.98 -43.83 14.76
C LEU B 830 29.37 -42.88 13.75
N LEU B 831 28.22 -42.33 14.08
CA LEU B 831 27.61 -41.26 13.29
C LEU B 831 27.45 -40.00 14.15
N LEU B 832 28.00 -38.88 13.67
CA LEU B 832 27.85 -37.59 14.33
C LEU B 832 26.88 -36.74 13.55
N LEU B 833 25.94 -36.13 14.26
CA LEU B 833 25.01 -35.15 13.70
C LEU B 833 25.16 -33.86 14.49
N HIS B 834 25.02 -32.71 13.83
CA HIS B 834 25.10 -31.42 14.51
C HIS B 834 24.53 -30.29 13.66
N GLY B 835 23.73 -29.40 14.26
CA GLY B 835 23.26 -28.20 13.59
C GLY B 835 24.38 -27.17 13.49
N PHE B 836 24.83 -26.88 12.27
CA PHE B 836 26.03 -26.04 12.01
C PHE B 836 26.01 -24.69 12.72
N LEU B 837 24.80 -24.16 12.95
CA LEU B 837 24.59 -22.84 13.54
C LEU B 837 24.31 -22.89 15.03
N ASP B 838 24.60 -24.02 15.69
CA ASP B 838 24.31 -24.20 17.13
C ASP B 838 25.14 -23.26 17.98
N GLU B 839 24.46 -22.46 18.80
CA GLU B 839 25.08 -21.46 19.70
C GLU B 839 25.21 -21.99 21.15
N ASN B 840 24.26 -22.83 21.54
CA ASN B 840 24.27 -23.50 22.84
C ASN B 840 25.39 -24.58 22.91
N VAL B 841 25.18 -25.72 22.23
CA VAL B 841 26.22 -26.73 22.07
C VAL B 841 26.99 -26.41 20.80
N HIS B 842 27.97 -25.52 20.91
CA HIS B 842 28.65 -24.97 19.74
C HIS B 842 29.23 -26.07 18.84
N PHE B 843 29.13 -25.88 17.52
CA PHE B 843 29.54 -26.92 16.55
C PHE B 843 30.97 -27.44 16.77
N ALA B 844 31.86 -26.55 17.20
CA ALA B 844 33.23 -26.91 17.56
C ALA B 844 33.38 -28.12 18.49
N HIS B 845 32.38 -28.40 19.33
CA HIS B 845 32.33 -29.69 20.04
C HIS B 845 32.49 -30.84 19.04
N THR B 846 31.66 -30.83 17.99
CA THR B 846 31.80 -31.80 16.90
C THR B 846 33.13 -31.61 16.16
N SER B 847 33.47 -30.38 15.77
CA SER B 847 34.64 -30.16 14.89
C SER B 847 35.95 -30.56 15.56
N ILE B 848 36.08 -30.26 16.86
CA ILE B 848 37.29 -30.58 17.63
C ILE B 848 37.38 -32.07 17.94
N LEU B 849 36.24 -32.73 18.15
CA LEU B 849 36.20 -34.20 18.29
C LEU B 849 36.74 -34.86 17.01
N LEU B 850 36.26 -34.38 15.86
CA LEU B 850 36.73 -34.85 14.55
C LEU B 850 38.22 -34.59 14.35
N SER B 851 38.71 -33.45 14.86
CA SER B 851 40.14 -33.12 14.82
C SER B 851 40.97 -34.23 15.45
N PHE B 852 40.61 -34.62 16.66
CA PHE B 852 41.31 -35.67 17.40
C PHE B 852 41.06 -37.07 16.84
N LEU B 853 39.85 -37.32 16.33
CA LEU B 853 39.56 -38.59 15.65
C LEU B 853 40.46 -38.79 14.43
N VAL B 854 40.74 -37.70 13.71
CA VAL B 854 41.67 -37.73 12.57
C VAL B 854 43.11 -38.05 13.03
N ARG B 855 43.57 -37.40 14.10
CA ARG B 855 44.90 -37.71 14.69
C ARG B 855 45.01 -39.18 15.05
N ALA B 856 44.01 -39.67 15.78
CA ALA B 856 43.97 -41.06 16.22
C ALA B 856 43.83 -42.07 15.08
N GLY B 857 43.37 -41.62 13.92
CA GLY B 857 43.24 -42.45 12.72
C GLY B 857 41.97 -43.27 12.74
N LYS B 858 40.91 -42.69 13.32
CA LYS B 858 39.64 -43.37 13.56
C LYS B 858 38.62 -42.98 12.50
N PRO B 859 37.73 -43.92 12.10
CA PRO B 859 36.69 -43.61 11.13
C PRO B 859 35.46 -42.95 11.78
N TYR B 860 34.78 -42.12 10.99
CA TYR B 860 33.53 -41.49 11.40
C TYR B 860 32.64 -41.27 10.21
N ASP B 861 31.33 -41.22 10.45
CA ASP B 861 30.38 -40.67 9.50
C ASP B 861 29.85 -39.38 10.12
N LEU B 862 29.59 -38.40 9.26
CA LEU B 862 29.15 -37.06 9.69
C LEU B 862 28.00 -36.57 8.84
N GLN B 863 27.04 -35.92 9.49
CA GLN B 863 25.96 -35.22 8.82
C GLN B 863 25.77 -33.85 9.49
N ILE B 864 25.69 -32.81 8.68
CA ILE B 864 25.49 -31.46 9.16
C ILE B 864 24.12 -30.98 8.69
N TYR B 865 23.46 -30.18 9.54
CA TYR B 865 22.17 -29.55 9.21
C TYR B 865 22.41 -28.03 9.25
N PRO B 866 22.83 -27.43 8.11
CA PRO B 866 23.36 -26.05 8.11
C PRO B 866 22.38 -24.90 8.36
N GLN B 867 21.08 -25.18 8.38
CA GLN B 867 20.08 -24.19 8.75
C GLN B 867 19.66 -24.26 10.23
N GLU B 868 20.19 -25.25 10.95
CA GLU B 868 19.74 -25.53 12.32
C GLU B 868 20.73 -25.16 13.40
N ARG B 869 20.18 -24.89 14.59
CA ARG B 869 20.92 -24.60 15.80
C ARG B 869 20.87 -25.88 16.67
N HIS B 870 20.33 -25.81 17.89
CA HIS B 870 20.26 -26.99 18.74
C HIS B 870 19.07 -27.89 18.40
N SER B 871 17.88 -27.31 18.34
CA SER B 871 16.69 -28.01 17.86
C SER B 871 16.68 -28.06 16.33
N ILE B 872 15.77 -28.85 15.78
CA ILE B 872 15.49 -28.86 14.34
C ILE B 872 14.11 -28.22 14.07
N ARG B 873 14.13 -27.03 13.46
CA ARG B 873 12.92 -26.26 13.16
C ARG B 873 12.44 -26.43 11.71
N VAL B 874 13.35 -26.30 10.74
CA VAL B 874 13.01 -26.40 9.31
C VAL B 874 12.55 -27.85 9.00
N PRO B 875 11.34 -28.02 8.42
CA PRO B 875 10.82 -29.37 8.14
C PRO B 875 11.72 -30.25 7.28
N GLU B 876 12.30 -29.67 6.23
CA GLU B 876 13.19 -30.39 5.31
C GLU B 876 14.39 -31.01 6.02
N SER B 877 14.94 -30.28 7.00
CA SER B 877 16.06 -30.75 7.81
C SER B 877 15.66 -31.97 8.63
N GLY B 878 14.49 -31.89 9.28
CA GLY B 878 13.96 -32.98 10.10
C GLY B 878 13.56 -34.21 9.30
N GLU B 879 12.98 -33.99 8.11
CA GLU B 879 12.65 -35.08 7.19
C GLU B 879 13.89 -35.85 6.76
N HIS B 880 14.94 -35.10 6.43
CA HIS B 880 16.23 -35.65 6.01
C HIS B 880 16.85 -36.45 7.14
N TYR B 881 16.85 -35.86 8.33
CA TYR B 881 17.37 -36.49 9.54
C TYR B 881 16.76 -37.87 9.82
N GLU B 882 15.44 -37.94 9.74
CA GLU B 882 14.72 -39.21 9.92
C GLU B 882 15.09 -40.21 8.81
N LEU B 883 15.10 -39.74 7.58
CA LEU B 883 15.47 -40.56 6.44
C LEU B 883 16.90 -41.10 6.54
N HIS B 884 17.83 -40.24 6.94
CA HIS B 884 19.23 -40.66 7.09
C HIS B 884 19.40 -41.64 8.23
N LEU B 885 18.82 -41.31 9.38
CA LEU B 885 18.85 -42.16 10.57
C LEU B 885 18.27 -43.55 10.29
N LEU B 886 17.08 -43.57 9.70
CA LEU B 886 16.39 -44.82 9.40
C LEU B 886 17.20 -45.67 8.43
N HIS B 887 17.72 -45.03 7.40
CA HIS B 887 18.63 -45.66 6.43
C HIS B 887 19.95 -46.13 7.05
N TYR B 888 20.51 -45.33 7.96
CA TYR B 888 21.78 -45.66 8.63
C TYR B 888 21.67 -46.94 9.46
N LEU B 889 20.57 -47.08 10.19
CA LEU B 889 20.31 -48.29 10.97
C LEU B 889 20.17 -49.50 10.06
N GLN B 890 19.36 -49.35 9.02
CA GLN B 890 19.12 -50.40 8.03
C GLN B 890 20.42 -50.92 7.42
N GLU B 891 21.30 -50.03 6.99
CA GLU B 891 22.57 -50.42 6.37
C GLU B 891 23.62 -50.93 7.35
N ASN B 892 23.64 -50.42 8.59
CA ASN B 892 24.71 -50.74 9.54
C ASN B 892 24.32 -51.55 10.78
N LEU B 893 23.03 -51.85 10.93
CA LEU B 893 22.54 -52.57 12.11
C LEU B 893 21.50 -53.63 11.75
N GLY B 894 20.38 -53.19 11.18
CA GLY B 894 19.22 -54.04 10.97
C GLY B 894 19.36 -55.12 9.91
N SER B 895 19.63 -54.71 8.68
CA SER B 895 19.43 -55.57 7.51
C SER B 895 20.42 -56.75 7.39
N ARG B 896 20.16 -57.61 6.41
CA ARG B 896 21.06 -58.71 6.08
C ARG B 896 22.43 -58.20 5.63
N ILE B 897 22.42 -57.17 4.77
CA ILE B 897 23.65 -56.52 4.30
C ILE B 897 24.50 -56.00 5.47
N ALA B 898 23.84 -55.49 6.51
CA ALA B 898 24.53 -55.04 7.72
C ALA B 898 25.32 -56.15 8.43
N ALA B 899 24.77 -57.36 8.44
CA ALA B 899 25.49 -58.51 9.00
C ALA B 899 26.66 -58.92 8.10
N LEU B 900 26.43 -58.96 6.78
CA LEU B 900 27.48 -59.34 5.81
C LEU B 900 28.58 -58.29 5.63
N LYS B 901 28.41 -57.11 6.24
CA LYS B 901 29.41 -56.05 6.21
C LYS B 901 30.61 -56.35 7.12
N VAL B 902 30.39 -57.08 8.21
CA VAL B 902 31.48 -57.54 9.10
C VAL B 902 31.80 -59.01 8.84
N LEU C 53 -50.08 -9.72 -26.81
CA LEU C 53 -48.65 -9.91 -26.41
C LEU C 53 -48.35 -9.26 -25.06
N GLU C 54 -48.09 -10.08 -24.04
CA GLU C 54 -47.75 -9.58 -22.69
C GLU C 54 -46.23 -9.60 -22.46
N PRO C 55 -45.71 -8.61 -21.73
CA PRO C 55 -44.25 -8.50 -21.55
C PRO C 55 -43.67 -9.50 -20.56
N PHE C 56 -42.57 -10.16 -20.95
CA PHE C 56 -41.78 -11.00 -20.06
C PHE C 56 -40.79 -10.13 -19.29
N TYR C 57 -40.72 -10.34 -17.97
CA TYR C 57 -39.80 -9.61 -17.11
C TYR C 57 -38.75 -10.57 -16.58
N VAL C 58 -37.49 -10.14 -16.56
CA VAL C 58 -36.39 -11.02 -16.12
C VAL C 58 -36.32 -11.08 -14.59
N GLU C 59 -35.99 -12.26 -14.08
CA GLU C 59 -35.85 -12.49 -12.64
C GLU C 59 -34.94 -11.41 -12.07
N ARG C 60 -35.43 -10.73 -11.04
CA ARG C 60 -34.73 -9.61 -10.43
C ARG C 60 -33.78 -10.12 -9.35
N TYR C 61 -32.65 -10.67 -9.76
CA TYR C 61 -31.63 -11.17 -8.84
C TYR C 61 -30.81 -10.02 -8.26
N SER C 62 -30.30 -10.19 -7.04
CA SER C 62 -29.47 -9.18 -6.39
C SER C 62 -28.06 -9.13 -6.97
N TRP C 63 -27.32 -8.10 -6.58
CA TRP C 63 -25.92 -7.90 -6.98
C TRP C 63 -25.05 -9.08 -6.53
N SER C 64 -25.19 -9.45 -5.26
CA SER C 64 -24.48 -10.60 -4.72
C SER C 64 -24.89 -11.91 -5.41
N GLN C 65 -26.17 -12.02 -5.79
CA GLN C 65 -26.67 -13.19 -6.51
C GLN C 65 -26.11 -13.28 -7.94
N LEU C 66 -26.15 -12.18 -8.68
CA LEU C 66 -25.64 -12.15 -10.07
C LEU C 66 -24.16 -12.45 -10.19
N LYS C 67 -23.38 -12.05 -9.18
CA LYS C 67 -21.96 -12.39 -9.07
C LYS C 67 -21.77 -13.90 -8.95
N LYS C 68 -22.63 -14.54 -8.15
CA LYS C 68 -22.65 -16.00 -8.00
C LYS C 68 -22.92 -16.66 -9.36
N LEU C 69 -23.99 -16.23 -10.03
CA LEU C 69 -24.37 -16.77 -11.33
C LEU C 69 -23.22 -16.69 -12.33
N LEU C 70 -22.68 -15.48 -12.50
CA LEU C 70 -21.56 -15.26 -13.42
C LEU C 70 -20.32 -16.05 -13.01
N ALA C 71 -20.09 -16.21 -11.71
CA ALA C 71 -18.97 -17.02 -11.21
C ALA C 71 -19.15 -18.53 -11.49
N ASP C 72 -20.38 -19.03 -11.30
CA ASP C 72 -20.68 -20.44 -11.51
C ASP C 72 -20.52 -20.82 -12.98
N THR C 73 -21.13 -20.04 -13.87
CA THR C 73 -21.05 -20.28 -15.32
C THR C 73 -19.65 -20.06 -15.91
N ARG C 74 -18.83 -19.21 -15.30
CA ARG C 74 -17.42 -19.05 -15.71
C ARG C 74 -16.57 -20.27 -15.30
N LYS C 75 -16.98 -20.94 -14.23
CA LYS C 75 -16.17 -21.98 -13.55
C LYS C 75 -15.60 -23.08 -14.45
N TYR C 76 -16.44 -23.66 -15.32
CA TYR C 76 -16.04 -24.80 -16.17
C TYR C 76 -15.61 -24.38 -17.59
N HIS C 77 -14.83 -23.30 -17.66
CA HIS C 77 -14.21 -22.81 -18.90
C HIS C 77 -12.71 -22.57 -18.68
N GLY C 78 -12.08 -23.42 -17.86
CA GLY C 78 -10.64 -23.37 -17.62
C GLY C 78 -9.86 -23.79 -18.84
N TYR C 79 -10.24 -24.93 -19.43
CA TYR C 79 -9.67 -25.41 -20.69
C TYR C 79 -10.08 -24.59 -21.92
N MET C 80 -11.29 -24.00 -21.89
CA MET C 80 -11.87 -23.25 -23.02
C MET C 80 -11.08 -21.99 -23.39
N MET C 81 -10.47 -21.34 -22.41
CA MET C 81 -9.71 -20.09 -22.61
C MET C 81 -8.20 -20.39 -22.65
N ALA C 82 -7.80 -21.27 -23.56
CA ALA C 82 -6.40 -21.69 -23.75
C ALA C 82 -6.03 -21.63 -25.24
N LYS C 83 -4.82 -21.16 -25.54
CA LYS C 83 -4.43 -20.90 -26.94
C LYS C 83 -4.14 -22.19 -27.73
N ALA C 84 -4.85 -22.36 -28.84
CA ALA C 84 -4.61 -23.47 -29.76
C ALA C 84 -3.27 -23.29 -30.48
N PRO C 85 -2.73 -24.36 -31.10
CA PRO C 85 -1.47 -24.28 -31.84
C PRO C 85 -1.44 -23.23 -32.93
N HIS C 86 -0.26 -22.64 -33.16
CA HIS C 86 -0.08 -21.58 -34.15
C HIS C 86 1.40 -21.41 -34.50
N ASP C 87 1.72 -20.45 -35.38
CA ASP C 87 3.07 -20.28 -35.94
C ASP C 87 3.68 -21.63 -36.29
N PHE C 88 2.99 -22.36 -37.17
CA PHE C 88 3.42 -23.70 -37.58
C PHE C 88 4.59 -23.64 -38.54
N MET C 89 5.38 -24.73 -38.60
CA MET C 89 6.53 -24.79 -39.49
C MET C 89 6.90 -26.24 -39.74
N PHE C 90 6.95 -26.63 -41.03
CA PHE C 90 7.30 -28.00 -41.43
C PHE C 90 8.79 -28.08 -41.76
N VAL C 91 9.47 -29.08 -41.19
CA VAL C 91 10.85 -29.38 -41.56
C VAL C 91 10.90 -30.85 -41.99
N LYS C 92 11.54 -31.09 -43.13
CA LYS C 92 11.71 -32.45 -43.66
C LYS C 92 12.76 -33.20 -42.85
N ARG C 93 12.57 -34.51 -42.72
CA ARG C 93 13.53 -35.36 -42.00
C ARG C 93 14.71 -35.84 -42.86
N ASN C 94 14.44 -36.15 -44.13
CA ASN C 94 15.44 -36.69 -45.06
C ASN C 94 16.11 -37.96 -44.54
N ASP C 95 15.29 -38.87 -44.01
CA ASP C 95 15.77 -40.15 -43.50
C ASP C 95 15.05 -41.30 -44.20
N PRO C 96 15.65 -41.86 -45.27
CA PRO C 96 15.08 -42.99 -46.00
C PRO C 96 14.54 -44.12 -45.12
N ASP C 97 15.34 -44.59 -44.16
CA ASP C 97 14.95 -45.69 -43.26
C ASP C 97 13.95 -45.29 -42.15
N GLY C 98 13.78 -43.99 -41.92
CA GLY C 98 12.91 -43.51 -40.84
C GLY C 98 11.44 -43.53 -41.20
N PRO C 99 10.56 -43.68 -40.20
CA PRO C 99 9.11 -43.74 -40.45
C PRO C 99 8.40 -42.38 -40.61
N HIS C 100 9.11 -41.26 -40.40
CA HIS C 100 8.51 -39.93 -40.42
C HIS C 100 9.06 -39.09 -41.58
N SER C 101 8.17 -38.41 -42.30
CA SER C 101 8.55 -37.57 -43.45
C SER C 101 8.99 -36.19 -42.97
N ASP C 102 8.08 -35.51 -42.27
CA ASP C 102 8.32 -34.17 -41.71
C ASP C 102 8.27 -34.18 -40.17
N ARG C 103 8.80 -33.11 -39.57
CA ARG C 103 8.53 -32.75 -38.17
C ARG C 103 7.96 -31.32 -38.17
N ILE C 104 6.80 -31.14 -37.53
CA ILE C 104 6.19 -29.81 -37.41
C ILE C 104 6.57 -29.19 -36.07
N TYR C 105 6.84 -27.88 -36.08
CA TYR C 105 7.07 -27.10 -34.89
C TYR C 105 5.95 -26.07 -34.78
N TYR C 106 5.59 -25.70 -33.55
CA TYR C 106 4.49 -24.77 -33.32
C TYR C 106 4.47 -24.24 -31.89
N LEU C 107 3.91 -23.05 -31.73
CA LEU C 107 3.67 -22.46 -30.41
C LEU C 107 2.30 -22.89 -29.91
N ALA C 108 2.20 -23.18 -28.61
CA ALA C 108 0.97 -23.71 -28.01
C ALA C 108 0.95 -23.62 -26.49
N MET C 109 -0.24 -23.80 -25.94
CA MET C 109 -0.51 -23.62 -24.52
C MET C 109 -1.05 -24.95 -23.97
N SER C 110 -0.15 -25.80 -23.51
CA SER C 110 -0.53 -27.13 -23.00
C SER C 110 -1.27 -27.04 -21.67
N ASN C 113 -3.84 -23.15 -18.24
CA ASN C 113 -3.20 -22.07 -17.49
C ASN C 113 -1.67 -22.23 -17.49
N ARG C 114 -1.13 -22.50 -18.67
CA ARG C 114 0.31 -22.64 -18.89
C ARG C 114 0.78 -21.46 -19.73
N GLU C 115 2.09 -21.22 -19.70
CA GLU C 115 2.72 -20.27 -20.62
C GLU C 115 2.78 -20.86 -22.04
N ASN C 116 2.78 -19.96 -23.02
CA ASN C 116 2.92 -20.33 -24.43
C ASN C 116 4.37 -20.78 -24.68
N THR C 117 4.56 -21.98 -25.22
CA THR C 117 5.91 -22.53 -25.48
C THR C 117 5.97 -23.40 -26.75
N LEU C 118 7.18 -23.68 -27.21
CA LEU C 118 7.40 -24.47 -28.43
C LEU C 118 7.19 -25.97 -28.23
N PHE C 119 6.42 -26.56 -29.14
CA PHE C 119 6.24 -28.01 -29.22
C PHE C 119 6.64 -28.48 -30.61
N TYR C 120 6.78 -29.80 -30.74
CA TYR C 120 6.90 -30.44 -32.06
C TYR C 120 6.09 -31.73 -32.11
N SER C 121 5.67 -32.10 -33.31
CA SER C 121 5.03 -33.38 -33.57
C SER C 121 5.69 -34.02 -34.79
N GLU C 122 5.46 -35.33 -34.91
CA GLU C 122 6.06 -36.15 -35.97
C GLU C 122 5.01 -36.49 -37.04
N ILE C 123 5.27 -36.10 -38.30
CA ILE C 123 4.38 -36.41 -39.42
C ILE C 123 4.83 -37.74 -40.02
N PRO C 124 3.98 -38.80 -39.92
CA PRO C 124 4.38 -40.10 -40.48
C PRO C 124 4.46 -40.13 -42.01
N LYS C 125 5.25 -41.06 -42.53
CA LYS C 125 5.36 -41.28 -43.98
C LYS C 125 4.09 -41.92 -44.52
N THR C 126 3.43 -42.71 -43.67
CA THR C 126 2.16 -43.35 -44.01
C THR C 126 1.24 -43.36 -42.80
N ILE C 127 -0.05 -43.51 -43.06
CA ILE C 127 -1.07 -43.66 -42.02
C ILE C 127 -1.91 -44.91 -42.28
N ASN C 128 -2.44 -45.48 -41.21
CA ASN C 128 -3.49 -46.47 -41.31
C ASN C 128 -4.77 -45.68 -41.55
N ARG C 129 -5.36 -45.84 -42.74
CA ARG C 129 -6.56 -45.09 -43.12
C ARG C 129 -7.87 -45.59 -42.48
N ALA C 130 -7.82 -46.76 -41.84
CA ALA C 130 -8.93 -47.23 -41.00
C ALA C 130 -9.14 -46.33 -39.77
N ALA C 131 -8.03 -45.94 -39.14
CA ALA C 131 -8.05 -45.14 -37.90
C ALA C 131 -7.81 -43.65 -38.14
N VAL C 132 -7.97 -42.88 -37.07
CA VAL C 132 -7.78 -41.43 -37.04
C VAL C 132 -6.61 -41.14 -36.10
N LEU C 133 -5.46 -40.80 -36.66
CA LEU C 133 -4.23 -40.53 -35.87
C LEU C 133 -4.28 -39.17 -35.16
N MET C 134 -4.06 -39.16 -33.84
CA MET C 134 -3.85 -37.90 -33.09
C MET C 134 -2.37 -37.77 -32.80
N LEU C 135 -1.78 -36.66 -33.22
CA LEU C 135 -0.36 -36.41 -33.04
C LEU C 135 -0.06 -36.09 -31.58
N SER C 136 1.04 -36.64 -31.08
CA SER C 136 1.51 -36.40 -29.72
C SER C 136 2.29 -35.08 -29.68
N TRP C 137 2.02 -34.27 -28.65
CA TRP C 137 2.68 -32.97 -28.46
C TRP C 137 3.97 -33.18 -27.66
N LYS C 138 5.11 -33.01 -28.31
CA LYS C 138 6.44 -33.19 -27.68
C LYS C 138 6.98 -31.80 -27.30
N PRO C 139 7.30 -31.55 -26.01
CA PRO C 139 7.89 -30.25 -25.67
C PRO C 139 9.30 -30.10 -26.24
N LEU C 140 9.53 -29.02 -26.99
CA LEU C 140 10.86 -28.72 -27.53
C LEU C 140 11.79 -28.20 -26.46
N LEU C 141 11.25 -27.48 -25.47
CA LEU C 141 12.06 -26.79 -24.49
C LEU C 141 11.97 -27.40 -23.11
N ASP C 142 13.05 -27.20 -22.33
CA ASP C 142 13.09 -27.52 -20.91
C ASP C 142 12.68 -26.28 -20.13
N LEU C 143 12.38 -26.46 -18.84
CA LEU C 143 11.84 -25.36 -18.00
C LEU C 143 12.91 -24.27 -17.74
N PHE C 144 12.45 -23.04 -17.48
CA PHE C 144 13.33 -21.88 -17.31
C PHE C 144 13.95 -21.80 -15.90
N GLN C 145 15.22 -21.39 -15.83
CA GLN C 145 15.98 -21.31 -14.57
C GLN C 145 15.49 -20.16 -13.68
N TYR C 153 6.62 -7.49 -16.36
CA TYR C 153 6.48 -6.81 -17.65
C TYR C 153 7.02 -5.38 -17.58
N SER C 154 7.88 -5.02 -18.53
CA SER C 154 8.39 -3.65 -18.65
C SER C 154 7.32 -2.78 -19.31
N ARG C 155 7.59 -1.48 -19.45
CA ARG C 155 6.65 -0.55 -20.10
C ARG C 155 6.55 -0.86 -21.60
N GLU C 156 7.69 -0.94 -22.28
CA GLU C 156 7.70 -1.17 -23.73
C GLU C 156 7.08 -2.50 -24.15
N GLU C 157 7.23 -3.54 -23.32
CA GLU C 157 6.53 -4.82 -23.54
C GLU C 157 5.02 -4.67 -23.40
N GLU C 158 4.58 -3.99 -22.33
CA GLU C 158 3.15 -3.81 -22.04
C GLU C 158 2.42 -3.06 -23.14
N LEU C 159 3.11 -2.09 -23.76
CA LEU C 159 2.57 -1.37 -24.92
C LEU C 159 2.52 -2.24 -26.18
N LEU C 160 3.61 -2.96 -26.46
CA LEU C 160 3.65 -3.89 -27.60
C LEU C 160 2.51 -4.90 -27.55
N ARG C 161 2.25 -5.42 -26.36
CA ARG C 161 1.14 -6.36 -26.16
C ARG C 161 -0.22 -5.71 -26.42
N GLU C 162 -0.36 -4.43 -26.07
CA GLU C 162 -1.55 -3.66 -26.44
C GLU C 162 -1.65 -3.41 -27.96
N ARG C 163 -0.52 -3.08 -28.59
CA ARG C 163 -0.49 -2.85 -30.05
C ARG C 163 -0.75 -4.15 -30.84
N LYS C 164 -0.11 -5.24 -30.43
CA LYS C 164 -0.31 -6.56 -31.04
C LYS C 164 -1.59 -7.28 -30.57
N ARG C 165 -2.28 -6.72 -29.57
CA ARG C 165 -3.51 -7.31 -29.00
C ARG C 165 -3.29 -8.71 -28.39
N ILE C 166 -2.07 -8.98 -27.91
CA ILE C 166 -1.74 -10.27 -27.30
C ILE C 166 -2.36 -10.38 -25.90
N GLY C 167 -3.21 -11.39 -25.71
CA GLY C 167 -3.76 -11.72 -24.40
C GLY C 167 -2.89 -12.68 -23.60
N THR C 168 -2.23 -13.62 -24.29
CA THR C 168 -1.55 -14.75 -23.65
C THR C 168 -0.09 -14.50 -23.26
N VAL C 169 0.38 -15.25 -22.28
CA VAL C 169 1.73 -15.12 -21.72
C VAL C 169 2.63 -16.21 -22.29
N GLY C 170 3.91 -15.89 -22.50
CA GLY C 170 4.94 -16.89 -22.82
C GLY C 170 5.84 -16.47 -23.96
N ILE C 171 6.01 -17.36 -24.93
CA ILE C 171 6.75 -17.07 -26.16
C ILE C 171 5.73 -16.72 -27.24
N ALA C 172 5.87 -15.51 -27.81
CA ALA C 172 4.94 -14.99 -28.80
C ALA C 172 5.26 -15.44 -30.23
N SER C 173 6.54 -15.65 -30.49
CA SER C 173 7.02 -15.93 -31.83
C SER C 173 8.39 -16.56 -31.79
N TYR C 174 8.84 -17.03 -32.93
CA TYR C 174 10.21 -17.50 -33.07
C TYR C 174 10.70 -17.32 -34.49
N ASP C 175 11.97 -16.94 -34.62
CA ASP C 175 12.69 -17.03 -35.88
C ASP C 175 13.33 -18.41 -36.01
N TYR C 176 13.66 -18.76 -37.25
CA TYR C 176 14.30 -20.03 -37.55
C TYR C 176 15.20 -19.86 -38.77
N HIS C 177 16.45 -20.31 -38.64
CA HIS C 177 17.35 -20.40 -39.79
C HIS C 177 17.30 -21.84 -40.28
N GLN C 178 16.90 -22.01 -41.54
CA GLN C 178 16.69 -23.33 -42.15
C GLN C 178 17.98 -24.14 -42.19
N GLY C 179 19.06 -23.50 -42.66
CA GLY C 179 20.35 -24.16 -42.89
C GLY C 179 21.10 -24.66 -41.67
N SER C 180 20.74 -24.20 -40.49
CA SER C 180 21.44 -24.53 -39.24
C SER C 180 20.59 -25.13 -38.11
N GLY C 181 19.26 -25.09 -38.26
CA GLY C 181 18.35 -25.53 -37.20
C GLY C 181 18.20 -24.58 -36.02
N THR C 182 18.75 -23.37 -36.14
CA THR C 182 18.79 -22.40 -35.05
C THR C 182 17.42 -21.74 -34.86
N PHE C 183 16.79 -21.99 -33.72
CA PHE C 183 15.65 -21.20 -33.27
C PHE C 183 16.16 -19.95 -32.55
N LEU C 184 15.33 -18.92 -32.49
CA LEU C 184 15.59 -17.73 -31.68
C LEU C 184 14.27 -17.19 -31.17
N PHE C 185 14.14 -17.00 -29.86
CA PHE C 185 12.87 -16.59 -29.28
C PHE C 185 13.02 -15.86 -27.95
N GLN C 186 12.24 -14.79 -27.80
CA GLN C 186 12.18 -14.04 -26.55
C GLN C 186 11.16 -14.72 -25.63
N ALA C 187 11.47 -14.71 -24.34
CA ALA C 187 10.60 -15.27 -23.30
C ALA C 187 10.94 -14.59 -21.99
N GLY C 188 10.02 -13.75 -21.51
CA GLY C 188 10.37 -12.75 -20.51
C GLY C 188 11.29 -11.74 -21.17
N SER C 189 12.17 -11.15 -20.37
CA SER C 189 13.16 -10.21 -20.89
C SER C 189 14.27 -10.91 -21.70
N GLY C 190 14.56 -12.16 -21.34
CA GLY C 190 15.64 -12.92 -21.96
C GLY C 190 15.36 -13.38 -23.37
N ILE C 191 16.42 -13.39 -24.18
CA ILE C 191 16.40 -13.86 -25.56
C ILE C 191 17.18 -15.17 -25.60
N TYR C 192 16.60 -16.19 -26.21
CA TYR C 192 17.13 -17.55 -26.15
C TYR C 192 17.26 -18.15 -27.54
N HIS C 193 18.06 -19.21 -27.64
CA HIS C 193 18.20 -20.00 -28.87
C HIS C 193 18.37 -21.50 -28.58
N VAL C 194 17.86 -22.34 -29.47
CA VAL C 194 18.16 -23.79 -29.50
C VAL C 194 18.40 -24.21 -30.94
N LYS C 195 18.95 -25.40 -31.15
CA LYS C 195 19.10 -25.96 -32.50
C LYS C 195 18.33 -27.26 -32.62
N ASP C 196 17.58 -27.40 -33.71
CA ASP C 196 16.90 -28.65 -34.04
C ASP C 196 16.48 -28.67 -35.51
N GLY C 197 16.85 -29.73 -36.22
CA GLY C 197 16.48 -29.93 -37.63
C GLY C 197 17.47 -29.43 -38.66
N GLY C 198 18.65 -28.99 -38.20
CA GLY C 198 19.75 -28.63 -39.10
C GLY C 198 20.66 -29.83 -39.32
N PRO C 199 21.86 -29.61 -39.89
CA PRO C 199 22.88 -30.65 -40.07
C PRO C 199 23.10 -31.53 -38.84
N GLN C 200 23.05 -30.94 -37.66
CA GLN C 200 23.23 -31.66 -36.39
C GLN C 200 22.24 -32.82 -36.20
N GLY C 201 20.97 -32.61 -36.54
CA GLY C 201 19.93 -33.65 -36.47
C GLY C 201 18.73 -33.29 -35.62
N PHE C 202 17.94 -34.30 -35.27
CA PHE C 202 16.66 -34.14 -34.54
C PHE C 202 16.66 -34.71 -33.12
N THR C 203 16.37 -33.87 -32.14
CA THR C 203 16.33 -34.28 -30.73
C THR C 203 15.07 -35.11 -30.40
N GLN C 204 15.23 -36.06 -29.48
CA GLN C 204 14.12 -36.87 -28.95
C GLN C 204 13.76 -36.50 -27.51
N GLN C 205 14.30 -35.37 -27.04
CA GLN C 205 14.07 -34.89 -25.68
C GLN C 205 14.07 -33.37 -25.71
N PRO C 206 13.43 -32.73 -24.71
CA PRO C 206 13.51 -31.27 -24.57
C PRO C 206 14.93 -30.72 -24.63
N LEU C 207 15.07 -29.51 -25.20
CA LEU C 207 16.36 -28.83 -25.30
C LEU C 207 16.45 -27.74 -24.24
N ARG C 208 17.70 -27.44 -23.85
CA ARG C 208 17.98 -26.42 -22.84
C ARG C 208 18.02 -25.06 -23.56
N PRO C 209 17.10 -24.14 -23.21
CA PRO C 209 17.16 -22.81 -23.85
C PRO C 209 18.46 -22.10 -23.51
N ASN C 210 19.12 -21.52 -24.50
CA ASN C 210 20.43 -20.88 -24.29
C ASN C 210 20.31 -19.36 -24.30
N LEU C 211 20.38 -18.76 -23.11
CA LEU C 211 20.34 -17.31 -22.96
C LEU C 211 21.41 -16.58 -23.78
N VAL C 212 20.96 -15.62 -24.58
CA VAL C 212 21.86 -14.69 -25.24
C VAL C 212 22.24 -13.66 -24.20
N GLU C 213 23.51 -13.70 -23.79
CA GLU C 213 24.01 -12.84 -22.72
C GLU C 213 24.17 -11.43 -23.26
N THR C 214 24.11 -10.44 -22.38
CA THR C 214 24.18 -9.02 -22.78
C THR C 214 24.79 -8.13 -21.69
N SER C 215 25.32 -6.99 -22.12
CA SER C 215 25.75 -5.91 -21.23
C SER C 215 24.77 -4.73 -21.27
N CYS C 216 23.62 -4.90 -21.94
CA CYS C 216 22.61 -3.85 -22.01
C CYS C 216 21.84 -3.79 -20.70
N PRO C 217 21.63 -2.58 -20.17
CA PRO C 217 20.85 -2.45 -18.92
C PRO C 217 19.37 -2.77 -19.08
N ASN C 218 18.78 -2.30 -20.17
CA ASN C 218 17.34 -2.31 -20.36
C ASN C 218 16.87 -3.47 -21.21
N ILE C 219 15.55 -3.64 -21.21
CA ILE C 219 14.86 -4.67 -21.99
C ILE C 219 15.28 -4.64 -23.47
N ARG C 220 15.72 -5.79 -23.97
CA ARG C 220 16.00 -5.97 -25.39
C ARG C 220 14.72 -6.39 -26.10
N MET C 221 14.21 -5.55 -27.01
CA MET C 221 12.98 -5.82 -27.75
C MET C 221 13.28 -6.12 -29.23
N ASP C 222 12.37 -6.85 -29.86
CA ASP C 222 12.40 -7.16 -31.30
C ASP C 222 13.67 -7.89 -31.76
N PRO C 223 13.91 -9.10 -31.22
CA PRO C 223 15.03 -9.89 -31.72
C PRO C 223 14.72 -10.46 -33.11
N LYS C 224 15.70 -10.40 -34.02
CA LYS C 224 15.61 -11.07 -35.32
C LYS C 224 16.92 -11.77 -35.66
N LEU C 225 16.83 -13.04 -36.06
CA LEU C 225 17.98 -13.78 -36.58
C LEU C 225 18.38 -13.25 -37.94
N CYS C 226 19.69 -13.15 -38.16
CA CYS C 226 20.23 -12.83 -39.46
C CYS C 226 20.13 -14.09 -40.34
N PRO C 227 19.40 -14.01 -41.48
CA PRO C 227 19.34 -15.19 -42.36
C PRO C 227 20.66 -15.49 -43.10
N ALA C 228 21.53 -14.50 -43.26
CA ALA C 228 22.83 -14.69 -43.91
C ALA C 228 23.86 -15.39 -43.01
N ASP C 229 23.82 -15.12 -41.70
CA ASP C 229 24.68 -15.80 -40.71
C ASP C 229 23.89 -16.04 -39.41
N PRO C 230 23.60 -17.30 -39.06
CA PRO C 230 22.79 -17.62 -37.87
C PRO C 230 23.52 -17.54 -36.51
N ASP C 231 24.76 -17.05 -36.51
CA ASP C 231 25.43 -16.66 -35.28
C ASP C 231 24.97 -15.27 -34.85
N TRP C 232 24.88 -14.34 -35.81
CA TRP C 232 24.46 -12.96 -35.52
C TRP C 232 22.96 -12.81 -35.34
N ILE C 233 22.57 -12.06 -34.30
CA ILE C 233 21.19 -11.56 -34.15
C ILE C 233 21.23 -10.04 -34.04
N ALA C 234 20.05 -9.44 -34.04
CA ALA C 234 19.89 -8.00 -33.79
C ALA C 234 18.69 -7.78 -32.92
N PHE C 235 18.69 -6.61 -32.26
CA PHE C 235 17.56 -6.22 -31.42
C PHE C 235 17.57 -4.72 -31.18
N ILE C 236 16.42 -4.23 -30.74
CA ILE C 236 16.26 -2.85 -30.33
C ILE C 236 16.53 -2.75 -28.83
N HIS C 237 17.26 -1.72 -28.46
CA HIS C 237 17.53 -1.38 -27.06
C HIS C 237 17.59 0.13 -26.90
N SER C 238 16.64 0.67 -26.14
CA SER C 238 16.47 2.11 -25.93
C SER C 238 16.42 2.85 -27.27
N ASN C 239 15.51 2.38 -28.13
CA ASN C 239 15.28 2.95 -29.47
C ASN C 239 16.53 3.02 -30.37
N ASP C 240 17.41 2.02 -30.26
CA ASP C 240 18.56 1.89 -31.17
C ASP C 240 18.84 0.44 -31.47
N ILE C 241 19.42 0.21 -32.65
CA ILE C 241 19.67 -1.14 -33.16
C ILE C 241 21.04 -1.63 -32.70
N TRP C 242 21.04 -2.81 -32.08
CA TRP C 242 22.23 -3.50 -31.64
C TRP C 242 22.33 -4.84 -32.38
N ILE C 243 23.53 -5.40 -32.42
CA ILE C 243 23.77 -6.76 -32.90
C ILE C 243 24.63 -7.54 -31.90
N SER C 244 24.34 -8.83 -31.76
CA SER C 244 25.07 -9.70 -30.85
C SER C 244 25.30 -11.07 -31.50
N ASN C 245 26.53 -11.57 -31.37
CA ASN C 245 26.89 -12.89 -31.90
C ASN C 245 26.74 -13.93 -30.80
N ILE C 246 25.96 -14.98 -31.07
CA ILE C 246 25.62 -15.97 -30.03
C ILE C 246 26.70 -17.02 -29.78
N VAL C 247 27.75 -17.05 -30.60
CA VAL C 247 28.90 -17.95 -30.43
C VAL C 247 30.09 -17.18 -29.86
N THR C 248 30.52 -16.13 -30.56
CA THR C 248 31.66 -15.30 -30.10
C THR C 248 31.32 -14.38 -28.92
N ARG C 249 30.04 -14.13 -28.66
CA ARG C 249 29.60 -13.23 -27.59
C ARG C 249 29.94 -11.73 -27.85
N GLU C 250 30.27 -11.38 -29.09
CA GLU C 250 30.57 -10.00 -29.41
C GLU C 250 29.25 -9.24 -29.55
N GLU C 251 29.02 -8.31 -28.64
CA GLU C 251 27.87 -7.40 -28.70
C GLU C 251 28.35 -6.06 -29.28
N ARG C 252 27.44 -5.31 -29.87
CA ARG C 252 27.80 -4.03 -30.51
C ARG C 252 26.57 -3.18 -30.78
N ARG C 253 26.73 -1.87 -30.62
CA ARG C 253 25.69 -0.91 -30.93
C ARG C 253 25.91 -0.31 -32.31
N LEU C 254 24.89 -0.40 -33.17
CA LEU C 254 24.97 0.09 -34.56
C LEU C 254 24.53 1.53 -34.73
N THR C 255 23.42 1.90 -34.09
CA THR C 255 22.88 3.25 -34.20
C THR C 255 23.07 4.00 -32.88
N TYR C 256 23.46 5.28 -32.99
CA TYR C 256 23.70 6.14 -31.83
C TYR C 256 22.78 7.37 -31.91
N VAL C 257 21.49 7.10 -32.04
CA VAL C 257 20.49 8.13 -32.32
C VAL C 257 19.77 8.60 -31.05
N HIS C 258 19.35 7.66 -30.21
CA HIS C 258 18.63 7.97 -28.96
C HIS C 258 19.59 7.99 -27.78
N ASN C 259 19.26 8.83 -26.80
CA ASN C 259 19.96 8.90 -25.53
C ASN C 259 18.98 8.44 -24.45
N GLU C 260 19.20 7.22 -23.93
CA GLU C 260 18.33 6.64 -22.89
C GLU C 260 18.19 7.49 -21.62
N LEU C 261 19.25 8.21 -21.27
CA LEU C 261 19.28 9.04 -20.06
C LEU C 261 18.55 10.38 -20.20
N ALA C 262 18.25 10.80 -21.44
CA ALA C 262 17.52 12.05 -21.70
C ALA C 262 15.99 11.84 -21.71
N ASN C 263 15.26 12.91 -21.43
CA ASN C 263 13.79 12.87 -21.42
C ASN C 263 13.27 12.83 -22.84
N MET C 264 12.12 12.19 -23.01
CA MET C 264 11.51 12.03 -24.34
C MET C 264 11.13 13.35 -25.01
N GLU C 265 10.87 14.39 -24.21
CA GLU C 265 10.58 15.73 -24.73
C GLU C 265 11.81 16.32 -25.44
N GLU C 266 13.00 16.07 -24.89
CA GLU C 266 14.26 16.51 -25.52
C GLU C 266 14.59 15.66 -26.73
N ASP C 267 14.64 14.34 -26.52
CA ASP C 267 15.14 13.39 -27.51
C ASP C 267 14.06 12.39 -27.92
N ALA C 268 13.54 12.56 -29.13
CA ALA C 268 12.52 11.67 -29.69
C ALA C 268 12.92 11.10 -31.05
N ARG C 269 14.22 10.92 -31.27
CA ARG C 269 14.72 10.24 -32.46
C ARG C 269 14.97 8.78 -32.13
N SER C 270 14.21 7.89 -32.78
CA SER C 270 14.38 6.43 -32.66
C SER C 270 14.97 5.86 -33.94
N ALA C 271 15.48 4.63 -33.85
CA ALA C 271 16.09 3.95 -34.99
C ALA C 271 15.75 2.46 -34.98
N GLY C 272 15.11 2.01 -36.06
CA GLY C 272 14.74 0.61 -36.21
C GLY C 272 13.47 0.20 -35.51
N VAL C 273 12.60 1.18 -35.22
CA VAL C 273 11.36 0.93 -34.49
C VAL C 273 10.18 1.50 -35.28
N ALA C 274 9.06 0.80 -35.19
CA ALA C 274 7.80 1.30 -35.72
C ALA C 274 7.19 2.25 -34.68
N THR C 275 6.88 3.48 -35.08
CA THR C 275 6.22 4.45 -34.20
C THR C 275 4.77 4.04 -33.88
N PHE C 276 4.15 4.75 -32.93
CA PHE C 276 2.81 4.39 -32.45
C PHE C 276 1.78 4.10 -33.55
N VAL C 277 1.65 5.00 -34.51
CA VAL C 277 0.58 4.87 -35.52
C VAL C 277 0.78 3.65 -36.40
N LEU C 278 2.04 3.35 -36.75
CA LEU C 278 2.33 2.19 -37.59
C LEU C 278 2.00 0.87 -36.90
N GLN C 279 2.27 0.77 -35.60
CA GLN C 279 1.91 -0.42 -34.82
C GLN C 279 0.40 -0.53 -34.59
N GLU C 280 -0.22 0.60 -34.26
CA GLU C 280 -1.63 0.62 -33.90
C GLU C 280 -2.54 0.46 -35.12
N GLU C 281 -2.20 1.17 -36.20
CA GLU C 281 -3.07 1.26 -37.38
C GLU C 281 -2.63 0.48 -38.61
N PHE C 282 -1.34 0.20 -38.74
CA PHE C 282 -0.82 -0.55 -39.88
C PHE C 282 -0.28 -1.94 -39.55
N ASP C 283 -0.37 -2.33 -38.28
CA ASP C 283 0.08 -3.64 -37.81
C ASP C 283 1.49 -4.02 -38.27
N ARG C 284 2.37 -3.02 -38.33
CA ARG C 284 3.79 -3.22 -38.52
C ARG C 284 4.39 -2.93 -37.17
N TYR C 285 5.00 -3.95 -36.57
CA TYR C 285 5.53 -3.86 -35.20
C TYR C 285 7.05 -3.88 -35.18
N SER C 286 7.68 -3.51 -36.30
CA SER C 286 9.14 -3.56 -36.44
C SER C 286 9.62 -2.57 -37.50
N GLY C 287 10.84 -2.06 -37.30
CA GLY C 287 11.41 -1.02 -38.17
C GLY C 287 12.79 -1.31 -38.73
N TYR C 288 13.25 -2.56 -38.67
CA TYR C 288 14.52 -2.94 -39.29
C TYR C 288 14.39 -4.30 -39.94
N TRP C 289 15.22 -4.53 -40.97
CA TRP C 289 15.16 -5.75 -41.78
C TRP C 289 16.57 -6.16 -42.22
N TRP C 290 16.96 -7.37 -41.84
CA TRP C 290 18.22 -7.97 -42.29
C TRP C 290 18.23 -8.19 -43.80
N CYS C 291 19.38 -7.94 -44.42
CA CYS C 291 19.62 -8.36 -45.79
C CYS C 291 19.89 -9.87 -45.78
N PRO C 292 19.15 -10.67 -46.57
CA PRO C 292 19.17 -12.14 -46.44
C PRO C 292 20.44 -12.86 -46.91
N LYS C 293 21.22 -12.24 -47.79
CA LYS C 293 22.50 -12.78 -48.24
C LYS C 293 23.62 -11.81 -47.88
N ALA C 294 24.84 -12.34 -47.80
CA ALA C 294 26.01 -11.57 -47.39
C ALA C 294 26.99 -11.43 -48.55
N GLU C 295 27.37 -10.18 -48.87
CA GLU C 295 28.37 -9.91 -49.90
C GLU C 295 29.77 -10.24 -49.37
N THR C 296 30.49 -11.10 -50.09
CA THR C 296 31.85 -11.53 -49.69
C THR C 296 32.90 -10.45 -50.05
N THR C 297 33.86 -10.24 -49.15
CA THR C 297 34.99 -9.31 -49.39
C THR C 297 36.22 -10.08 -49.89
N PRO C 298 37.17 -9.37 -50.54
CA PRO C 298 38.48 -9.99 -50.85
C PRO C 298 39.26 -10.50 -49.63
N SER C 299 39.02 -9.94 -48.44
CA SER C 299 39.62 -10.42 -47.18
C SER C 299 39.46 -11.93 -46.95
N GLY C 300 38.25 -12.44 -47.19
CA GLY C 300 37.86 -13.80 -46.79
C GLY C 300 36.56 -13.79 -46.01
N GLY C 301 36.33 -12.71 -45.25
CA GLY C 301 35.08 -12.47 -44.54
C GLY C 301 34.00 -11.85 -45.43
N LYS C 302 33.10 -11.09 -44.81
CA LYS C 302 31.86 -10.65 -45.48
C LYS C 302 31.28 -9.33 -44.96
N ILE C 303 30.35 -8.77 -45.74
CA ILE C 303 29.51 -7.65 -45.32
C ILE C 303 28.11 -8.17 -45.06
N LEU C 304 27.58 -7.86 -43.87
CA LEU C 304 26.16 -8.00 -43.58
C LEU C 304 25.52 -6.62 -43.69
N ARG C 305 24.22 -6.60 -43.98
CA ARG C 305 23.49 -5.35 -44.12
C ARG C 305 22.15 -5.40 -43.39
N ILE C 306 21.77 -4.25 -42.83
CA ILE C 306 20.50 -4.10 -42.13
C ILE C 306 19.85 -2.83 -42.64
N LEU C 307 18.71 -2.97 -43.32
CA LEU C 307 17.87 -1.82 -43.65
C LEU C 307 17.14 -1.45 -42.38
N TYR C 308 16.95 -0.16 -42.14
CA TYR C 308 16.12 0.28 -41.03
C TYR C 308 15.45 1.65 -41.22
N GLU C 309 14.26 1.77 -40.66
CA GLU C 309 13.49 3.01 -40.62
C GLU C 309 14.02 3.83 -39.46
N GLU C 310 14.35 5.10 -39.72
CA GLU C 310 14.65 6.05 -38.65
C GLU C 310 13.54 7.08 -38.54
N ASN C 311 13.06 7.30 -37.32
CA ASN C 311 11.99 8.26 -37.05
C ASN C 311 12.51 9.45 -36.24
N ASP C 312 11.74 10.53 -36.30
CA ASP C 312 12.00 11.76 -35.55
C ASP C 312 10.64 12.34 -35.15
N GLU C 313 10.24 12.10 -33.90
CA GLU C 313 8.95 12.56 -33.39
C GLU C 313 9.04 13.90 -32.66
N SER C 314 10.00 14.75 -33.04
CA SER C 314 10.19 16.07 -32.45
C SER C 314 9.01 17.00 -32.70
N GLU C 315 8.42 16.92 -33.89
CA GLU C 315 7.28 17.76 -34.29
C GLU C 315 5.91 17.17 -33.96
N VAL C 316 5.86 15.94 -33.43
CA VAL C 316 4.61 15.25 -33.12
C VAL C 316 4.13 15.68 -31.75
N GLU C 317 2.82 15.90 -31.63
CA GLU C 317 2.23 16.39 -30.37
C GLU C 317 2.41 15.38 -29.23
N ILE C 318 2.63 15.89 -28.02
CA ILE C 318 2.72 15.08 -26.82
C ILE C 318 1.43 15.22 -26.01
N ILE C 319 0.80 14.09 -25.72
CA ILE C 319 -0.29 14.02 -24.75
C ILE C 319 0.22 13.32 -23.51
N HIS C 320 -0.59 13.34 -22.45
CA HIS C 320 -0.24 12.73 -21.18
C HIS C 320 -1.28 11.68 -20.82
N VAL C 321 -0.82 10.45 -20.55
CA VAL C 321 -1.68 9.33 -20.15
C VAL C 321 -1.38 9.01 -18.69
N THR C 322 -2.43 8.81 -17.91
CA THR C 322 -2.30 8.44 -16.49
C THR C 322 -1.37 7.24 -16.30
N SER C 323 -0.46 7.32 -15.32
CA SER C 323 0.41 6.20 -14.99
C SER C 323 -0.43 5.12 -14.30
N PRO C 324 -0.17 3.83 -14.61
CA PRO C 324 -0.88 2.72 -13.93
C PRO C 324 -0.69 2.67 -12.41
N MET C 325 0.49 3.05 -11.94
CA MET C 325 0.75 3.24 -10.51
C MET C 325 -0.02 4.48 -10.07
N LEU C 326 -1.28 4.30 -9.66
CA LEU C 326 -2.14 5.44 -9.28
C LEU C 326 -1.61 6.21 -8.08
N GLU C 327 -0.79 5.55 -7.26
CA GLU C 327 -0.20 6.11 -6.05
C GLU C 327 0.69 7.32 -6.34
N THR C 328 1.42 7.26 -7.46
CA THR C 328 2.31 8.34 -7.88
C THR C 328 1.55 9.62 -8.22
N ARG C 329 0.32 9.46 -8.73
CA ARG C 329 -0.50 10.56 -9.25
C ARG C 329 0.27 11.27 -10.36
N ARG C 330 0.90 10.45 -11.19
CA ARG C 330 1.76 10.91 -12.27
C ARG C 330 1.20 10.41 -13.59
N ALA C 331 1.64 11.04 -14.67
CA ALA C 331 1.24 10.68 -16.02
C ALA C 331 2.49 10.48 -16.86
N ASP C 332 2.36 9.68 -17.92
CA ASP C 332 3.45 9.39 -18.85
C ASP C 332 3.26 10.22 -20.12
N SER C 333 4.36 10.54 -20.79
CA SER C 333 4.32 11.31 -22.03
C SER C 333 4.29 10.35 -23.23
N PHE C 334 3.35 10.57 -24.15
CA PHE C 334 3.19 9.78 -25.37
C PHE C 334 3.16 10.70 -26.58
N ARG C 335 3.81 10.28 -27.66
CA ARG C 335 3.73 10.96 -28.95
C ARG C 335 2.49 10.46 -29.69
N TYR C 336 1.40 11.22 -29.60
CA TYR C 336 0.15 10.88 -30.29
C TYR C 336 -0.08 11.88 -31.42
N PRO C 337 0.11 11.43 -32.68
CA PRO C 337 -0.21 12.32 -33.80
C PRO C 337 -1.72 12.28 -34.08
N LYS C 338 -2.44 13.25 -33.53
CA LYS C 338 -3.89 13.32 -33.69
C LYS C 338 -4.20 13.73 -35.12
N THR C 339 -5.40 13.41 -35.58
CA THR C 339 -5.81 13.75 -36.93
C THR C 339 -5.59 15.25 -37.20
N GLY C 340 -4.92 15.57 -38.30
CA GLY C 340 -4.55 16.95 -38.63
C GLY C 340 -3.09 17.25 -38.41
N THR C 341 -2.55 16.87 -37.26
CA THR C 341 -1.15 17.19 -36.89
C THR C 341 -0.16 16.34 -37.65
N ALA C 342 1.12 16.69 -37.53
CA ALA C 342 2.18 15.98 -38.25
C ALA C 342 2.37 14.54 -37.74
N ASN C 343 2.69 13.63 -38.66
CA ASN C 343 3.25 12.32 -38.32
C ASN C 343 4.77 12.50 -38.18
N PRO C 344 5.46 11.50 -37.61
CA PRO C 344 6.92 11.60 -37.50
C PRO C 344 7.65 11.82 -38.83
N LYS C 345 8.77 12.53 -38.78
CA LYS C 345 9.66 12.68 -39.93
C LYS C 345 10.37 11.33 -40.09
N VAL C 346 10.13 10.66 -41.22
CA VAL C 346 10.64 9.29 -41.46
C VAL C 346 11.68 9.24 -42.59
N THR C 347 12.60 8.30 -42.51
CA THR C 347 13.58 8.05 -43.59
C THR C 347 14.14 6.63 -43.52
N PHE C 348 14.68 6.18 -44.65
CA PHE C 348 15.42 4.93 -44.70
C PHE C 348 16.89 5.17 -44.41
N LYS C 349 17.51 4.20 -43.74
CA LYS C 349 18.92 4.20 -43.40
C LYS C 349 19.41 2.78 -43.53
N MET C 350 20.73 2.57 -43.53
CA MET C 350 21.29 1.23 -43.65
C MET C 350 22.60 1.11 -42.88
N SER C 351 22.75 0.02 -42.14
CA SER C 351 23.96 -0.24 -41.38
C SER C 351 24.76 -1.33 -42.07
N GLU C 352 25.97 -0.96 -42.50
CA GLU C 352 26.86 -1.84 -43.25
C GLU C 352 27.87 -2.40 -42.26
N ILE C 353 27.89 -3.72 -42.11
CA ILE C 353 28.60 -4.38 -41.00
C ILE C 353 29.66 -5.34 -41.56
N MET C 354 30.93 -4.92 -41.54
CA MET C 354 32.05 -5.71 -42.08
C MET C 354 32.59 -6.72 -41.05
N ILE C 355 32.55 -8.00 -41.39
CA ILE C 355 33.05 -9.08 -40.55
C ILE C 355 34.29 -9.73 -41.21
N ASP C 356 35.25 -10.17 -40.39
CA ASP C 356 36.47 -10.84 -40.87
C ASP C 356 36.29 -12.37 -41.05
N ALA C 357 37.38 -13.12 -41.17
CA ALA C 357 37.33 -14.57 -41.45
C ALA C 357 36.71 -15.44 -40.34
N GLU C 358 36.84 -15.03 -39.08
CA GLU C 358 36.38 -15.85 -37.93
C GLU C 358 35.23 -15.23 -37.12
N GLY C 359 34.60 -14.18 -37.65
CA GLY C 359 33.40 -13.59 -37.05
C GLY C 359 33.61 -12.36 -36.18
N ARG C 360 34.81 -11.76 -36.23
CA ARG C 360 35.05 -10.47 -35.57
C ARG C 360 34.45 -9.38 -36.45
N ILE C 361 33.99 -8.30 -35.82
CA ILE C 361 33.56 -7.13 -36.57
C ILE C 361 34.83 -6.32 -36.86
N ILE C 362 35.15 -6.18 -38.14
CA ILE C 362 36.23 -5.29 -38.58
C ILE C 362 35.81 -3.84 -38.35
N ASP C 363 34.61 -3.50 -38.82
CA ASP C 363 34.18 -2.12 -38.93
C ASP C 363 32.66 -2.08 -39.14
N VAL C 364 32.04 -0.95 -38.79
CA VAL C 364 30.62 -0.68 -39.09
C VAL C 364 30.52 0.71 -39.72
N ILE C 365 29.89 0.78 -40.89
CA ILE C 365 29.62 2.08 -41.53
C ILE C 365 28.11 2.28 -41.54
N ASP C 366 27.67 3.42 -41.00
CA ASP C 366 26.27 3.81 -41.06
C ASP C 366 26.04 4.67 -42.31
N LYS C 367 24.97 4.38 -43.04
CA LYS C 367 24.70 4.99 -44.34
C LYS C 367 23.27 5.53 -44.44
N GLU C 368 23.12 6.63 -45.18
CA GLU C 368 21.83 7.28 -45.41
C GLU C 368 21.59 7.48 -46.90
N LEU C 369 20.36 7.80 -47.25
CA LEU C 369 19.98 8.05 -48.63
C LEU C 369 20.79 9.21 -49.21
N ILE C 370 21.19 9.05 -50.47
CA ILE C 370 21.95 10.08 -51.19
C ILE C 370 21.22 11.42 -51.24
N GLN C 371 19.90 11.39 -51.39
CA GLN C 371 19.07 12.58 -51.33
C GLN C 371 18.02 12.36 -50.21
N PRO C 372 17.39 13.44 -49.73
CA PRO C 372 16.37 13.27 -48.70
C PRO C 372 15.18 12.42 -49.14
N PHE C 373 14.50 11.83 -48.16
CA PHE C 373 13.33 10.98 -48.36
C PHE C 373 12.17 11.77 -49.01
N GLU C 374 12.08 13.06 -48.69
CA GLU C 374 11.01 13.93 -49.23
C GLU C 374 11.13 14.10 -50.75
N ILE C 375 12.37 14.13 -51.24
CA ILE C 375 12.66 14.30 -52.67
C ILE C 375 12.50 12.97 -53.41
N LEU C 376 13.23 11.95 -52.96
CA LEU C 376 13.24 10.62 -53.59
C LEU C 376 11.88 9.94 -53.62
N PHE C 377 11.08 10.14 -52.57
CA PHE C 377 9.75 9.52 -52.45
C PHE C 377 8.70 10.61 -52.25
N GLU C 378 8.44 11.35 -53.33
CA GLU C 378 7.48 12.46 -53.33
C GLU C 378 6.06 11.98 -52.96
N GLY C 379 5.45 12.62 -51.97
CA GLY C 379 4.09 12.33 -51.55
C GLY C 379 3.94 11.36 -50.39
N VAL C 380 5.02 10.66 -50.06
CA VAL C 380 4.96 9.52 -49.13
C VAL C 380 4.95 9.95 -47.67
N GLU C 381 3.83 9.69 -46.97
CA GLU C 381 3.76 9.84 -45.50
C GLU C 381 4.27 8.59 -44.80
N TYR C 382 3.52 7.50 -44.97
CA TYR C 382 3.75 6.28 -44.21
C TYR C 382 4.57 5.27 -45.02
N ILE C 383 5.58 4.69 -44.38
CA ILE C 383 6.21 3.46 -44.85
C ILE C 383 5.36 2.33 -44.26
N ALA C 384 4.54 1.70 -45.09
CA ALA C 384 3.57 0.70 -44.63
C ALA C 384 4.19 -0.68 -44.38
N ARG C 385 5.01 -1.14 -45.32
CA ARG C 385 5.79 -2.40 -45.18
C ARG C 385 7.18 -2.18 -45.76
N ALA C 386 8.11 -3.07 -45.43
CA ALA C 386 9.46 -3.02 -46.01
C ALA C 386 10.24 -4.32 -45.76
N GLY C 387 11.30 -4.49 -46.54
CA GLY C 387 12.12 -5.71 -46.50
C GLY C 387 13.05 -5.81 -47.69
N TRP C 388 13.52 -7.02 -47.98
CA TRP C 388 14.45 -7.28 -49.07
C TRP C 388 13.88 -8.30 -50.07
N THR C 389 14.41 -8.27 -51.29
CA THR C 389 14.10 -9.30 -52.29
C THR C 389 14.82 -10.60 -51.89
N PRO C 390 14.35 -11.76 -52.38
CA PRO C 390 14.97 -13.03 -51.97
C PRO C 390 16.50 -13.09 -52.13
N GLU C 391 17.01 -12.55 -53.24
CA GLU C 391 18.46 -12.57 -53.51
C GLU C 391 19.23 -11.59 -52.65
N GLY C 392 18.56 -10.53 -52.18
CA GLY C 392 19.20 -9.46 -51.42
C GLY C 392 19.76 -8.36 -52.29
N LYS C 393 19.38 -8.35 -53.57
CA LYS C 393 19.88 -7.38 -54.52
C LYS C 393 19.32 -6.01 -54.18
N TYR C 394 17.99 -5.93 -54.07
CA TYR C 394 17.28 -4.70 -53.69
C TYR C 394 16.61 -4.86 -52.33
N ALA C 395 16.35 -3.72 -51.70
CA ALA C 395 15.39 -3.63 -50.61
C ALA C 395 14.09 -3.13 -51.23
N TRP C 396 12.96 -3.56 -50.68
CA TRP C 396 11.66 -3.09 -51.16
C TRP C 396 10.91 -2.36 -50.07
N SER C 397 9.83 -1.69 -50.47
CA SER C 397 9.04 -0.89 -49.56
C SER C 397 7.66 -0.56 -50.15
N ILE C 398 6.60 -0.89 -49.42
CA ILE C 398 5.26 -0.41 -49.73
C ILE C 398 5.10 0.98 -49.08
N LEU C 399 4.65 1.96 -49.86
CA LEU C 399 4.62 3.36 -49.46
C LEU C 399 3.27 3.99 -49.74
N LEU C 400 2.61 4.50 -48.70
CA LEU C 400 1.35 5.24 -48.85
C LEU C 400 1.56 6.74 -48.81
N ASP C 401 0.62 7.47 -49.39
CA ASP C 401 0.52 8.93 -49.25
C ASP C 401 -0.34 9.23 -48.03
N ARG C 402 -0.47 10.51 -47.67
CA ARG C 402 -1.22 10.89 -46.47
C ARG C 402 -2.68 10.47 -46.50
N SER C 403 -3.33 10.71 -47.65
CA SER C 403 -4.73 10.39 -47.83
C SER C 403 -5.00 8.89 -47.90
N GLN C 404 -3.94 8.10 -48.08
CA GLN C 404 -4.00 6.64 -48.16
C GLN C 404 -4.89 6.17 -49.28
N THR C 405 -4.86 6.93 -50.37
CA THR C 405 -5.55 6.59 -51.58
C THR C 405 -4.55 6.27 -52.69
N ARG C 406 -3.24 6.32 -52.40
CA ARG C 406 -2.20 6.11 -53.42
C ARG C 406 -1.07 5.24 -52.86
N LEU C 407 -1.12 3.95 -53.17
CA LEU C 407 -0.08 2.99 -52.78
C LEU C 407 1.04 2.94 -53.80
N GLN C 408 2.26 2.69 -53.34
CA GLN C 408 3.41 2.46 -54.22
C GLN C 408 4.26 1.33 -53.67
N ILE C 409 4.77 0.47 -54.55
CA ILE C 409 5.81 -0.50 -54.20
C ILE C 409 7.08 0.04 -54.84
N VAL C 410 8.18 0.07 -54.08
CA VAL C 410 9.41 0.73 -54.52
C VAL C 410 10.63 -0.10 -54.18
N LEU C 411 11.44 -0.43 -55.20
CA LEU C 411 12.74 -1.06 -55.00
C LEU C 411 13.79 0.01 -54.72
N ILE C 412 14.66 -0.27 -53.76
CA ILE C 412 15.71 0.65 -53.31
C ILE C 412 17.01 -0.14 -53.35
N SER C 413 17.91 0.23 -54.24
CA SER C 413 19.23 -0.40 -54.28
C SER C 413 20.00 -0.02 -53.01
N PRO C 414 20.84 -0.94 -52.50
CA PRO C 414 21.78 -0.56 -51.44
C PRO C 414 22.77 0.54 -51.86
N GLU C 415 23.07 0.62 -53.16
CA GLU C 415 23.93 1.67 -53.70
C GLU C 415 23.31 3.08 -53.69
N LEU C 416 22.01 3.20 -53.41
CA LEU C 416 21.41 4.50 -53.08
C LEU C 416 21.94 5.09 -51.76
N PHE C 417 22.41 4.23 -50.85
CA PHE C 417 22.90 4.67 -49.55
C PHE C 417 24.38 4.98 -49.58
N ILE C 418 24.73 6.12 -48.98
CA ILE C 418 26.12 6.61 -48.91
C ILE C 418 26.47 6.77 -47.44
N PRO C 419 27.78 6.64 -47.09
CA PRO C 419 28.16 6.80 -45.67
C PRO C 419 27.71 8.14 -45.10
N VAL C 420 27.27 8.15 -43.85
CA VAL C 420 26.81 9.39 -43.21
C VAL C 420 28.03 10.29 -42.97
N GLU C 421 27.91 11.55 -43.37
CA GLU C 421 28.99 12.53 -43.21
C GLU C 421 28.45 13.93 -42.95
N ASP C 422 29.07 14.61 -41.99
CA ASP C 422 28.73 15.99 -41.62
C ASP C 422 29.64 17.00 -42.32
N ASP C 423 30.92 16.63 -42.50
CA ASP C 423 31.86 17.40 -43.31
C ASP C 423 31.35 17.51 -44.75
N VAL C 424 31.01 18.74 -45.16
CA VAL C 424 30.41 19.01 -46.48
C VAL C 424 31.32 18.68 -47.68
N MET C 425 32.64 18.77 -47.47
CA MET C 425 33.65 18.43 -48.49
C MET C 425 33.59 16.93 -48.86
N GLU C 426 33.73 16.08 -47.85
CA GLU C 426 33.72 14.62 -48.04
C GLU C 426 32.35 14.09 -48.47
N ARG C 427 31.30 14.68 -47.92
CA ARG C 427 29.91 14.37 -48.27
C ARG C 427 29.60 14.59 -49.75
N GLN C 428 29.98 15.76 -50.25
CA GLN C 428 29.77 16.15 -51.66
C GLN C 428 30.53 15.27 -52.63
N ARG C 429 31.71 14.79 -52.24
CA ARG C 429 32.49 13.87 -53.07
C ARG C 429 31.80 12.50 -53.20
N LEU C 430 31.19 12.04 -52.11
CA LEU C 430 30.45 10.76 -52.11
C LEU C 430 29.14 10.82 -52.91
N ILE C 431 28.52 11.99 -53.00
CA ILE C 431 27.31 12.17 -53.83
C ILE C 431 27.63 12.01 -55.34
N GLU C 432 28.78 12.55 -55.76
CA GLU C 432 29.23 12.45 -57.15
C GLU C 432 29.73 11.06 -57.52
N SER C 433 30.27 10.31 -56.56
CA SER C 433 30.78 8.95 -56.81
C SER C 433 29.68 7.92 -57.13
N VAL C 434 28.46 8.14 -56.64
CA VAL C 434 27.32 7.29 -56.99
C VAL C 434 26.79 7.70 -58.38
N PRO C 435 26.71 6.73 -59.32
CA PRO C 435 26.14 7.02 -60.66
C PRO C 435 24.73 7.60 -60.67
N ASP C 436 24.38 8.33 -61.73
CA ASP C 436 23.04 8.89 -61.90
C ASP C 436 22.00 7.82 -62.25
N SER C 437 22.44 6.71 -62.83
CA SER C 437 21.56 5.56 -63.09
C SER C 437 21.02 4.92 -61.81
N VAL C 438 21.80 5.00 -60.73
CA VAL C 438 21.39 4.49 -59.41
C VAL C 438 20.27 5.37 -58.86
N THR C 439 19.07 4.80 -58.77
CA THR C 439 17.84 5.57 -58.64
C THR C 439 16.71 4.75 -57.97
N PRO C 440 15.73 5.43 -57.33
CA PRO C 440 14.50 4.73 -56.93
C PRO C 440 13.75 4.11 -58.10
N LEU C 441 13.05 3.01 -57.83
CA LEU C 441 12.30 2.29 -58.85
C LEU C 441 10.91 1.96 -58.34
N ILE C 442 9.92 2.80 -58.69
CA ILE C 442 8.51 2.51 -58.41
C ILE C 442 8.04 1.39 -59.35
N ILE C 443 8.02 0.15 -58.87
CA ILE C 443 7.65 -1.01 -59.70
C ILE C 443 6.14 -1.23 -59.83
N TYR C 444 5.35 -0.50 -59.04
CA TYR C 444 3.90 -0.66 -59.05
C TYR C 444 3.28 0.54 -58.34
N GLU C 445 2.18 1.04 -58.89
CA GLU C 445 1.40 2.11 -58.26
C GLU C 445 -0.06 1.82 -58.47
N GLU C 446 -0.89 2.19 -57.50
CA GLU C 446 -2.34 2.08 -57.61
C GLU C 446 -2.98 3.24 -56.87
N THR C 447 -4.19 3.59 -57.28
CA THR C 447 -4.96 4.65 -56.61
C THR C 447 -6.40 4.17 -56.36
N THR C 448 -7.16 4.96 -55.61
CA THR C 448 -8.54 4.60 -55.26
C THR C 448 -9.33 5.78 -54.68
N ASP C 449 -10.58 5.91 -55.11
CA ASP C 449 -11.52 6.90 -54.57
C ASP C 449 -12.01 6.56 -53.14
N ILE C 450 -11.78 5.33 -52.68
CA ILE C 450 -12.11 4.94 -51.30
C ILE C 450 -10.85 5.01 -50.41
N TRP C 451 -10.08 3.92 -50.31
CA TRP C 451 -8.81 3.93 -49.55
C TRP C 451 -8.01 2.64 -49.78
N ILE C 452 -6.79 2.63 -49.27
CA ILE C 452 -5.87 1.52 -49.44
C ILE C 452 -5.72 0.71 -48.14
N ASN C 453 -6.33 -0.47 -48.11
CA ASN C 453 -6.13 -1.43 -47.02
C ASN C 453 -4.81 -2.15 -47.17
N ILE C 454 -3.90 -1.92 -46.23
CA ILE C 454 -2.56 -2.54 -46.26
C ILE C 454 -2.65 -4.02 -45.91
N HIS C 455 -1.82 -4.81 -46.59
CA HIS C 455 -1.76 -6.25 -46.38
C HIS C 455 -0.33 -6.77 -46.54
N ASP C 456 -0.14 -8.00 -46.08
CA ASP C 456 1.17 -8.66 -46.06
C ASP C 456 1.47 -9.47 -47.33
N ILE C 457 0.49 -9.64 -48.20
CA ILE C 457 0.70 -10.36 -49.47
C ILE C 457 1.63 -9.56 -50.38
N PHE C 458 2.79 -10.14 -50.66
CA PHE C 458 3.77 -9.58 -51.59
C PHE C 458 4.90 -10.60 -51.80
N HIS C 459 4.82 -11.33 -52.90
CA HIS C 459 5.82 -12.35 -53.25
C HIS C 459 6.61 -11.92 -54.48
N VAL C 460 7.92 -11.80 -54.34
CA VAL C 460 8.80 -11.57 -55.48
C VAL C 460 9.43 -12.90 -55.90
N PHE C 461 9.51 -13.14 -57.21
CA PHE C 461 10.10 -14.37 -57.75
C PHE C 461 11.60 -14.19 -57.93
N PRO C 462 12.35 -15.31 -58.05
CA PRO C 462 13.74 -15.25 -58.50
C PRO C 462 13.89 -14.48 -59.82
N GLN C 463 15.00 -13.76 -59.98
CA GLN C 463 15.17 -12.77 -61.05
C GLN C 463 16.11 -13.27 -62.15
N SER C 464 15.54 -13.68 -63.28
CA SER C 464 16.31 -14.28 -64.40
C SER C 464 16.85 -13.21 -65.35
N HIS C 465 15.96 -12.44 -65.96
CA HIS C 465 16.35 -11.28 -66.77
C HIS C 465 16.81 -10.15 -65.83
N GLU C 466 17.96 -9.56 -66.14
CA GLU C 466 18.55 -8.48 -65.33
C GLU C 466 17.63 -7.26 -65.25
N GLU C 467 17.14 -6.83 -66.42
CA GLU C 467 16.34 -5.60 -66.54
C GLU C 467 14.91 -5.72 -65.98
N GLU C 468 14.43 -6.94 -65.72
CA GLU C 468 13.04 -7.17 -65.30
C GLU C 468 12.93 -7.70 -63.87
N ILE C 469 11.77 -7.47 -63.27
CA ILE C 469 11.39 -8.08 -61.98
C ILE C 469 9.93 -8.52 -62.05
N GLU C 470 9.61 -9.58 -61.32
CA GLU C 470 8.34 -10.27 -61.42
C GLU C 470 7.80 -10.57 -60.03
N PHE C 471 6.51 -10.35 -59.80
CA PHE C 471 5.91 -10.50 -58.46
C PHE C 471 4.40 -10.69 -58.45
N ILE C 472 3.90 -11.22 -57.32
CA ILE C 472 2.45 -11.30 -57.02
C ILE C 472 2.10 -10.24 -55.97
N PHE C 473 0.95 -9.60 -56.15
CA PHE C 473 0.46 -8.58 -55.22
C PHE C 473 -1.06 -8.63 -55.21
N ALA C 474 -1.67 -8.19 -54.11
CA ALA C 474 -3.14 -8.17 -53.98
C ALA C 474 -3.67 -6.74 -54.01
N SER C 475 -4.88 -6.58 -54.51
CA SER C 475 -5.45 -5.24 -54.68
C SER C 475 -6.96 -5.22 -54.83
N GLU C 476 -7.59 -4.31 -54.09
CA GLU C 476 -9.00 -3.98 -54.25
C GLU C 476 -9.25 -2.93 -55.32
N CYS C 477 -8.19 -2.23 -55.75
CA CYS C 477 -8.31 -1.01 -56.56
C CYS C 477 -8.98 -1.21 -57.93
N LYS C 478 -8.58 -2.25 -58.66
CA LYS C 478 -9.16 -2.54 -59.98
C LYS C 478 -10.61 -3.03 -59.84
N THR C 479 -10.76 -4.24 -59.34
CA THR C 479 -12.04 -4.94 -59.31
C THR C 479 -13.08 -4.42 -58.30
N GLY C 480 -12.63 -3.73 -57.25
CA GLY C 480 -13.49 -3.40 -56.09
C GLY C 480 -13.42 -4.40 -54.95
N PHE C 481 -12.92 -5.62 -55.25
CA PHE C 481 -12.65 -6.68 -54.27
C PHE C 481 -11.17 -7.08 -54.35
N ARG C 482 -10.62 -7.56 -53.24
CA ARG C 482 -9.18 -7.85 -53.16
C ARG C 482 -8.84 -9.15 -53.90
N HIS C 483 -8.03 -9.03 -54.95
CA HIS C 483 -7.62 -10.18 -55.78
C HIS C 483 -6.12 -10.13 -56.07
N LEU C 484 -5.59 -11.28 -56.47
CA LEU C 484 -4.16 -11.45 -56.74
C LEU C 484 -3.84 -11.08 -58.19
N TYR C 485 -2.64 -10.54 -58.42
CA TYR C 485 -2.20 -10.12 -59.76
C TYR C 485 -0.72 -10.42 -59.97
N LYS C 486 -0.38 -11.18 -61.01
CA LYS C 486 1.01 -11.38 -61.42
C LYS C 486 1.42 -10.22 -62.32
N ILE C 487 2.47 -9.52 -61.89
CA ILE C 487 2.92 -8.29 -62.54
C ILE C 487 4.40 -8.41 -62.87
N THR C 488 4.77 -7.96 -64.07
CA THR C 488 6.15 -7.87 -64.51
C THR C 488 6.44 -6.38 -64.74
N SER C 489 7.60 -5.92 -64.28
CA SER C 489 7.98 -4.52 -64.37
C SER C 489 9.38 -4.38 -64.96
N ILE C 490 9.52 -3.53 -65.97
CA ILE C 490 10.81 -3.28 -66.61
C ILE C 490 11.48 -2.13 -65.86
N LEU C 491 12.78 -2.29 -65.63
CA LEU C 491 13.54 -1.36 -64.80
C LEU C 491 14.33 -0.39 -65.68
N LYS C 492 13.69 0.74 -66.00
CA LYS C 492 14.34 1.81 -66.77
C LYS C 492 15.44 2.48 -65.98
N GLU C 493 16.50 2.86 -66.68
CA GLU C 493 17.39 3.89 -66.17
C GLU C 493 16.51 5.14 -66.12
N SER C 494 16.52 5.84 -64.99
CA SER C 494 15.56 6.92 -64.77
C SER C 494 15.86 8.16 -65.62
N LYS C 495 14.80 8.85 -66.04
CA LYS C 495 14.91 10.09 -66.81
C LYS C 495 15.72 11.14 -66.05
N TYR C 496 15.33 11.37 -64.80
CA TYR C 496 16.01 12.29 -63.89
C TYR C 496 17.50 11.97 -63.77
N LYS C 497 18.35 13.00 -63.81
CA LYS C 497 19.79 12.83 -63.64
C LYS C 497 20.29 13.76 -62.53
N ARG C 498 20.98 13.17 -61.55
CA ARG C 498 21.37 13.86 -60.32
C ARG C 498 22.45 14.93 -60.52
N SER C 499 23.35 14.72 -61.49
CA SER C 499 24.42 15.66 -61.79
C SER C 499 23.91 17.04 -62.19
N SER C 500 22.75 17.09 -62.86
CA SER C 500 22.08 18.33 -63.26
C SER C 500 21.96 19.33 -62.11
N GLY C 501 21.48 18.85 -60.97
CA GLY C 501 21.20 19.69 -59.81
C GLY C 501 19.73 20.02 -59.62
N GLY C 502 18.88 19.69 -60.60
CA GLY C 502 17.43 19.83 -60.45
C GLY C 502 16.85 18.74 -59.56
N LEU C 503 15.54 18.80 -59.34
CA LEU C 503 14.81 17.80 -58.56
C LEU C 503 13.92 16.97 -59.49
N PRO C 504 13.63 15.70 -59.14
CA PRO C 504 12.80 14.85 -60.00
C PRO C 504 11.33 15.25 -60.02
N ALA C 505 10.70 15.15 -61.20
CA ALA C 505 9.28 15.43 -61.38
C ALA C 505 8.44 14.30 -60.81
N PRO C 506 7.13 14.55 -60.52
CA PRO C 506 6.23 13.58 -59.88
C PRO C 506 6.26 12.09 -60.28
N SER C 507 6.79 11.74 -61.45
CA SER C 507 6.87 10.32 -61.84
C SER C 507 8.07 9.98 -62.74
N ASP C 508 9.25 10.50 -62.40
CA ASP C 508 10.48 10.17 -63.12
C ASP C 508 11.03 8.79 -62.79
N PHE C 509 10.60 8.20 -61.67
CA PHE C 509 11.05 6.87 -61.25
C PHE C 509 10.13 5.72 -61.68
N LYS C 510 8.96 6.02 -62.25
CA LYS C 510 7.95 5.00 -62.57
C LYS C 510 8.42 4.02 -63.65
N CYS C 511 8.15 2.73 -63.40
CA CYS C 511 8.63 1.63 -64.24
C CYS C 511 7.55 1.18 -65.23
N PRO C 512 7.93 0.90 -66.49
CA PRO C 512 6.99 0.29 -67.45
C PRO C 512 6.44 -1.06 -66.98
N ILE C 513 5.12 -1.18 -67.02
CA ILE C 513 4.41 -2.40 -66.60
C ILE C 513 4.24 -3.33 -67.80
N LYS C 514 5.18 -4.26 -67.96
CA LYS C 514 5.15 -5.23 -69.07
C LYS C 514 3.96 -6.20 -69.01
N GLU C 515 3.58 -6.62 -67.80
CA GLU C 515 2.55 -7.64 -67.59
C GLU C 515 1.65 -7.27 -66.42
N GLU C 516 0.36 -7.63 -66.50
CA GLU C 516 -0.58 -7.49 -65.38
C GLU C 516 -1.70 -8.52 -65.49
N ILE C 517 -1.34 -9.78 -65.29
CA ILE C 517 -2.30 -10.90 -65.31
C ILE C 517 -3.08 -10.93 -63.99
N ALA C 518 -4.39 -11.13 -64.07
CA ALA C 518 -5.24 -11.28 -62.89
C ALA C 518 -5.41 -12.77 -62.58
N ILE C 519 -4.85 -13.18 -61.45
CA ILE C 519 -4.88 -14.58 -61.04
C ILE C 519 -6.27 -14.94 -60.51
N THR C 520 -6.95 -13.98 -59.89
CA THR C 520 -8.33 -14.16 -59.42
C THR C 520 -9.22 -12.96 -59.78
N SER C 521 -10.53 -13.15 -59.60
CA SER C 521 -11.54 -12.15 -59.96
C SER C 521 -12.90 -12.53 -59.39
N GLY C 522 -13.76 -11.52 -59.19
CA GLY C 522 -15.15 -11.75 -58.77
C GLY C 522 -15.61 -11.04 -57.51
N GLU C 523 -16.84 -11.36 -57.08
CA GLU C 523 -17.54 -10.66 -55.99
C GLU C 523 -17.16 -11.25 -54.62
N TRP C 524 -15.87 -11.30 -54.33
CA TRP C 524 -15.34 -11.92 -53.12
C TRP C 524 -13.87 -11.56 -53.00
N GLU C 525 -13.30 -11.62 -51.80
CA GLU C 525 -11.92 -11.15 -51.57
C GLU C 525 -10.93 -12.25 -51.17
N VAL C 526 -9.68 -12.07 -51.60
CA VAL C 526 -8.52 -12.80 -51.05
C VAL C 526 -8.14 -12.10 -49.76
N LEU C 527 -7.78 -12.89 -48.75
CA LEU C 527 -7.46 -12.36 -47.42
C LEU C 527 -5.94 -12.23 -47.27
N GLY C 528 -5.49 -11.07 -46.79
CA GLY C 528 -4.06 -10.80 -46.55
C GLY C 528 -3.73 -10.06 -45.26
N ARG C 529 -4.61 -10.18 -44.26
CA ARG C 529 -4.45 -9.55 -42.96
C ARG C 529 -4.48 -10.62 -41.87
N HIS C 530 -4.13 -10.22 -40.65
CA HIS C 530 -4.38 -11.03 -39.44
C HIS C 530 -3.85 -12.48 -39.50
N GLY C 531 -2.75 -12.69 -40.22
CA GLY C 531 -2.16 -14.03 -40.38
C GLY C 531 -2.40 -14.72 -41.71
N SER C 532 -3.39 -14.24 -42.48
CA SER C 532 -3.62 -14.73 -43.84
C SER C 532 -2.54 -14.19 -44.79
N ASN C 533 -2.11 -15.05 -45.71
CA ASN C 533 -1.13 -14.66 -46.75
C ASN C 533 -1.29 -15.63 -47.94
N ILE C 534 -0.21 -15.82 -48.71
CA ILE C 534 -0.19 -16.74 -49.83
C ILE C 534 1.04 -17.63 -49.75
N GLN C 535 0.88 -18.89 -50.14
CA GLN C 535 1.99 -19.81 -50.34
C GLN C 535 2.14 -20.01 -51.84
N VAL C 536 3.38 -20.11 -52.30
CA VAL C 536 3.69 -20.13 -53.73
C VAL C 536 4.54 -21.35 -54.07
N ASP C 537 3.93 -22.31 -54.75
CA ASP C 537 4.65 -23.47 -55.31
C ASP C 537 5.27 -23.02 -56.63
N GLU C 538 6.56 -22.68 -56.61
CA GLU C 538 7.25 -22.22 -57.82
C GLU C 538 7.52 -23.35 -58.84
N VAL C 539 7.62 -24.59 -58.35
CA VAL C 539 7.83 -25.76 -59.22
C VAL C 539 6.59 -25.99 -60.08
N ARG C 540 5.46 -26.26 -59.43
CA ARG C 540 4.18 -26.47 -60.12
C ARG C 540 3.49 -25.17 -60.60
N ARG C 541 4.00 -24.02 -60.16
CA ARG C 541 3.50 -22.69 -60.57
C ARG C 541 2.03 -22.50 -60.18
N LEU C 542 1.79 -22.71 -58.90
CA LEU C 542 0.51 -22.50 -58.23
C LEU C 542 0.68 -21.53 -57.06
N VAL C 543 -0.42 -20.90 -56.67
CA VAL C 543 -0.46 -20.03 -55.51
C VAL C 543 -1.67 -20.42 -54.64
N TYR C 544 -1.40 -20.73 -53.37
CA TYR C 544 -2.44 -21.03 -52.39
C TYR C 544 -2.83 -19.72 -51.69
N PHE C 545 -4.10 -19.60 -51.30
CA PHE C 545 -4.59 -18.40 -50.61
C PHE C 545 -5.90 -18.67 -49.88
N GLU C 546 -6.24 -17.82 -48.93
CA GLU C 546 -7.53 -17.90 -48.23
C GLU C 546 -8.47 -16.87 -48.83
N GLY C 547 -9.77 -17.18 -48.82
CA GLY C 547 -10.77 -16.26 -49.40
C GLY C 547 -12.23 -16.52 -49.04
N THR C 548 -13.09 -15.65 -49.57
CA THR C 548 -14.54 -15.67 -49.29
C THR C 548 -15.37 -16.11 -50.50
N LYS C 549 -14.75 -16.80 -51.47
CA LYS C 549 -15.43 -17.14 -52.73
C LYS C 549 -16.71 -17.94 -52.50
N ASP C 550 -16.64 -18.93 -51.62
CA ASP C 550 -17.80 -19.75 -51.33
C ASP C 550 -18.85 -19.01 -50.51
N SER C 551 -18.41 -18.22 -49.53
CA SER C 551 -19.32 -17.41 -48.72
C SER C 551 -18.58 -16.27 -48.01
N PRO C 552 -19.28 -15.15 -47.72
CA PRO C 552 -18.72 -14.17 -46.78
C PRO C 552 -18.66 -14.71 -45.34
N LEU C 553 -19.57 -15.63 -45.01
CA LEU C 553 -19.66 -16.20 -43.67
C LEU C 553 -18.66 -17.32 -43.38
N GLU C 554 -17.90 -17.77 -44.39
CA GLU C 554 -16.89 -18.82 -44.21
C GLU C 554 -15.61 -18.43 -44.95
N HIS C 555 -14.47 -18.61 -44.28
CA HIS C 555 -13.15 -18.42 -44.87
C HIS C 555 -12.70 -19.81 -45.33
N HIS C 556 -12.08 -19.91 -46.51
CA HIS C 556 -11.68 -21.20 -47.08
C HIS C 556 -10.34 -21.13 -47.78
N LEU C 557 -9.65 -22.27 -47.82
CA LEU C 557 -8.38 -22.39 -48.54
C LEU C 557 -8.66 -22.66 -50.01
N TYR C 558 -7.92 -21.97 -50.88
CA TYR C 558 -8.04 -22.12 -52.33
C TYR C 558 -6.67 -22.28 -52.96
N VAL C 559 -6.65 -22.76 -54.20
CA VAL C 559 -5.42 -22.86 -54.98
C VAL C 559 -5.74 -22.64 -56.46
N VAL C 560 -4.76 -22.07 -57.17
CA VAL C 560 -4.92 -21.70 -58.57
C VAL C 560 -3.54 -21.55 -59.19
N SER C 561 -3.43 -21.73 -60.50
CA SER C 561 -2.18 -21.48 -61.21
C SER C 561 -2.01 -19.98 -61.42
N TYR C 562 -0.77 -19.49 -61.27
CA TYR C 562 -0.45 -18.10 -61.58
C TYR C 562 0.08 -17.92 -63.01
N VAL C 563 0.22 -19.01 -63.76
CA VAL C 563 0.55 -18.96 -65.18
C VAL C 563 -0.75 -18.85 -66.01
N ASN C 564 -1.56 -19.91 -65.96
CA ASN C 564 -2.82 -19.97 -66.71
C ASN C 564 -3.98 -20.05 -65.74
N PRO C 565 -4.35 -18.91 -65.13
CA PRO C 565 -5.44 -18.94 -64.15
C PRO C 565 -6.81 -19.15 -64.79
N GLY C 566 -7.81 -19.39 -63.95
CA GLY C 566 -9.19 -19.53 -64.40
C GLY C 566 -10.03 -20.22 -63.35
N GLU C 567 -9.85 -21.53 -63.27
CA GLU C 567 -10.49 -22.34 -62.23
C GLU C 567 -9.76 -22.08 -60.93
N VAL C 568 -10.52 -22.00 -59.85
CA VAL C 568 -9.98 -21.81 -58.50
C VAL C 568 -10.48 -22.98 -57.66
N THR C 569 -9.59 -23.93 -57.38
CA THR C 569 -9.93 -25.14 -56.63
C THR C 569 -10.04 -24.83 -55.14
N ARG C 570 -11.20 -25.12 -54.54
CA ARG C 570 -11.37 -25.07 -53.10
C ARG C 570 -10.76 -26.34 -52.50
N LEU C 571 -10.06 -26.18 -51.38
CA LEU C 571 -9.41 -27.28 -50.68
C LEU C 571 -10.03 -27.59 -49.33
N THR C 572 -10.57 -26.59 -48.64
CA THR C 572 -11.23 -26.80 -47.35
C THR C 572 -12.70 -27.19 -47.50
N ASP C 573 -13.19 -28.03 -46.59
CA ASP C 573 -14.57 -28.49 -46.62
C ASP C 573 -15.55 -27.38 -46.26
N ARG C 574 -16.73 -27.42 -46.86
CA ARG C 574 -17.79 -26.43 -46.59
C ARG C 574 -18.42 -26.64 -45.22
N GLY C 575 -19.27 -25.70 -44.82
CA GLY C 575 -19.95 -25.76 -43.51
C GLY C 575 -19.12 -25.37 -42.30
N TYR C 576 -17.90 -24.90 -42.53
CA TYR C 576 -17.01 -24.39 -41.49
C TYR C 576 -16.32 -23.15 -42.02
N SER C 577 -15.89 -22.27 -41.11
CA SER C 577 -14.92 -21.22 -41.43
C SER C 577 -13.54 -21.78 -41.05
N HIS C 578 -12.51 -21.43 -41.83
CA HIS C 578 -11.18 -22.02 -41.68
C HIS C 578 -10.08 -20.97 -41.47
N SER C 579 -9.03 -21.37 -40.76
CA SER C 579 -7.82 -20.57 -40.61
C SER C 579 -6.64 -21.50 -40.92
N CYS C 580 -6.12 -21.37 -42.14
CA CYS C 580 -5.22 -22.34 -42.72
C CYS C 580 -3.79 -21.88 -42.77
N CYS C 581 -2.91 -22.82 -43.09
CA CYS C 581 -1.47 -22.62 -43.04
C CYS C 581 -0.80 -23.73 -43.86
N ILE C 582 0.03 -23.34 -44.84
CA ILE C 582 0.61 -24.29 -45.80
C ILE C 582 2.06 -24.57 -45.45
N SER C 583 2.46 -25.84 -45.54
CA SER C 583 3.88 -26.24 -45.47
C SER C 583 4.70 -25.49 -46.52
N GLN C 584 5.95 -25.18 -46.21
CA GLN C 584 6.85 -24.53 -47.19
C GLN C 584 7.10 -25.40 -48.44
N HIS C 585 7.00 -26.72 -48.29
CA HIS C 585 7.12 -27.66 -49.40
C HIS C 585 5.79 -27.96 -50.10
N CYS C 586 4.73 -27.24 -49.71
CA CYS C 586 3.42 -27.24 -50.39
C CYS C 586 2.79 -28.63 -50.54
N ASP C 587 3.16 -29.54 -49.65
CA ASP C 587 2.70 -30.94 -49.67
C ASP C 587 1.84 -31.30 -48.44
N PHE C 588 1.55 -30.30 -47.60
CA PHE C 588 0.65 -30.44 -46.46
C PHE C 588 -0.03 -29.09 -46.20
N PHE C 589 -1.17 -29.12 -45.51
CA PHE C 589 -1.77 -27.90 -44.98
C PHE C 589 -2.53 -28.18 -43.70
N ILE C 590 -2.41 -27.27 -42.75
CA ILE C 590 -3.10 -27.37 -41.46
C ILE C 590 -4.20 -26.34 -41.49
N SER C 591 -5.38 -26.75 -41.05
CA SER C 591 -6.55 -25.90 -40.97
C SER C 591 -7.05 -25.90 -39.55
N LYS C 592 -7.22 -24.70 -38.99
CA LYS C 592 -7.93 -24.49 -37.73
C LYS C 592 -9.36 -24.07 -38.10
N TYR C 593 -10.30 -25.00 -37.96
CA TYR C 593 -11.69 -24.80 -38.43
C TYR C 593 -12.71 -24.86 -37.30
N SER C 594 -13.83 -24.18 -37.50
CA SER C 594 -14.97 -24.21 -36.56
C SER C 594 -16.27 -23.86 -37.29
N ASN C 595 -17.40 -24.07 -36.60
CA ASN C 595 -18.68 -23.50 -37.02
C ASN C 595 -19.51 -23.14 -35.81
N GLN C 596 -20.65 -22.50 -36.05
CA GLN C 596 -21.54 -22.02 -34.99
C GLN C 596 -21.83 -23.07 -33.89
N LYS C 597 -22.00 -24.34 -34.30
CA LYS C 597 -22.29 -25.46 -33.39
C LYS C 597 -21.04 -26.07 -32.73
N ASN C 598 -19.99 -26.26 -33.51
CA ASN C 598 -18.81 -27.04 -33.09
C ASN C 598 -17.58 -26.17 -32.73
N PRO C 599 -17.05 -26.31 -31.50
CA PRO C 599 -15.79 -25.65 -31.10
C PRO C 599 -14.65 -25.91 -32.05
N HIS C 600 -13.72 -24.96 -32.11
CA HIS C 600 -12.60 -25.03 -33.05
C HIS C 600 -11.73 -26.28 -32.89
N CYS C 601 -11.02 -26.61 -33.97
CA CYS C 601 -10.35 -27.90 -34.14
C CYS C 601 -9.23 -27.76 -35.16
N VAL C 602 -8.04 -28.28 -34.85
CA VAL C 602 -6.89 -28.22 -35.76
C VAL C 602 -6.58 -29.62 -36.27
N SER C 603 -6.55 -29.76 -37.60
CA SER C 603 -6.26 -31.03 -38.27
C SER C 603 -5.25 -30.82 -39.40
N LEU C 604 -4.49 -31.87 -39.71
CA LEU C 604 -3.46 -31.86 -40.76
C LEU C 604 -3.94 -32.63 -42.00
N TYR C 605 -3.82 -32.00 -43.17
CA TYR C 605 -4.22 -32.62 -44.44
C TYR C 605 -3.03 -32.68 -45.39
N LYS C 606 -2.88 -33.82 -46.07
CA LYS C 606 -1.81 -34.01 -47.05
C LYS C 606 -2.30 -33.68 -48.45
N LEU C 607 -1.62 -32.73 -49.10
CA LEU C 607 -1.89 -32.39 -50.49
C LEU C 607 -1.17 -33.35 -51.43
N SER C 608 -1.76 -33.56 -52.60
CA SER C 608 -1.16 -34.36 -53.67
C SER C 608 -1.90 -34.17 -54.99
N SER C 609 -1.29 -34.66 -56.08
CA SER C 609 -1.83 -34.53 -57.43
C SER C 609 -1.98 -35.89 -58.09
N PRO C 610 -2.97 -36.03 -59.00
CA PRO C 610 -2.94 -37.14 -59.96
C PRO C 610 -1.70 -37.09 -60.84
N GLU C 611 -1.15 -38.25 -61.19
CA GLU C 611 0.09 -38.33 -61.98
C GLU C 611 0.10 -37.40 -63.21
N ASP C 612 -0.99 -37.44 -63.95
CA ASP C 612 -1.11 -36.74 -65.24
C ASP C 612 -1.18 -35.21 -65.19
N ASP C 613 -1.54 -34.63 -64.04
CA ASP C 613 -1.91 -33.22 -63.95
C ASP C 613 -1.63 -32.63 -62.55
N PRO C 614 -0.44 -32.02 -62.36
CA PRO C 614 -0.08 -31.34 -61.10
C PRO C 614 -1.02 -30.21 -60.65
N THR C 615 -1.66 -29.50 -61.60
CA THR C 615 -2.66 -28.47 -61.29
C THR C 615 -3.82 -28.98 -60.45
N CYS C 616 -4.25 -30.21 -60.72
CA CYS C 616 -5.36 -30.82 -60.03
C CYS C 616 -4.94 -31.21 -58.62
N LYS C 617 -5.27 -30.37 -57.65
CA LYS C 617 -4.84 -30.57 -56.26
C LYS C 617 -5.93 -31.26 -55.44
N THR C 618 -5.53 -32.32 -54.75
CA THR C 618 -6.43 -33.13 -53.92
C THR C 618 -5.84 -33.26 -52.53
N LYS C 619 -6.71 -33.20 -51.52
CA LYS C 619 -6.30 -33.34 -50.13
C LYS C 619 -6.74 -34.67 -49.56
N GLU C 620 -6.10 -35.08 -48.47
CA GLU C 620 -6.51 -36.24 -47.68
C GLU C 620 -6.15 -36.01 -46.21
N PHE C 621 -7.11 -36.23 -45.33
CA PHE C 621 -6.88 -36.12 -43.88
C PHE C 621 -5.72 -37.02 -43.45
N TRP C 622 -4.78 -36.46 -42.69
CA TRP C 622 -3.59 -37.18 -42.24
C TRP C 622 -3.66 -37.46 -40.75
N ALA C 623 -3.82 -36.41 -39.96
CA ALA C 623 -3.86 -36.53 -38.49
C ALA C 623 -4.52 -35.32 -37.82
N THR C 624 -5.09 -35.54 -36.63
CA THR C 624 -5.61 -34.45 -35.79
C THR C 624 -4.48 -33.88 -34.92
N ILE C 625 -4.36 -32.55 -34.88
CA ILE C 625 -3.38 -31.87 -34.03
C ILE C 625 -4.05 -31.44 -32.72
N LEU C 626 -5.20 -30.76 -32.83
CA LEU C 626 -6.01 -30.43 -31.67
C LEU C 626 -7.42 -30.88 -31.95
N ASP C 627 -7.92 -31.79 -31.12
CA ASP C 627 -9.24 -32.33 -31.26
C ASP C 627 -10.26 -31.33 -30.72
N SER C 628 -11.46 -31.33 -31.29
CA SER C 628 -12.52 -30.42 -30.87
C SER C 628 -12.92 -30.75 -29.43
N ALA C 629 -13.20 -29.71 -28.65
CA ALA C 629 -13.66 -29.88 -27.26
C ALA C 629 -15.04 -30.54 -27.18
N GLY C 630 -15.85 -30.41 -28.23
CA GLY C 630 -17.18 -31.00 -28.29
C GLY C 630 -18.18 -30.05 -27.64
N PRO C 631 -19.38 -29.88 -28.26
CA PRO C 631 -20.32 -28.82 -27.84
C PRO C 631 -20.51 -28.67 -26.33
N LEU C 632 -20.40 -27.43 -25.84
CA LEU C 632 -20.49 -27.13 -24.41
C LEU C 632 -21.97 -27.31 -23.98
N PRO C 633 -22.25 -28.13 -22.93
CA PRO C 633 -23.65 -28.47 -22.59
C PRO C 633 -24.54 -27.27 -22.22
N ASP C 634 -23.98 -26.31 -21.49
CA ASP C 634 -24.62 -25.02 -21.23
C ASP C 634 -24.21 -23.98 -22.29
N TYR C 635 -24.62 -24.22 -23.53
CA TYR C 635 -24.45 -23.25 -24.63
C TYR C 635 -25.40 -23.58 -25.78
N THR C 636 -26.24 -22.61 -26.15
CA THR C 636 -27.05 -22.66 -27.36
C THR C 636 -26.52 -21.62 -28.34
N PRO C 637 -26.05 -22.06 -29.52
CA PRO C 637 -25.57 -21.07 -30.49
C PRO C 637 -26.71 -20.25 -31.14
N PRO C 638 -26.38 -19.06 -31.65
CA PRO C 638 -27.37 -18.22 -32.31
C PRO C 638 -27.63 -18.67 -33.74
N GLU C 639 -28.77 -18.24 -34.28
CA GLU C 639 -29.09 -18.47 -35.70
C GLU C 639 -28.60 -17.30 -36.53
N ILE C 640 -27.81 -17.61 -37.56
CA ILE C 640 -27.46 -16.62 -38.56
C ILE C 640 -28.72 -16.32 -39.39
N PHE C 641 -28.94 -15.04 -39.68
CA PHE C 641 -30.02 -14.62 -40.58
C PHE C 641 -29.49 -13.61 -41.58
N SER C 642 -30.32 -13.30 -42.57
CA SER C 642 -30.01 -12.29 -43.58
C SER C 642 -31.30 -11.62 -44.05
N PHE C 643 -31.15 -10.42 -44.60
CA PHE C 643 -32.29 -9.66 -45.11
C PHE C 643 -31.85 -8.68 -46.19
N GLU C 644 -32.74 -8.42 -47.15
CA GLU C 644 -32.47 -7.47 -48.22
C GLU C 644 -32.66 -6.07 -47.65
N SER C 645 -31.62 -5.25 -47.76
CA SER C 645 -31.65 -3.88 -47.26
C SER C 645 -32.12 -2.94 -48.36
N THR C 646 -32.75 -1.84 -47.94
CA THR C 646 -33.13 -0.76 -48.87
C THR C 646 -31.91 -0.04 -49.46
N THR C 647 -30.73 -0.27 -48.88
CA THR C 647 -29.44 0.18 -49.42
C THR C 647 -28.96 -0.61 -50.66
N GLY C 648 -29.57 -1.79 -50.91
CA GLY C 648 -29.21 -2.65 -52.03
C GLY C 648 -28.07 -3.61 -51.72
N PHE C 649 -27.99 -4.03 -50.44
CA PHE C 649 -26.98 -4.98 -49.95
C PHE C 649 -27.70 -5.98 -49.05
N THR C 650 -27.36 -7.26 -49.19
CA THR C 650 -27.79 -8.26 -48.20
C THR C 650 -26.93 -8.04 -46.95
N LEU C 651 -27.57 -7.84 -45.81
CA LEU C 651 -26.86 -7.70 -44.53
C LEU C 651 -27.19 -8.90 -43.67
N TYR C 652 -26.17 -9.49 -43.06
CA TYR C 652 -26.33 -10.67 -42.21
C TYR C 652 -26.42 -10.28 -40.73
N GLY C 653 -26.86 -11.23 -39.91
CA GLY C 653 -26.90 -11.05 -38.46
C GLY C 653 -27.04 -12.34 -37.68
N MET C 654 -26.76 -12.29 -36.38
CA MET C 654 -26.95 -13.43 -35.48
C MET C 654 -28.10 -13.15 -34.55
N LEU C 655 -28.79 -14.21 -34.12
CA LEU C 655 -29.95 -14.09 -33.24
C LEU C 655 -29.92 -15.15 -32.15
N TYR C 656 -29.72 -14.71 -30.90
CA TYR C 656 -29.87 -15.56 -29.73
C TYR C 656 -31.31 -15.38 -29.23
N LYS C 657 -32.11 -16.43 -29.29
CA LYS C 657 -33.47 -16.39 -28.71
C LYS C 657 -33.37 -16.59 -27.19
N PRO C 658 -34.37 -16.12 -26.43
CA PRO C 658 -34.40 -16.42 -25.00
C PRO C 658 -34.72 -17.89 -24.74
N HIS C 659 -33.99 -18.50 -23.81
CA HIS C 659 -34.15 -19.93 -23.51
C HIS C 659 -35.47 -20.15 -22.77
N ASP C 660 -36.06 -21.35 -22.91
CA ASP C 660 -37.41 -21.65 -22.41
C ASP C 660 -38.39 -20.56 -22.89
N LEU C 661 -38.48 -20.43 -24.22
CA LEU C 661 -39.29 -19.38 -24.85
C LEU C 661 -40.77 -19.63 -24.57
N GLN C 662 -41.41 -18.71 -23.87
CA GLN C 662 -42.83 -18.81 -23.55
C GLN C 662 -43.64 -18.35 -24.77
N PRO C 663 -44.66 -19.13 -25.19
CA PRO C 663 -45.50 -18.65 -26.29
C PRO C 663 -46.37 -17.49 -25.83
N GLY C 664 -46.52 -16.47 -26.68
CA GLY C 664 -47.36 -15.31 -26.37
C GLY C 664 -46.66 -14.14 -25.69
N LYS C 665 -45.73 -14.41 -24.78
CA LYS C 665 -44.99 -13.36 -24.08
C LYS C 665 -43.90 -12.75 -24.96
N LYS C 666 -43.72 -11.42 -24.85
CA LYS C 666 -42.66 -10.70 -25.58
C LYS C 666 -41.52 -10.30 -24.63
N TYR C 667 -40.30 -10.31 -25.16
CA TYR C 667 -39.07 -10.25 -24.36
C TYR C 667 -38.25 -8.98 -24.64
N PRO C 668 -37.47 -8.53 -23.63
CA PRO C 668 -36.56 -7.41 -23.83
C PRO C 668 -35.38 -7.81 -24.71
N THR C 669 -34.80 -6.84 -25.40
CA THR C 669 -33.83 -7.10 -26.46
C THR C 669 -32.56 -6.28 -26.26
N VAL C 670 -31.42 -6.94 -26.43
CA VAL C 670 -30.09 -6.33 -26.25
C VAL C 670 -29.33 -6.50 -27.55
N LEU C 671 -29.30 -5.44 -28.36
CA LEU C 671 -28.49 -5.41 -29.57
C LEU C 671 -27.02 -5.23 -29.18
N PHE C 672 -26.16 -6.15 -29.59
CA PHE C 672 -24.71 -6.03 -29.40
C PHE C 672 -24.08 -5.59 -30.72
N ILE C 673 -23.10 -4.69 -30.65
CA ILE C 673 -22.58 -4.05 -31.85
C ILE C 673 -21.07 -3.75 -31.82
N TYR C 674 -20.45 -3.84 -32.99
CA TYR C 674 -19.20 -3.16 -33.27
C TYR C 674 -19.47 -2.19 -34.43
N GLY C 675 -19.63 -2.71 -35.66
CA GLY C 675 -20.11 -1.90 -36.77
C GLY C 675 -19.14 -0.99 -37.51
N GLY C 676 -17.93 -0.83 -37.00
CA GLY C 676 -16.89 -0.06 -37.69
C GLY C 676 -16.12 -0.92 -38.65
N PRO C 677 -15.08 -0.34 -39.30
CA PRO C 677 -14.33 -1.09 -40.30
C PRO C 677 -13.36 -2.05 -39.69
N GLN C 678 -12.81 -2.90 -40.56
CA GLN C 678 -11.77 -3.89 -40.25
C GLN C 678 -12.26 -5.15 -39.55
N VAL C 679 -13.58 -5.31 -39.32
CA VAL C 679 -14.08 -6.53 -38.66
C VAL C 679 -15.52 -6.93 -39.01
N GLN C 680 -15.75 -8.24 -39.01
CA GLN C 680 -17.05 -8.88 -39.23
C GLN C 680 -17.35 -9.71 -37.97
N LEU C 681 -18.40 -9.36 -37.23
CA LEU C 681 -18.82 -10.15 -36.06
C LEU C 681 -19.66 -11.40 -36.41
N VAL C 682 -20.37 -11.33 -37.55
CA VAL C 682 -21.34 -12.33 -37.95
C VAL C 682 -20.75 -13.21 -39.04
N ASN C 683 -20.52 -14.47 -38.69
CA ASN C 683 -20.03 -15.48 -39.63
C ASN C 683 -20.19 -16.87 -39.01
N ASN C 684 -19.83 -17.91 -39.76
CA ASN C 684 -20.01 -19.29 -39.32
C ASN C 684 -18.76 -19.79 -38.59
N ARG C 685 -18.48 -19.16 -37.45
CA ARG C 685 -17.37 -19.51 -36.55
C ARG C 685 -18.00 -19.82 -35.19
N PHE C 686 -17.25 -20.49 -34.32
CA PHE C 686 -17.75 -20.80 -32.98
C PHE C 686 -17.73 -19.57 -32.07
N LYS C 687 -18.90 -19.15 -31.63
CA LYS C 687 -19.05 -17.94 -30.80
C LYS C 687 -19.26 -18.29 -29.33
N GLY C 688 -18.79 -19.47 -28.91
CA GLY C 688 -19.07 -19.99 -27.58
C GLY C 688 -18.07 -19.58 -26.52
N VAL C 689 -16.87 -19.20 -26.95
CA VAL C 689 -15.83 -18.76 -26.04
C VAL C 689 -15.87 -17.25 -25.97
N LYS C 690 -15.61 -16.61 -27.11
CA LYS C 690 -15.45 -15.16 -27.17
C LYS C 690 -16.73 -14.45 -26.76
N TYR C 691 -17.81 -14.67 -27.52
CA TYR C 691 -19.10 -14.02 -27.26
C TYR C 691 -20.01 -14.93 -26.43
N PHE C 692 -19.48 -15.38 -25.30
CA PHE C 692 -20.17 -16.32 -24.42
C PHE C 692 -21.30 -15.66 -23.66
N ARG C 693 -21.08 -14.45 -23.15
CA ARG C 693 -22.07 -13.75 -22.33
C ARG C 693 -23.33 -13.30 -23.08
N LEU C 694 -23.28 -13.27 -24.40
CA LEU C 694 -24.47 -13.08 -25.23
C LEU C 694 -25.44 -14.23 -24.95
N ASN C 695 -24.90 -15.44 -24.83
CA ASN C 695 -25.69 -16.61 -24.43
C ASN C 695 -26.17 -16.53 -22.98
N THR C 696 -25.33 -16.01 -22.09
CA THR C 696 -25.74 -15.77 -20.70
C THR C 696 -26.91 -14.78 -20.61
N LEU C 697 -26.97 -13.80 -21.53
CA LEU C 697 -28.12 -12.90 -21.64
C LEU C 697 -29.37 -13.63 -22.14
N ALA C 698 -29.20 -14.49 -23.14
CA ALA C 698 -30.29 -15.35 -23.62
C ALA C 698 -30.90 -16.22 -22.51
N SER C 699 -30.05 -16.78 -21.66
CA SER C 699 -30.51 -17.63 -20.54
C SER C 699 -31.29 -16.87 -19.47
N LEU C 700 -31.01 -15.57 -19.32
CA LEU C 700 -31.75 -14.73 -18.37
C LEU C 700 -33.08 -14.22 -18.91
N GLY C 701 -33.32 -14.39 -20.22
CA GLY C 701 -34.57 -13.98 -20.86
C GLY C 701 -34.48 -12.68 -21.64
N TYR C 702 -33.32 -12.42 -22.26
CA TYR C 702 -33.17 -11.33 -23.23
C TYR C 702 -33.04 -11.94 -24.61
N VAL C 703 -33.61 -11.25 -25.59
CA VAL C 703 -33.24 -11.50 -26.99
C VAL C 703 -31.88 -10.85 -27.18
N VAL C 704 -31.02 -11.44 -28.00
CA VAL C 704 -29.76 -10.82 -28.36
C VAL C 704 -29.58 -10.83 -29.86
N VAL C 705 -29.37 -9.64 -30.42
CA VAL C 705 -29.23 -9.44 -31.84
C VAL C 705 -27.85 -8.89 -32.12
N VAL C 706 -27.27 -9.33 -33.23
CA VAL C 706 -26.01 -8.79 -33.74
C VAL C 706 -26.14 -8.69 -35.26
N ILE C 707 -25.77 -7.54 -35.82
CA ILE C 707 -25.92 -7.27 -37.25
C ILE C 707 -24.65 -6.59 -37.74
N ASP C 708 -24.06 -7.09 -38.82
CA ASP C 708 -22.97 -6.40 -39.49
C ASP C 708 -23.52 -5.36 -40.45
N ASN C 709 -23.52 -4.10 -40.02
CA ASN C 709 -23.96 -3.01 -40.89
C ASN C 709 -22.94 -2.69 -41.98
N ARG C 710 -23.36 -1.84 -42.93
CA ARG C 710 -22.48 -1.34 -43.99
C ARG C 710 -21.25 -0.68 -43.40
N GLY C 711 -20.17 -0.71 -44.16
CA GLY C 711 -18.86 -0.31 -43.66
C GLY C 711 -18.12 -1.41 -42.90
N SER C 712 -18.71 -2.59 -42.81
CA SER C 712 -18.15 -3.71 -42.07
C SER C 712 -17.00 -4.33 -42.87
N CYS C 713 -17.08 -5.60 -43.23
CA CYS C 713 -15.86 -6.34 -43.55
C CYS C 713 -16.11 -7.67 -44.27
N HIS C 714 -15.16 -8.02 -45.14
CA HIS C 714 -15.23 -9.23 -45.99
C HIS C 714 -16.33 -9.17 -47.05
N ARG C 715 -16.70 -7.96 -47.46
CA ARG C 715 -17.77 -7.73 -48.43
C ARG C 715 -17.36 -6.75 -49.52
N GLY C 716 -16.06 -6.60 -49.75
CA GLY C 716 -15.56 -5.68 -50.78
C GLY C 716 -15.45 -4.24 -50.35
N LEU C 717 -14.76 -3.46 -51.17
CA LEU C 717 -14.35 -2.10 -50.83
C LEU C 717 -15.49 -1.06 -50.92
N LYS C 718 -16.41 -1.25 -51.87
CA LYS C 718 -17.62 -0.39 -51.98
C LYS C 718 -18.53 -0.54 -50.77
N PHE C 719 -18.70 -1.77 -50.30
CA PHE C 719 -19.47 -2.05 -49.08
C PHE C 719 -18.83 -1.38 -47.87
N GLU C 720 -17.50 -1.47 -47.79
CA GLU C 720 -16.73 -0.87 -46.70
C GLU C 720 -16.74 0.66 -46.78
N GLY C 721 -16.64 1.19 -48.00
CA GLY C 721 -16.60 2.64 -48.26
C GLY C 721 -17.87 3.41 -47.93
N ALA C 722 -19.00 2.71 -47.81
CA ALA C 722 -20.30 3.29 -47.47
C ALA C 722 -20.28 4.46 -46.49
N PHE C 723 -19.48 4.34 -45.43
CA PHE C 723 -19.34 5.44 -44.44
C PHE C 723 -18.11 6.35 -44.61
N LYS C 724 -17.55 6.44 -45.82
CA LYS C 724 -16.44 7.36 -46.03
C LYS C 724 -16.94 8.80 -45.83
N TYR C 725 -16.16 9.58 -45.09
CA TYR C 725 -16.53 10.95 -44.69
C TYR C 725 -17.79 11.05 -43.80
N LYS C 726 -18.43 9.94 -43.48
CA LYS C 726 -19.82 9.93 -42.99
C LYS C 726 -20.01 8.98 -41.80
N MET C 727 -18.96 8.77 -40.99
CA MET C 727 -19.04 7.82 -39.88
C MET C 727 -20.06 8.29 -38.84
N GLY C 728 -20.72 7.33 -38.22
CA GLY C 728 -21.83 7.59 -37.29
C GLY C 728 -23.21 7.68 -37.92
N GLN C 729 -23.26 8.02 -39.21
CA GLN C 729 -24.50 8.46 -39.84
C GLN C 729 -25.27 7.29 -40.45
N ILE C 730 -24.58 6.40 -41.17
CA ILE C 730 -25.24 5.32 -41.92
C ILE C 730 -25.46 4.00 -41.15
N GLU C 731 -24.75 3.80 -40.04
CA GLU C 731 -24.68 2.47 -39.41
C GLU C 731 -25.94 2.11 -38.62
N ILE C 732 -26.48 3.08 -37.88
CA ILE C 732 -27.62 2.79 -37.01
C ILE C 732 -28.88 2.54 -37.84
N ASP C 733 -28.93 3.06 -39.06
CA ASP C 733 -30.03 2.75 -40.01
C ASP C 733 -30.12 1.25 -40.23
N ASP C 734 -29.00 0.65 -40.64
CA ASP C 734 -28.92 -0.79 -40.90
C ASP C 734 -29.24 -1.62 -39.66
N GLN C 735 -28.71 -1.19 -38.51
CA GLN C 735 -28.96 -1.89 -37.25
C GLN C 735 -30.44 -1.90 -36.91
N VAL C 736 -31.10 -0.75 -37.09
CA VAL C 736 -32.54 -0.63 -36.83
C VAL C 736 -33.36 -1.36 -37.90
N GLU C 737 -32.92 -1.32 -39.16
CA GLU C 737 -33.62 -2.04 -40.24
C GLU C 737 -33.67 -3.54 -39.98
N GLY C 738 -32.51 -4.12 -39.72
CA GLY C 738 -32.41 -5.54 -39.37
C GLY C 738 -33.12 -5.89 -38.08
N LEU C 739 -33.15 -4.95 -37.14
CA LEU C 739 -33.91 -5.10 -35.90
C LEU C 739 -35.41 -5.06 -36.16
N GLN C 740 -35.83 -4.16 -37.05
CA GLN C 740 -37.24 -4.06 -37.46
C GLN C 740 -37.65 -5.25 -38.33
N TYR C 741 -36.73 -5.76 -39.15
CA TYR C 741 -36.94 -7.00 -39.92
C TYR C 741 -37.24 -8.17 -38.98
N LEU C 742 -36.45 -8.30 -37.91
CA LEU C 742 -36.64 -9.37 -36.93
C LEU C 742 -37.96 -9.25 -36.16
N ALA C 743 -38.37 -8.01 -35.87
CA ALA C 743 -39.65 -7.74 -35.21
C ALA C 743 -40.85 -8.12 -36.08
N SER C 744 -40.76 -7.78 -37.37
CA SER C 744 -41.83 -8.10 -38.33
C SER C 744 -41.99 -9.59 -38.61
N ARG C 745 -40.93 -10.36 -38.40
CA ARG C 745 -40.92 -11.81 -38.63
C ARG C 745 -41.18 -12.58 -37.34
N TYR C 746 -40.45 -12.25 -36.27
CA TYR C 746 -40.63 -12.86 -34.94
C TYR C 746 -41.29 -11.88 -33.99
N ASP C 747 -42.41 -12.28 -33.39
CA ASP C 747 -43.17 -11.37 -32.50
C ASP C 747 -42.82 -11.49 -31.01
N PHE C 748 -41.83 -12.32 -30.66
CA PHE C 748 -41.28 -12.35 -29.28
C PHE C 748 -40.34 -11.17 -28.96
N ILE C 749 -39.91 -10.44 -30.00
CA ILE C 749 -39.06 -9.26 -29.82
C ILE C 749 -39.93 -8.06 -29.44
N ASP C 750 -39.82 -7.64 -28.17
CA ASP C 750 -40.43 -6.38 -27.71
C ASP C 750 -39.56 -5.24 -28.21
N LEU C 751 -40.11 -4.40 -29.10
CA LEU C 751 -39.41 -3.19 -29.54
C LEU C 751 -39.54 -2.03 -28.54
N ASP C 752 -40.46 -2.13 -27.57
CA ASP C 752 -40.61 -1.10 -26.53
C ASP C 752 -39.60 -1.26 -25.36
N ARG C 753 -38.74 -2.27 -25.43
CA ARG C 753 -37.66 -2.45 -24.47
C ARG C 753 -36.39 -2.96 -25.17
N VAL C 754 -35.76 -2.09 -25.97
CA VAL C 754 -34.52 -2.42 -26.68
C VAL C 754 -33.34 -1.66 -26.08
N GLY C 755 -32.21 -2.35 -25.94
CA GLY C 755 -30.94 -1.75 -25.49
C GLY C 755 -29.80 -2.01 -26.46
N ILE C 756 -28.91 -1.04 -26.60
CA ILE C 756 -27.71 -1.20 -27.45
C ILE C 756 -26.45 -1.24 -26.57
N HIS C 757 -25.43 -1.97 -27.03
CA HIS C 757 -24.16 -2.06 -26.29
C HIS C 757 -22.99 -2.50 -27.16
N GLY C 758 -21.86 -1.82 -27.00
CA GLY C 758 -20.62 -2.21 -27.64
C GLY C 758 -19.40 -1.60 -26.99
N TRP C 759 -18.22 -2.07 -27.40
CA TRP C 759 -16.94 -1.54 -26.94
C TRP C 759 -16.22 -0.90 -28.12
N SER C 760 -15.40 0.09 -27.80
CA SER C 760 -14.64 0.89 -28.77
C SER C 760 -15.58 1.48 -29.85
N TYR C 761 -15.44 1.07 -31.12
CA TYR C 761 -16.35 1.57 -32.17
C TYR C 761 -17.79 1.17 -31.84
N GLY C 762 -17.94 -0.01 -31.26
CA GLY C 762 -19.23 -0.46 -30.72
C GLY C 762 -19.86 0.50 -29.73
N GLY C 763 -19.04 1.06 -28.84
CA GLY C 763 -19.48 2.04 -27.85
C GLY C 763 -19.79 3.37 -28.51
N TYR C 764 -18.97 3.75 -29.48
CA TYR C 764 -19.22 4.92 -30.32
C TYR C 764 -20.63 4.86 -30.94
N LEU C 765 -20.93 3.75 -31.60
CA LEU C 765 -22.25 3.57 -32.21
C LEU C 765 -23.38 3.45 -31.17
N SER C 766 -23.08 2.89 -30.00
CA SER C 766 -24.07 2.83 -28.93
C SER C 766 -24.54 4.22 -28.55
N LEU C 767 -23.61 5.15 -28.44
CA LEU C 767 -23.95 6.55 -28.14
C LEU C 767 -24.76 7.16 -29.27
N MET C 768 -24.27 6.99 -30.50
CA MET C 768 -24.96 7.48 -31.69
C MET C 768 -26.39 6.98 -31.77
N ALA C 769 -26.61 5.73 -31.41
CA ALA C 769 -27.95 5.13 -31.45
C ALA C 769 -28.89 5.76 -30.41
N LEU C 770 -28.39 6.03 -29.22
CA LEU C 770 -29.16 6.74 -28.20
C LEU C 770 -29.43 8.19 -28.62
N MET C 771 -28.42 8.78 -29.26
CA MET C 771 -28.49 10.16 -29.71
C MET C 771 -29.48 10.32 -30.87
N GLN C 772 -29.26 9.55 -31.93
CA GLN C 772 -30.05 9.64 -33.17
C GLN C 772 -31.46 9.05 -33.04
N ARG C 773 -31.55 7.88 -32.42
CA ARG C 773 -32.78 7.10 -32.40
C ARG C 773 -33.22 6.75 -30.97
N SER C 774 -33.48 7.79 -30.17
CA SER C 774 -33.90 7.62 -28.77
C SER C 774 -35.32 7.02 -28.64
N ASP C 775 -36.09 7.03 -29.74
CA ASP C 775 -37.39 6.33 -29.80
C ASP C 775 -37.26 4.79 -29.82
N ILE C 776 -36.20 4.28 -30.46
CA ILE C 776 -35.97 2.83 -30.61
C ILE C 776 -35.28 2.23 -29.38
N PHE C 777 -34.19 2.87 -28.94
CA PHE C 777 -33.33 2.33 -27.88
C PHE C 777 -33.64 2.93 -26.53
N ARG C 778 -34.07 2.09 -25.60
CA ARG C 778 -34.35 2.54 -24.23
C ARG C 778 -33.06 2.88 -23.48
N VAL C 779 -32.07 2.00 -23.54
CA VAL C 779 -30.77 2.23 -22.89
C VAL C 779 -29.62 1.98 -23.86
N ALA C 780 -28.47 2.57 -23.54
CA ALA C 780 -27.26 2.44 -24.35
C ALA C 780 -26.05 2.45 -23.44
N ILE C 781 -25.28 1.35 -23.46
CA ILE C 781 -24.06 1.21 -22.67
C ILE C 781 -22.89 1.33 -23.64
N ALA C 782 -22.09 2.38 -23.46
CA ALA C 782 -21.01 2.70 -24.38
C ALA C 782 -19.65 2.50 -23.73
N GLY C 783 -18.86 1.58 -24.29
CA GLY C 783 -17.52 1.24 -23.79
C GLY C 783 -16.41 1.86 -24.61
N ALA C 784 -15.55 2.64 -23.95
CA ALA C 784 -14.36 3.27 -24.54
C ALA C 784 -14.64 3.94 -25.88
N PRO C 785 -15.69 4.79 -25.93
CA PRO C 785 -16.07 5.37 -27.22
C PRO C 785 -15.10 6.44 -27.69
N VAL C 786 -15.03 6.67 -29.00
CA VAL C 786 -14.45 7.89 -29.55
C VAL C 786 -15.62 8.86 -29.61
N THR C 787 -15.61 9.84 -28.72
CA THR C 787 -16.65 10.87 -28.66
C THR C 787 -16.40 12.05 -29.59
N LEU C 788 -15.16 12.18 -30.08
CA LEU C 788 -14.71 13.41 -30.70
C LEU C 788 -13.54 13.09 -31.64
N TRP C 789 -13.82 12.99 -32.94
CA TRP C 789 -12.84 12.46 -33.92
C TRP C 789 -11.53 13.23 -34.02
N ILE C 790 -11.57 14.54 -33.76
CA ILE C 790 -10.35 15.37 -33.75
C ILE C 790 -9.25 14.92 -32.74
N PHE C 791 -9.63 14.14 -31.73
CA PHE C 791 -8.69 13.57 -30.73
C PHE C 791 -8.14 12.19 -31.10
N TYR C 792 -8.58 11.60 -32.21
CA TYR C 792 -8.09 10.30 -32.63
C TYR C 792 -6.97 10.45 -33.67
N ASP C 793 -6.15 9.41 -33.81
CA ASP C 793 -4.93 9.48 -34.61
C ASP C 793 -5.09 9.61 -36.14
N THR C 794 -3.97 9.96 -36.78
CA THR C 794 -3.91 10.24 -38.22
C THR C 794 -4.30 9.02 -39.05
N GLY C 795 -3.39 8.04 -39.11
CA GLY C 795 -3.56 6.83 -39.93
C GLY C 795 -4.94 6.22 -40.02
N TYR C 796 -5.72 6.32 -38.94
CA TYR C 796 -7.08 5.80 -38.91
C TYR C 796 -8.12 6.83 -39.35
N THR C 797 -8.15 7.97 -38.68
CA THR C 797 -9.17 9.00 -38.93
C THR C 797 -9.05 9.58 -40.35
N GLU C 798 -7.85 10.05 -40.70
CA GLU C 798 -7.56 10.60 -42.04
C GLU C 798 -7.83 9.62 -43.19
N ARG C 799 -7.90 8.33 -42.87
CA ARG C 799 -8.22 7.30 -43.86
C ARG C 799 -9.73 7.25 -44.14
N TYR C 800 -10.54 7.16 -43.09
CA TYR C 800 -11.99 6.99 -43.25
C TYR C 800 -12.75 8.31 -43.34
N MET C 801 -12.23 9.36 -42.68
CA MET C 801 -12.90 10.67 -42.63
C MET C 801 -12.14 11.79 -43.35
N GLY C 802 -10.93 11.50 -43.85
CA GLY C 802 -10.10 12.53 -44.46
C GLY C 802 -9.60 13.54 -43.45
N HIS C 803 -8.88 14.55 -43.95
CA HIS C 803 -8.40 15.65 -43.12
C HIS C 803 -9.63 16.42 -42.57
N PRO C 804 -9.57 16.93 -41.32
CA PRO C 804 -10.74 17.67 -40.80
C PRO C 804 -11.05 19.02 -41.49
N ASP C 805 -10.05 19.61 -42.16
CA ASP C 805 -10.24 20.87 -42.90
C ASP C 805 -11.10 20.70 -44.14
N GLN C 806 -10.94 19.56 -44.83
CA GLN C 806 -11.76 19.19 -45.99
C GLN C 806 -13.09 18.52 -45.63
N ASN C 807 -13.37 18.27 -44.36
CA ASN C 807 -14.63 17.61 -43.98
C ASN C 807 -15.09 18.00 -42.57
N GLU C 808 -15.50 19.26 -42.40
CA GLU C 808 -16.01 19.75 -41.13
C GLU C 808 -17.31 19.06 -40.76
N GLN C 809 -18.24 18.99 -41.72
CA GLN C 809 -19.58 18.44 -41.47
C GLN C 809 -19.54 16.95 -41.09
N GLY C 810 -18.61 16.20 -41.66
CA GLY C 810 -18.43 14.80 -41.30
C GLY C 810 -18.01 14.60 -39.85
N TYR C 811 -17.02 15.40 -39.43
CA TYR C 811 -16.51 15.35 -38.06
C TYR C 811 -17.57 15.82 -37.07
N TYR C 812 -18.20 16.96 -37.34
CA TYR C 812 -19.27 17.47 -36.47
C TYR C 812 -20.36 16.41 -36.27
N LEU C 813 -20.84 15.82 -37.36
CA LEU C 813 -21.89 14.81 -37.27
C LEU C 813 -21.39 13.50 -36.66
N GLY C 814 -20.11 13.19 -36.85
CA GLY C 814 -19.47 12.00 -36.26
C GLY C 814 -18.99 12.13 -34.82
N SER C 815 -19.04 13.32 -34.24
CA SER C 815 -18.56 13.56 -32.88
C SER C 815 -19.70 13.79 -31.89
N VAL C 816 -19.95 12.81 -31.02
CA VAL C 816 -21.07 12.91 -30.08
C VAL C 816 -20.91 14.04 -29.04
N ALA C 817 -19.67 14.39 -28.71
CA ALA C 817 -19.39 15.51 -27.78
C ALA C 817 -19.89 16.85 -28.29
N MET C 818 -19.90 17.02 -29.62
CA MET C 818 -20.37 18.25 -30.26
C MET C 818 -21.90 18.34 -30.20
N GLN C 819 -22.55 17.19 -30.17
CA GLN C 819 -24.01 17.08 -30.21
C GLN C 819 -24.58 16.63 -28.84
N ALA C 820 -24.05 17.17 -27.75
CA ALA C 820 -24.42 16.75 -26.39
C ALA C 820 -25.90 17.05 -26.08
N GLU C 821 -26.38 18.16 -26.63
CA GLU C 821 -27.80 18.56 -26.58
C GLU C 821 -28.79 17.51 -27.10
N LYS C 822 -28.34 16.66 -28.03
CA LYS C 822 -29.19 15.63 -28.65
C LYS C 822 -29.33 14.34 -27.82
N PHE C 823 -28.65 14.25 -26.68
CA PHE C 823 -28.83 13.12 -25.76
C PHE C 823 -30.15 13.27 -24.99
N PRO C 824 -30.71 12.16 -24.47
CA PRO C 824 -31.99 12.26 -23.78
C PRO C 824 -31.91 12.99 -22.44
N SER C 825 -33.03 13.59 -22.03
CA SER C 825 -33.15 14.22 -20.71
C SER C 825 -33.60 13.24 -19.63
N GLU C 826 -33.99 12.02 -20.01
CA GLU C 826 -34.38 10.99 -19.05
C GLU C 826 -33.14 10.23 -18.56
N PRO C 827 -33.03 10.00 -17.23
CA PRO C 827 -31.91 9.24 -16.68
C PRO C 827 -32.10 7.72 -16.81
N ASN C 828 -31.13 6.95 -16.32
CA ASN C 828 -31.15 5.48 -16.40
C ASN C 828 -31.17 4.95 -17.85
N ARG C 829 -30.53 5.70 -18.74
CA ARG C 829 -30.46 5.36 -20.17
C ARG C 829 -29.02 5.37 -20.70
N LEU C 830 -28.22 6.36 -20.31
CA LEU C 830 -26.82 6.41 -20.71
C LEU C 830 -25.92 5.80 -19.63
N LEU C 831 -25.06 4.86 -20.05
CA LEU C 831 -24.01 4.33 -19.20
C LEU C 831 -22.68 4.39 -19.96
N LEU C 832 -21.73 5.14 -19.41
CA LEU C 832 -20.41 5.26 -20.02
C LEU C 832 -19.43 4.39 -19.25
N LEU C 833 -18.65 3.60 -20.00
CA LEU C 833 -17.56 2.77 -19.46
C LEU C 833 -16.28 3.16 -20.16
N HIS C 834 -15.15 3.12 -19.44
CA HIS C 834 -13.84 3.45 -20.04
C HIS C 834 -12.67 2.99 -19.17
N GLY C 835 -11.62 2.48 -19.82
CA GLY C 835 -10.36 2.22 -19.13
C GLY C 835 -9.68 3.55 -18.83
N PHE C 836 -9.42 3.83 -17.56
CA PHE C 836 -8.86 5.12 -17.16
C PHE C 836 -7.46 5.37 -17.72
N LEU C 837 -6.72 4.28 -17.98
CA LEU C 837 -5.34 4.35 -18.51
C LEU C 837 -5.26 4.18 -20.04
N ASP C 838 -6.41 4.23 -20.72
CA ASP C 838 -6.50 4.02 -22.16
C ASP C 838 -5.57 4.99 -22.88
N GLU C 839 -4.57 4.44 -23.57
CA GLU C 839 -3.59 5.21 -24.35
C GLU C 839 -4.03 5.45 -25.80
N ASN C 840 -4.91 4.58 -26.30
CA ASN C 840 -5.45 4.68 -27.65
C ASN C 840 -6.68 5.62 -27.67
N VAL C 841 -7.79 5.16 -27.09
CA VAL C 841 -9.00 5.98 -26.99
C VAL C 841 -8.94 6.71 -25.66
N HIS C 842 -8.12 7.76 -25.62
CA HIS C 842 -7.81 8.50 -24.40
C HIS C 842 -9.07 8.85 -23.60
N PHE C 843 -9.00 8.70 -22.27
CA PHE C 843 -10.15 8.90 -21.38
C PHE C 843 -10.84 10.26 -21.57
N ALA C 844 -10.05 11.26 -21.98
CA ALA C 844 -10.56 12.58 -22.37
C ALA C 844 -11.81 12.54 -23.25
N HIS C 845 -11.87 11.60 -24.18
CA HIS C 845 -13.10 11.36 -24.93
C HIS C 845 -14.31 11.27 -23.99
N THR C 846 -14.21 10.43 -22.96
CA THR C 846 -15.28 10.30 -21.96
C THR C 846 -15.39 11.55 -21.09
N SER C 847 -14.26 12.09 -20.64
CA SER C 847 -14.31 13.25 -19.74
C SER C 847 -14.88 14.48 -20.44
N ILE C 848 -14.40 14.78 -21.65
CA ILE C 848 -14.89 15.94 -22.42
C ILE C 848 -16.36 15.79 -22.86
N LEU C 849 -16.80 14.56 -23.11
CA LEU C 849 -18.23 14.28 -23.33
C LEU C 849 -19.03 14.62 -22.08
N LEU C 850 -18.55 14.19 -20.92
CA LEU C 850 -19.18 14.54 -19.64
C LEU C 850 -19.17 16.04 -19.39
N SER C 851 -18.15 16.74 -19.89
CA SER C 851 -18.08 18.20 -19.83
C SER C 851 -19.34 18.82 -20.44
N PHE C 852 -19.67 18.42 -21.68
CA PHE C 852 -20.81 18.97 -22.43
C PHE C 852 -22.17 18.40 -22.03
N LEU C 853 -22.18 17.19 -21.47
CA LEU C 853 -23.38 16.64 -20.85
C LEU C 853 -23.70 17.36 -19.55
N VAL C 854 -22.66 17.81 -18.84
CA VAL C 854 -22.86 18.64 -17.66
C VAL C 854 -23.40 20.01 -18.09
N ARG C 855 -22.76 20.65 -19.07
CA ARG C 855 -23.26 21.92 -19.64
C ARG C 855 -24.73 21.82 -20.03
N ALA C 856 -25.05 20.79 -20.81
CA ALA C 856 -26.40 20.56 -21.31
C ALA C 856 -27.41 20.10 -20.24
N GLY C 857 -26.95 19.74 -19.04
CA GLY C 857 -27.84 19.32 -17.97
C GLY C 857 -28.43 17.92 -18.16
N LYS C 858 -27.77 17.08 -18.96
CA LYS C 858 -28.24 15.72 -19.24
C LYS C 858 -27.66 14.76 -18.19
N PRO C 859 -28.40 13.69 -17.83
CA PRO C 859 -27.93 12.74 -16.82
C PRO C 859 -27.07 11.64 -17.42
N TYR C 860 -26.28 10.97 -16.59
CA TYR C 860 -25.48 9.82 -17.01
C TYR C 860 -25.09 8.93 -15.83
N ASP C 861 -24.84 7.66 -16.12
CA ASP C 861 -24.13 6.75 -15.21
C ASP C 861 -22.72 6.57 -15.76
N LEU C 862 -21.75 6.46 -14.86
CA LEU C 862 -20.34 6.31 -15.25
C LEU C 862 -19.67 5.20 -14.45
N GLN C 863 -18.87 4.41 -15.15
CA GLN C 863 -18.05 3.36 -14.55
C GLN C 863 -16.64 3.46 -15.12
N ILE C 864 -15.64 3.48 -14.24
CA ILE C 864 -14.25 3.54 -14.64
C ILE C 864 -13.57 2.23 -14.21
N TYR C 865 -12.61 1.78 -15.02
CA TYR C 865 -11.83 0.58 -14.72
C TYR C 865 -10.36 1.03 -14.66
N PRO C 866 -9.92 1.51 -13.47
CA PRO C 866 -8.66 2.26 -13.35
C PRO C 866 -7.35 1.50 -13.55
N GLN C 867 -7.42 0.18 -13.65
CA GLN C 867 -6.24 -0.65 -13.93
C GLN C 867 -6.10 -0.94 -15.43
N GLU C 868 -7.13 -0.60 -16.22
CA GLU C 868 -7.23 -1.01 -17.63
C GLU C 868 -6.91 0.09 -18.64
N ARG C 869 -6.32 -0.34 -19.76
CA ARG C 869 -6.10 0.50 -20.93
C ARG C 869 -7.28 0.24 -21.89
N HIS C 870 -7.04 -0.01 -23.18
CA HIS C 870 -8.16 -0.19 -24.12
C HIS C 870 -8.84 -1.55 -24.01
N SER C 871 -8.05 -2.58 -23.74
CA SER C 871 -8.58 -3.91 -23.40
C SER C 871 -8.80 -4.03 -21.89
N ILE C 872 -9.60 -5.03 -21.51
CA ILE C 872 -9.75 -5.43 -20.11
C ILE C 872 -8.91 -6.70 -19.87
N ARG C 873 -7.75 -6.52 -19.25
CA ARG C 873 -6.81 -7.62 -18.99
C ARG C 873 -6.95 -8.24 -17.60
N VAL C 874 -7.04 -7.39 -16.58
CA VAL C 874 -7.12 -7.88 -15.18
C VAL C 874 -8.46 -8.62 -14.99
N PRO C 875 -8.43 -9.85 -14.42
CA PRO C 875 -9.67 -10.62 -14.28
C PRO C 875 -10.74 -9.98 -13.37
N GLU C 876 -10.32 -9.38 -12.26
CA GLU C 876 -11.24 -8.71 -11.33
C GLU C 876 -12.00 -7.59 -12.03
N SER C 877 -11.31 -6.88 -12.92
CA SER C 877 -11.91 -5.80 -13.71
C SER C 877 -13.01 -6.30 -14.63
N GLY C 878 -12.77 -7.41 -15.31
CA GLY C 878 -13.75 -8.02 -16.22
C GLY C 878 -14.97 -8.55 -15.49
N GLU C 879 -14.72 -9.22 -14.37
CA GLU C 879 -15.78 -9.71 -13.50
C GLU C 879 -16.76 -8.59 -13.11
N HIS C 880 -16.21 -7.41 -12.80
CA HIS C 880 -17.01 -6.25 -12.40
C HIS C 880 -17.82 -5.66 -13.55
N TYR C 881 -17.18 -5.57 -14.71
CA TYR C 881 -17.85 -5.13 -15.94
C TYR C 881 -19.07 -5.98 -16.28
N GLU C 882 -18.91 -7.31 -16.20
CA GLU C 882 -20.00 -8.22 -16.49
C GLU C 882 -21.10 -8.15 -15.45
N LEU C 883 -20.71 -8.05 -14.18
CA LEU C 883 -21.67 -7.93 -13.09
C LEU C 883 -22.49 -6.65 -13.23
N HIS C 884 -21.81 -5.53 -13.43
CA HIS C 884 -22.48 -4.23 -13.59
C HIS C 884 -23.35 -4.19 -14.84
N LEU C 885 -22.88 -4.76 -15.95
CA LEU C 885 -23.66 -4.79 -17.19
C LEU C 885 -24.96 -5.56 -17.00
N LEU C 886 -24.88 -6.77 -16.42
CA LEU C 886 -26.08 -7.58 -16.17
C LEU C 886 -27.07 -6.88 -15.24
N HIS C 887 -26.55 -6.27 -14.18
CA HIS C 887 -27.38 -5.59 -13.19
C HIS C 887 -28.00 -4.30 -13.73
N TYR C 888 -27.26 -3.56 -14.55
CA TYR C 888 -27.77 -2.34 -15.19
C TYR C 888 -28.93 -2.67 -16.12
N LEU C 889 -28.72 -3.68 -16.97
CA LEU C 889 -29.75 -4.16 -17.91
C LEU C 889 -30.98 -4.69 -17.19
N GLN C 890 -30.76 -5.39 -16.08
CA GLN C 890 -31.84 -5.85 -15.23
C GLN C 890 -32.66 -4.67 -14.75
N GLU C 891 -32.01 -3.76 -14.03
CA GLU C 891 -32.69 -2.65 -13.36
C GLU C 891 -33.19 -1.53 -14.26
N ASN C 892 -32.77 -1.48 -15.53
CA ASN C 892 -33.18 -0.39 -16.44
C ASN C 892 -33.72 -0.83 -17.81
N LEU C 893 -33.97 -2.13 -18.01
CA LEU C 893 -34.50 -2.62 -19.30
C LEU C 893 -35.38 -3.88 -19.15
N GLY C 894 -34.79 -4.96 -18.62
CA GLY C 894 -35.45 -6.26 -18.54
C GLY C 894 -36.49 -6.42 -17.45
N SER C 895 -36.12 -6.08 -16.21
CA SER C 895 -36.92 -6.42 -15.04
C SER C 895 -38.24 -5.66 -14.96
N ARG C 896 -39.08 -6.11 -14.02
CA ARG C 896 -40.38 -5.50 -13.78
C ARG C 896 -40.21 -4.12 -13.14
N ILE C 897 -39.32 -4.04 -12.15
CA ILE C 897 -39.07 -2.79 -11.42
C ILE C 897 -38.50 -1.73 -12.37
N ALA C 898 -37.77 -2.16 -13.39
CA ALA C 898 -37.32 -1.27 -14.48
C ALA C 898 -38.48 -0.62 -15.22
N ALA C 899 -39.55 -1.38 -15.45
CA ALA C 899 -40.76 -0.86 -16.12
C ALA C 899 -41.45 0.18 -15.24
N LEU C 900 -41.66 -0.17 -13.96
CA LEU C 900 -42.29 0.75 -13.00
C LEU C 900 -41.46 2.03 -12.81
N LYS C 901 -40.15 1.93 -13.01
CA LYS C 901 -39.22 3.07 -12.94
C LYS C 901 -39.59 4.25 -13.88
N VAL C 902 -40.30 3.97 -14.98
CA VAL C 902 -40.96 5.03 -15.75
C VAL C 902 -42.44 5.06 -15.35
CAA TMO D . -5.84 13.64 -18.25
NAC TMO D . -4.36 13.54 -18.23
CAD TMO D . -3.84 14.22 -17.05
CAB TMO D . -3.99 12.12 -18.23
OAE TMO D . -3.87 14.11 -19.22
C1 9XH E . -11.11 16.96 2.21
C2 9XH E . -11.08 15.76 2.94
C3 9XH E . -10.32 15.64 4.12
C4 9XH E . -9.57 16.73 4.62
C5 9XH E . -9.59 17.91 3.91
C6 9XH E . -10.37 18.04 2.68
C7 9XH E . -10.21 19.43 2.14
C12 9XH E . -7.84 21.97 3.82
N13 9XH E . -6.59 22.26 3.12
C15 9XH E . -9.58 23.08 5.29
C18 9XH E . -11.66 23.98 6.24
C19 9XH E . -12.66 24.18 5.12
C21 9XH E . -11.23 25.86 4.18
C23 9XH E . -13.66 25.98 3.74
C24 9XH E . -13.70 27.46 3.52
C27 9XH E . -13.79 30.22 3.07
C30 9XH E . -13.48 28.37 4.57
C31 9XH E . -15.01 25.48 4.14
C32 9XH E . -15.58 24.42 3.41
C33 9XH E . -16.84 23.91 3.73
C34 9XH E . -17.55 24.45 4.82
C36 9XH E . -17.00 25.51 5.56
C37 9XH E . -15.74 26.01 5.23
N8 9XH E . -9.26 20.07 3.07
C9 9XH E . -8.88 19.20 4.20
C10 9XH E . -8.79 21.31 2.85
O11 9XH E . -9.10 21.93 1.86
C14 9XH E . -8.42 23.29 4.33
O16 9XH E . -9.77 21.99 5.80
N17 9XH E . -10.38 24.14 5.56
N20 9XH E . -12.59 25.61 4.72
C22 9XH E . -10.15 25.54 5.22
C25 9XH E . -13.96 27.96 2.23
C26 9XH E . -14.01 29.34 2.01
F28 9XH E . -13.83 31.55 2.87
C29 9XH E . -13.53 29.74 4.35
F35 9XH E . -18.76 23.95 5.11
NA NA F . -6.20 28.68 2.33
P PO4 G . -11.85 42.86 15.11
O1 PO4 G . -11.54 43.84 14.00
O2 PO4 G . -13.34 42.74 15.24
O3 PO4 G . -11.26 41.49 14.81
O4 PO4 G . -11.23 43.34 16.41
CAA TMO H . 30.98 -18.92 10.23
NAC TMO H . 32.20 -18.95 9.42
CAD TMO H . 33.40 -19.09 10.24
CAB TMO H . 32.14 -20.10 8.50
OAE TMO H . 32.26 -17.86 8.80
C1 9XH I . 23.79 -31.28 25.43
C2 9XH I . 24.66 -32.21 26.00
C3 9XH I . 24.94 -32.21 27.38
C4 9XH I . 24.34 -31.29 28.24
C5 9XH I . 23.47 -30.36 27.69
C6 9XH I . 23.19 -30.35 26.27
C7 9XH I . 22.20 -29.26 25.96
C12 9XH I . 20.62 -27.14 28.78
N13 9XH I . 20.97 -25.71 28.71
C15 9XH I . 18.72 -28.69 29.49
C18 9XH I . 16.96 -30.37 29.34
C19 9XH I . 16.51 -30.54 27.89
C21 9XH I . 15.83 -28.24 27.87
C23 9XH I . 14.64 -29.82 26.39
C24 9XH I . 14.54 -31.26 25.98
C27 9XH I . 14.43 -33.96 25.17
C30 9XH I . 15.33 -31.73 24.91
C31 9XH I . 13.30 -29.14 26.41
C32 9XH I . 12.75 -28.69 25.21
C33 9XH I . 11.51 -28.03 25.19
C34 9XH I . 10.82 -27.80 26.37
C36 9XH I . 11.37 -28.22 27.59
C37 9XH I . 12.59 -28.89 27.61
N8 9XH I . 21.86 -28.71 27.29
C9 9XH I . 22.68 -29.28 28.37
C10 9XH I . 20.90 -27.78 27.43
O11 9XH I . 20.26 -27.40 26.47
C14 9XH I . 19.14 -27.27 29.14
O16 9XH I . 19.56 -29.51 29.85
N17 9XH I . 17.42 -28.99 29.39
N20 9XH I . 15.35 -29.63 27.68
C22 9XH I . 16.31 -28.05 29.30
C25 9XH I . 13.70 -32.16 26.66
C26 9XH I . 13.64 -33.51 26.25
F28 9XH I . 14.36 -35.26 24.78
C29 9XH I . 15.27 -33.07 24.51
F35 9XH I . 9.63 -27.17 26.37
NA NA J . 15.52 -22.29 28.54
P PO4 K . -0.77 -25.78 39.79
O1 PO4 K . -1.32 -24.97 38.63
O2 PO4 K . -1.54 -27.07 39.90
O3 PO4 K . 0.68 -26.11 39.58
O4 PO4 K . -0.91 -24.96 41.05
CAA TMO L . -1.73 11.93 -13.24
NAC TMO L . -3.10 12.26 -13.63
CAD TMO L . -3.27 13.72 -13.68
CAB TMO L . -3.38 11.64 -14.92
OAE TMO L . -3.92 11.79 -12.81
C1 9XH M . -12.85 3.10 -30.88
C2 9XH M . -13.84 3.92 -31.43
C3 9XH M . -13.82 4.29 -32.79
C4 9XH M . -12.80 3.84 -33.63
C5 9XH M . -11.83 3.02 -33.10
C6 9XH M . -11.84 2.64 -31.70
C7 9XH M . -10.67 1.75 -31.41
C12 9XH M . -8.04 1.00 -34.13
N13 9XH M . -6.75 1.69 -33.89
C15 9XH M . -9.02 -1.05 -35.26
C18 9XH M . -8.06 -3.36 -35.12
C19 9XH M . -8.31 -4.05 -33.78
C21 9XH M . -10.66 -3.65 -33.95
C23 9XH M . -9.86 -5.49 -32.52
C24 9XH M . -11.28 -5.91 -32.28
C27 9XH M . -13.96 -6.61 -31.77
C30 9XH M . -12.03 -5.21 -31.31
C31 9XH M . -9.01 -6.72 -32.45
C32 9XH M . -8.46 -7.35 -33.58
C33 9XH M . -7.67 -8.50 -33.45
C34 9XH M . -7.42 -9.03 -32.17
C36 9XH M . -7.96 -8.41 -31.04
C37 9XH M . -8.75 -7.27 -31.17
N8 9XH M . -9.98 1.66 -32.71
C9 9XH M . -10.64 2.41 -33.78
C10 9XH M . -8.84 0.97 -32.85
O11 9XH M . -8.38 0.33 -31.92
C14 9XH M . -7.78 -0.42 -34.65
O16 9XH M . -9.88 -0.35 -35.76
N17 9XH M . -9.13 -2.38 -35.23
N20 9XH M . -9.64 -4.71 -33.76
C22 9XH M . -10.44 -3.03 -35.31
C25 9XH M . -11.89 -6.95 -33.00
C26 9XH M . -13.22 -7.30 -32.74
F28 9XH M . -15.24 -6.94 -31.51
C29 9XH M . -13.35 -5.56 -31.05
F35 9XH M . -6.65 -10.14 -32.03
NA NA N . -2.72 -3.17 -33.96
P PO4 O . -2.41 -19.17 -46.36
O1 PO4 O . -3.18 -20.07 -47.30
O2 PO4 O . -3.26 -17.96 -46.01
O3 PO4 O . -1.15 -18.72 -47.07
O4 PO4 O . -2.08 -19.94 -45.11
#